data_6MID
#
_entry.id   6MID
#
_cell.length_a   1
_cell.length_b   1
_cell.length_c   1
_cell.angle_alpha   90.00
_cell.angle_beta   90.00
_cell.angle_gamma   90.00
#
_symmetry.space_group_name_H-M   'P 1'
#
loop_
_entity.id
_entity.type
_entity.pdbx_description
1 polymer 'E protein'
2 polymer 'M protein'
3 polymer 'monoclonal antibody ZIKV-195 heavy chain'
4 polymer 'monoclonal antibody ZIKV-195 light chain'
5 branched 2-acetamido-2-deoxy-beta-D-glucopyranose-(1-4)-2-acetamido-2-deoxy-beta-D-glucopyranose
#
loop_
_entity_poly.entity_id
_entity_poly.type
_entity_poly.pdbx_seq_one_letter_code
_entity_poly.pdbx_strand_id
1 'polypeptide(L)'
;IRCIGVSNRDFVEGMSGGTWVDVVLEHGGCVTVMAQDKPTVDIELVTTTVSNMAEVRSYCYEASISDMASDSRCPTQGEA
YLDKQSDTQYVCKRTLVDRGWGNGCGLFGKGSLVTCAKFACSKKMTGKSIQPENLEYRIMLSVHGSQHSGMIVNDTGHET
DENRAKVEITPNSPRAEATLGGFGSLGLDCEPRTGLDFSDLYYLTMNNKHWLVHKEWFHDIPLPWHAGADTGTPHWNNKE
ALVEFKDAHAKRQTVVVLGSQEGAVHTALAGALEAEMDGAKGRLSSGHLKCRLKMDKLRLKGVSYSLCTAAFTFTKIPAE
TLHGTVTVEVQYAGTDGPCKVPAQMAVDMQTLTPVGRLITANPVITESTENSKMMLELDPPFGDSYIVIGVGEKKITHHW
HRSGSTIGKAFEATVRGAKRMAVLGDTAWDFGSVGGALNSLGKGIHQIFGAAFKSLFGGMSWFSQILIGTLLMWLGLNTK
NGSISLMCLALGGVLIFLSTAVSA
;
A,C,E
2 'polypeptide(L)' AVTLPSHSTRKLQTRSQTWLESREYTKHLIRVENWIFRNPGFALAAAAIAWLLGSSTSQKVIYLVMILLIAPAYS B,D,F
3 'polypeptide(L)'
;QVQLVESGGGVVHPGRSLRLSCAASGFTFSSSAMHWVRQAPGKGLEWVAVISYDGSNKYYGDSVKGRFTISRDNSKNTLY
LQMHSLRAEDTAVYYCAKDRDAYNTVGYFAYYYGMDVWGQGTLVTVSS
;
H
4 'polypeptide(L)'
;QSVLTQPPSVSEAPRQRVTISCSGSSSNIGNNAVNWYQQLPGKAPKLLIYYDDLLPSGVSDRFSGSKSGTSASLAISGLQ
SEDEADYYCAAWDDSLTRYVFGTGTKVTVL
;
L
#
# COMPACT_ATOMS: atom_id res chain seq x y z
N ILE A 1 -17.54 62.94 26.81
CA ILE A 1 -16.43 63.36 25.99
C ILE A 1 -16.30 62.49 24.73
N ARG A 2 -15.52 61.42 24.78
CA ARG A 2 -15.19 60.72 23.55
C ARG A 2 -16.39 59.92 23.04
N CYS A 3 -16.15 59.22 21.93
CA CYS A 3 -17.18 58.43 21.25
C CYS A 3 -18.47 59.22 21.13
N ILE A 4 -18.36 60.54 21.04
CA ILE A 4 -19.55 61.38 21.10
C ILE A 4 -20.26 61.42 19.77
N GLY A 5 -19.59 61.10 18.67
CA GLY A 5 -20.21 61.15 17.37
C GLY A 5 -20.42 59.79 16.74
N VAL A 6 -20.33 58.73 17.54
CA VAL A 6 -20.42 57.38 17.03
C VAL A 6 -21.89 57.03 16.84
N SER A 7 -22.21 56.41 15.71
CA SER A 7 -23.60 56.14 15.35
C SER A 7 -24.22 54.99 16.12
N ASN A 8 -23.43 54.05 16.62
CA ASN A 8 -23.95 52.87 17.30
C ASN A 8 -23.46 52.82 18.74
N ARG A 9 -23.43 53.99 19.38
CA ARG A 9 -23.02 54.10 20.77
C ARG A 9 -24.15 53.62 21.66
N ASP A 10 -23.80 52.87 22.71
CA ASP A 10 -24.79 52.35 23.65
C ASP A 10 -24.70 52.97 25.03
N PHE A 11 -25.86 53.03 25.68
CA PHE A 11 -26.05 53.64 26.99
C PHE A 11 -26.43 52.57 28.01
N VAL A 12 -25.57 52.31 28.97
CA VAL A 12 -25.82 51.27 29.97
C VAL A 12 -26.08 51.93 31.32
N GLU A 13 -27.10 51.45 32.02
CA GLU A 13 -27.60 52.02 33.26
C GLU A 13 -28.17 50.92 34.13
N GLY A 14 -28.02 51.07 35.44
CA GLY A 14 -28.61 50.11 36.35
C GLY A 14 -27.70 48.96 36.70
N MET A 15 -27.29 48.86 37.96
CA MET A 15 -26.31 47.87 38.39
C MET A 15 -26.84 47.11 39.59
N SER A 16 -26.07 46.10 40.02
CA SER A 16 -26.39 45.30 41.21
C SER A 16 -26.00 46.10 42.46
N GLY A 17 -26.80 47.11 42.74
CA GLY A 17 -26.45 48.05 43.79
C GLY A 17 -25.30 48.97 43.47
N GLY A 18 -24.95 49.11 42.20
CA GLY A 18 -23.90 50.01 41.78
C GLY A 18 -22.48 49.50 41.87
N THR A 19 -22.27 48.18 41.86
CA THR A 19 -20.93 47.62 42.03
C THR A 19 -20.27 47.25 40.71
N TRP A 20 -20.93 46.44 39.88
CA TRP A 20 -20.35 46.06 38.60
C TRP A 20 -21.42 45.92 37.53
N VAL A 21 -20.99 46.02 36.27
CA VAL A 21 -21.85 45.73 35.12
C VAL A 21 -21.09 45.01 34.01
N ASP A 22 -21.78 44.12 33.30
CA ASP A 22 -21.15 43.24 32.34
C ASP A 22 -21.45 43.73 30.93
N VAL A 23 -20.42 44.14 30.20
CA VAL A 23 -20.62 44.80 28.92
C VAL A 23 -19.89 44.01 27.85
N VAL A 24 -20.40 44.10 26.63
CA VAL A 24 -19.75 43.49 25.48
C VAL A 24 -19.29 44.63 24.57
N LEU A 25 -18.07 45.09 24.77
CA LEU A 25 -17.59 46.25 24.04
C LEU A 25 -16.98 45.76 22.73
N GLU A 26 -17.80 45.70 21.69
CA GLU A 26 -17.30 45.38 20.37
C GLU A 26 -16.51 46.55 19.80
N HIS A 27 -16.00 46.37 18.59
CA HIS A 27 -14.97 47.25 18.07
C HIS A 27 -15.52 48.44 17.31
N GLY A 28 -16.66 48.27 16.64
CA GLY A 28 -17.25 49.39 15.93
C GLY A 28 -18.06 50.30 16.81
N GLY A 29 -18.60 49.77 17.90
CA GLY A 29 -19.42 50.55 18.82
C GLY A 29 -18.63 51.11 19.98
N CYS A 30 -19.37 51.65 20.95
CA CYS A 30 -18.82 52.31 22.12
C CYS A 30 -19.87 52.19 23.21
N VAL A 31 -19.43 52.21 24.47
CA VAL A 31 -20.34 52.03 25.59
C VAL A 31 -20.15 53.16 26.58
N THR A 32 -21.22 53.89 26.87
CA THR A 32 -21.27 54.95 27.85
C THR A 32 -22.03 54.42 29.05
N VAL A 33 -21.38 54.44 30.21
CA VAL A 33 -21.84 53.77 31.41
C VAL A 33 -22.18 54.85 32.42
N MET A 34 -23.42 54.81 32.90
CA MET A 34 -23.90 55.79 33.87
C MET A 34 -24.42 55.07 35.11
N ALA A 35 -24.13 55.62 36.27
CA ALA A 35 -24.58 55.07 37.54
C ALA A 35 -25.37 56.13 38.27
N GLN A 36 -25.71 55.85 39.53
CA GLN A 36 -26.56 56.77 40.28
C GLN A 36 -25.77 57.99 40.73
N ASP A 37 -24.68 57.78 41.47
CA ASP A 37 -23.84 58.87 41.92
C ASP A 37 -22.38 58.59 41.60
N LYS A 38 -22.11 58.08 40.40
CA LYS A 38 -20.79 57.77 39.94
C LYS A 38 -20.56 58.39 38.57
N PRO A 39 -19.33 58.74 38.23
CA PRO A 39 -19.10 59.51 37.00
C PRO A 39 -19.36 58.64 35.78
N THR A 40 -19.96 59.26 34.76
CA THR A 40 -20.30 58.57 33.52
C THR A 40 -19.07 58.38 32.66
N VAL A 41 -18.70 57.12 32.39
CA VAL A 41 -17.46 56.82 31.68
C VAL A 41 -17.78 56.22 30.32
N ASP A 42 -16.98 56.58 29.31
CA ASP A 42 -17.18 56.09 27.94
C ASP A 42 -16.02 55.17 27.57
N ILE A 43 -16.35 53.94 27.21
CA ILE A 43 -15.42 52.84 27.07
C ILE A 43 -15.45 52.42 25.61
N GLU A 44 -14.27 52.25 25.01
CA GLU A 44 -14.23 51.94 23.59
C GLU A 44 -13.01 51.10 23.27
N LEU A 45 -13.25 49.90 22.77
CA LEU A 45 -12.18 49.12 22.17
C LEU A 45 -11.76 49.82 20.89
N VAL A 46 -10.46 50.08 20.75
CA VAL A 46 -9.96 50.91 19.68
C VAL A 46 -9.14 50.12 18.67
N THR A 47 -8.31 49.20 19.14
CA THR A 47 -7.53 48.38 18.24
C THR A 47 -7.45 46.97 18.79
N THR A 48 -6.95 46.03 17.99
CA THR A 48 -6.71 44.68 18.51
C THR A 48 -5.49 44.12 17.76
N THR A 49 -4.32 44.28 18.34
CA THR A 49 -3.07 43.89 17.67
C THR A 49 -2.73 42.44 17.99
N VAL A 50 -2.96 41.55 17.04
CA VAL A 50 -2.57 40.14 17.22
C VAL A 50 -1.07 40.00 16.99
N SER A 51 -0.34 39.66 18.05
CA SER A 51 1.11 39.72 18.08
C SER A 51 1.64 38.31 17.91
N ASN A 52 2.92 38.19 17.56
CA ASN A 52 3.63 36.92 17.65
C ASN A 52 2.89 35.82 16.89
N MET A 53 2.77 36.00 15.58
CA MET A 53 2.08 35.03 14.73
C MET A 53 3.09 34.32 13.84
N ALA A 54 2.92 33.01 13.71
CA ALA A 54 3.89 32.18 13.02
C ALA A 54 3.45 31.84 11.61
N GLU A 55 4.41 31.37 10.82
CA GLU A 55 4.18 31.05 9.42
C GLU A 55 3.41 29.74 9.27
N VAL A 56 2.64 29.66 8.20
CA VAL A 56 1.95 28.44 7.80
C VAL A 56 2.16 28.34 6.29
N ARG A 57 1.49 27.38 5.66
CA ARG A 57 1.46 27.18 4.21
C ARG A 57 1.38 28.49 3.45
N SER A 58 2.22 28.62 2.42
CA SER A 58 2.34 29.85 1.64
C SER A 58 2.06 29.56 0.18
N TYR A 59 0.90 29.98 -0.30
CA TYR A 59 0.46 29.72 -1.67
C TYR A 59 1.12 30.63 -2.69
N CYS A 60 1.32 30.09 -3.90
CA CYS A 60 1.70 30.86 -5.07
C CYS A 60 0.46 31.21 -5.87
N TYR A 61 0.44 32.41 -6.44
CA TYR A 61 -0.67 32.81 -7.32
C TYR A 61 -0.21 33.37 -8.66
N GLU A 62 1.09 33.36 -8.95
CA GLU A 62 1.60 33.85 -10.22
C GLU A 62 2.89 33.10 -10.51
N ALA A 63 2.83 32.17 -11.46
CA ALA A 63 3.94 31.26 -11.73
C ALA A 63 4.66 31.66 -13.02
N SER A 64 5.72 30.92 -13.32
CA SER A 64 6.52 31.14 -14.52
C SER A 64 7.14 29.82 -14.93
N ILE A 65 7.14 29.55 -16.23
CA ILE A 65 7.68 28.32 -16.78
C ILE A 65 8.86 28.68 -17.67
N SER A 66 10.05 28.28 -17.26
CA SER A 66 11.26 28.45 -18.03
C SER A 66 11.48 27.21 -18.90
N ASP A 67 12.70 27.02 -19.39
CA ASP A 67 13.04 26.04 -20.41
C ASP A 67 12.36 24.69 -20.21
N MET A 68 11.57 24.31 -21.21
CA MET A 68 10.83 23.06 -21.23
C MET A 68 11.54 22.06 -22.14
N ALA A 69 11.13 20.80 -22.05
CA ALA A 69 11.72 19.76 -22.87
C ALA A 69 10.70 18.64 -23.06
N SER A 70 11.01 17.71 -23.96
CA SER A 70 10.05 16.65 -24.26
C SER A 70 10.74 15.40 -24.77
N ASP A 71 10.07 14.27 -24.61
CA ASP A 71 10.54 12.97 -25.03
C ASP A 71 9.35 12.16 -25.53
N SER A 72 9.60 11.31 -26.52
CA SER A 72 8.52 10.53 -27.11
C SER A 72 8.99 9.11 -27.37
N ARG A 73 8.09 8.14 -27.20
CA ARG A 73 8.40 6.75 -27.49
C ARG A 73 7.33 6.14 -28.38
N CYS A 74 7.77 5.34 -29.35
CA CYS A 74 6.88 4.69 -30.28
C CYS A 74 6.03 3.65 -29.56
N PRO A 75 4.94 3.21 -30.16
CA PRO A 75 4.13 2.17 -29.53
C PRO A 75 4.92 0.87 -29.40
N THR A 76 4.67 0.16 -28.30
CA THR A 76 5.33 -1.11 -28.01
C THR A 76 6.85 -0.97 -28.10
N GLN A 77 7.35 0.20 -27.75
CA GLN A 77 8.77 0.51 -27.78
C GLN A 77 9.30 0.84 -26.41
N GLY A 78 8.44 1.01 -25.43
CA GLY A 78 8.83 1.31 -24.07
C GLY A 78 7.79 2.22 -23.45
N GLU A 79 8.28 3.09 -22.57
CA GLU A 79 7.49 4.19 -22.07
C GLU A 79 8.42 5.37 -21.91
N ALA A 80 7.89 6.57 -22.10
CA ALA A 80 8.78 7.72 -22.21
C ALA A 80 9.35 8.11 -20.85
N TYR A 81 10.52 8.74 -20.90
CA TYR A 81 11.20 9.18 -19.69
C TYR A 81 12.16 10.30 -20.08
N LEU A 82 11.98 11.46 -19.48
CA LEU A 82 12.98 12.52 -19.54
C LEU A 82 13.84 12.47 -18.29
N ASP A 83 15.14 12.64 -18.45
CA ASP A 83 16.06 12.46 -17.32
C ASP A 83 15.96 13.58 -16.30
N LYS A 84 15.41 14.72 -16.68
CA LYS A 84 15.18 15.85 -15.81
C LYS A 84 13.79 15.83 -15.20
N GLN A 85 13.12 14.68 -15.28
CA GLN A 85 11.95 14.39 -14.47
C GLN A 85 12.30 13.92 -13.08
N SER A 86 13.56 13.59 -12.81
CA SER A 86 14.01 13.27 -11.46
C SER A 86 14.40 14.51 -10.65
N ASP A 87 13.93 15.68 -11.04
CA ASP A 87 14.11 16.91 -10.27
C ASP A 87 12.74 17.43 -9.90
N THR A 88 12.55 17.77 -8.62
CA THR A 88 11.23 18.12 -8.13
C THR A 88 10.76 19.52 -8.52
N GLN A 89 11.63 20.34 -9.11
CA GLN A 89 11.19 21.65 -9.53
C GLN A 89 10.47 21.64 -10.87
N TYR A 90 10.35 20.49 -11.51
CA TYR A 90 9.88 20.40 -12.88
C TYR A 90 8.54 19.67 -12.93
N VAL A 91 7.52 20.31 -13.48
CA VAL A 91 6.26 19.64 -13.70
C VAL A 91 6.36 18.73 -14.91
N CYS A 92 5.52 17.70 -14.94
CA CYS A 92 5.73 16.54 -15.78
C CYS A 92 4.39 15.83 -15.94
N LYS A 93 4.15 15.28 -17.13
CA LYS A 93 2.92 14.54 -17.37
C LYS A 93 3.15 13.54 -18.48
N ARG A 94 2.78 12.29 -18.25
CA ARG A 94 2.83 11.31 -19.31
C ARG A 94 1.53 11.36 -20.10
N THR A 95 1.60 10.96 -21.36
CA THR A 95 0.41 10.89 -22.21
C THR A 95 0.65 9.88 -23.32
N LEU A 96 -0.42 9.63 -24.08
CA LEU A 96 -0.41 8.77 -25.25
C LEU A 96 -0.89 9.56 -26.46
N VAL A 97 -0.05 9.69 -27.49
CA VAL A 97 -0.39 10.48 -28.65
C VAL A 97 -0.31 9.59 -29.88
N ASP A 98 -0.88 10.06 -30.98
CA ASP A 98 -0.88 9.26 -32.20
C ASP A 98 0.53 9.23 -32.77
N ARG A 99 1.05 8.03 -33.02
CA ARG A 99 2.44 7.89 -33.44
C ARG A 99 2.48 6.86 -34.55
N GLY A 100 2.95 7.26 -35.72
CA GLY A 100 2.93 6.37 -36.85
C GLY A 100 4.14 6.45 -37.75
N TRP A 101 4.09 5.75 -38.89
CA TRP A 101 5.29 5.60 -39.72
C TRP A 101 5.75 6.93 -40.28
N GLY A 102 4.82 7.87 -40.47
CA GLY A 102 5.19 9.20 -40.95
C GLY A 102 5.87 10.06 -39.91
N ASN A 103 5.69 9.74 -38.63
CA ASN A 103 6.27 10.53 -37.55
C ASN A 103 7.63 9.99 -37.11
N GLY A 104 8.31 9.23 -37.97
CA GLY A 104 9.55 8.60 -37.58
C GLY A 104 9.38 7.32 -36.79
N CYS A 105 8.15 6.87 -36.56
CA CYS A 105 7.89 5.66 -35.81
C CYS A 105 8.10 4.44 -36.70
N GLY A 106 7.65 3.28 -36.23
CA GLY A 106 7.76 2.07 -37.02
C GLY A 106 6.50 1.23 -36.99
N LEU A 107 5.51 1.65 -36.22
CA LEU A 107 4.25 0.92 -36.13
C LEU A 107 3.19 1.85 -35.54
N PHE A 108 2.04 1.90 -36.21
CA PHE A 108 1.01 2.87 -35.88
C PHE A 108 0.33 2.54 -34.56
N GLY A 109 0.21 3.53 -33.69
CA GLY A 109 -0.45 3.32 -32.41
C GLY A 109 -0.40 4.55 -31.55
N LYS A 110 -0.57 4.35 -30.24
CA LYS A 110 -0.58 5.45 -29.27
C LYS A 110 0.79 5.46 -28.58
N GLY A 111 1.74 6.13 -29.20
CA GLY A 111 3.06 6.26 -28.62
C GLY A 111 3.06 7.18 -27.41
N SER A 112 3.88 6.84 -26.42
CA SER A 112 3.92 7.63 -25.20
C SER A 112 4.67 8.93 -25.44
N LEU A 113 4.38 9.91 -24.57
CA LEU A 113 5.07 11.23 -24.64
C LEU A 113 5.09 11.87 -23.25
N VAL A 114 6.21 12.52 -22.91
CA VAL A 114 6.35 13.26 -21.67
C VAL A 114 6.97 14.62 -21.94
N THR A 115 6.50 15.63 -21.21
CA THR A 115 6.89 17.02 -21.41
C THR A 115 7.22 17.63 -20.05
N CYS A 116 8.45 18.07 -19.88
CA CYS A 116 8.89 18.70 -18.64
C CYS A 116 8.93 20.21 -18.80
N ALA A 117 8.77 20.92 -17.69
CA ALA A 117 8.68 22.37 -17.72
C ALA A 117 9.02 22.94 -16.35
N LYS A 118 10.05 23.78 -16.28
CA LYS A 118 10.57 24.25 -14.99
C LYS A 118 9.59 25.23 -14.36
N PHE A 119 8.99 24.84 -13.24
CA PHE A 119 8.08 25.70 -12.50
C PHE A 119 8.85 26.67 -11.63
N ALA A 120 8.50 27.95 -11.69
CA ALA A 120 9.19 28.95 -10.90
C ALA A 120 8.21 30.05 -10.52
N CYS A 121 7.78 30.07 -9.26
CA CYS A 121 6.79 31.03 -8.80
C CYS A 121 7.41 32.42 -8.63
N SER A 122 6.61 33.44 -8.91
CA SER A 122 7.07 34.83 -8.85
C SER A 122 6.73 35.47 -7.51
N LYS A 123 5.46 35.53 -7.17
CA LYS A 123 5.02 36.14 -5.92
C LYS A 123 3.95 35.26 -5.27
N LYS A 124 4.01 35.17 -3.95
CA LYS A 124 3.29 34.16 -3.20
C LYS A 124 2.44 34.77 -2.10
N MET A 125 1.39 34.06 -1.71
CA MET A 125 0.57 34.37 -0.54
C MET A 125 1.15 33.69 0.69
N THR A 126 0.73 34.16 1.85
CA THR A 126 1.23 33.61 3.10
C THR A 126 0.12 33.59 4.14
N GLY A 127 -0.13 32.42 4.73
CA GLY A 127 -1.09 32.29 5.80
C GLY A 127 -0.31 32.18 7.10
N LYS A 128 -0.64 33.03 8.06
CA LYS A 128 0.05 32.98 9.33
C LYS A 128 -0.86 32.47 10.43
N SER A 129 -0.25 31.84 11.43
CA SER A 129 -0.98 31.21 12.52
C SER A 129 -1.09 32.22 13.63
N ILE A 130 -2.31 32.53 14.05
CA ILE A 130 -2.52 33.45 15.15
C ILE A 130 -3.10 32.66 16.31
N GLN A 131 -2.41 32.68 17.44
CA GLN A 131 -2.99 31.95 18.53
C GLN A 131 -3.75 32.87 19.47
N PRO A 132 -4.84 32.37 20.03
CA PRO A 132 -5.60 33.13 21.03
C PRO A 132 -4.76 33.60 22.19
N GLU A 133 -3.58 33.04 22.39
CA GLU A 133 -2.68 33.42 23.47
C GLU A 133 -1.90 34.68 23.18
N ASN A 134 -2.20 35.37 22.09
CA ASN A 134 -1.47 36.58 21.75
C ASN A 134 -2.35 37.80 21.49
N LEU A 135 -3.66 37.73 21.74
CA LEU A 135 -4.53 38.87 21.54
C LEU A 135 -4.18 39.99 22.50
N GLU A 136 -4.20 41.23 22.01
CA GLU A 136 -3.83 42.38 22.83
C GLU A 136 -4.84 43.50 22.54
N TYR A 137 -5.95 43.49 23.26
CA TYR A 137 -7.02 44.46 23.05
C TYR A 137 -6.72 45.78 23.75
N ARG A 138 -6.63 46.89 23.01
CA ARG A 138 -6.55 48.18 23.69
C ARG A 138 -7.93 48.79 23.88
N ILE A 139 -8.25 49.14 25.12
CA ILE A 139 -9.52 49.77 25.49
C ILE A 139 -9.22 51.19 25.96
N MET A 140 -9.67 52.18 25.21
CA MET A 140 -9.54 53.57 25.62
C MET A 140 -10.74 53.94 26.48
N LEU A 141 -10.49 54.66 27.58
CA LEU A 141 -11.51 55.08 28.51
C LEU A 141 -11.48 56.59 28.65
N SER A 142 -12.65 57.19 28.88
CA SER A 142 -12.69 58.65 29.06
C SER A 142 -13.94 59.06 29.84
N VAL A 143 -13.74 59.56 31.05
CA VAL A 143 -14.89 59.95 31.86
C VAL A 143 -15.32 61.36 31.46
N HIS A 144 -16.59 61.68 31.71
CA HIS A 144 -17.13 63.00 31.40
C HIS A 144 -16.80 64.00 32.49
N GLY A 145 -16.43 65.21 32.08
CA GLY A 145 -16.06 66.25 33.02
C GLY A 145 -15.60 67.51 32.32
N SER A 146 -14.49 68.09 32.76
CA SER A 146 -14.01 69.30 32.11
C SER A 146 -13.41 68.95 30.76
N GLN A 147 -14.20 69.08 29.70
CA GLN A 147 -13.76 68.69 28.37
C GLN A 147 -14.33 69.66 27.34
N HIS A 148 -13.59 69.86 26.25
CA HIS A 148 -14.05 70.72 25.18
C HIS A 148 -14.10 69.94 23.87
N SER A 149 -14.46 70.64 22.79
CA SER A 149 -14.70 69.95 21.52
C SER A 149 -13.42 69.38 20.92
N GLY A 150 -12.26 69.92 21.28
CA GLY A 150 -11.01 69.43 20.75
C GLY A 150 -10.40 68.35 21.60
N MET A 151 -11.22 67.56 22.30
CA MET A 151 -10.69 66.45 23.08
C MET A 151 -11.45 65.14 22.89
N ILE A 152 -12.21 64.99 21.81
CA ILE A 152 -12.89 63.73 21.58
C ILE A 152 -11.99 62.75 20.85
N VAL A 153 -11.57 63.10 19.64
CA VAL A 153 -10.66 62.24 18.88
C VAL A 153 -9.22 62.57 19.25
N ASN A 154 -9.05 63.41 20.27
CA ASN A 154 -7.72 63.83 20.67
C ASN A 154 -6.98 62.70 21.38
N ASP A 155 -5.72 62.48 21.01
CA ASP A 155 -4.93 61.41 21.62
C ASP A 155 -3.51 61.84 21.96
N THR A 156 -3.19 63.13 21.86
CA THR A 156 -1.84 63.61 22.17
C THR A 156 -1.70 63.68 23.69
N GLY A 157 -1.37 62.54 24.29
CA GLY A 157 -1.08 62.54 25.71
C GLY A 157 -2.27 62.18 26.57
N HIS A 158 -2.28 60.96 27.11
CA HIS A 158 -3.37 60.53 27.97
C HIS A 158 -2.90 59.90 29.27
N GLU A 159 -1.60 59.88 29.55
CA GLU A 159 -1.11 59.48 30.86
C GLU A 159 -1.11 60.62 31.86
N THR A 160 -1.23 61.87 31.40
CA THR A 160 -1.24 63.03 32.29
C THR A 160 -2.52 63.86 32.13
N ASP A 161 -3.59 63.25 31.65
CA ASP A 161 -4.86 63.94 31.46
C ASP A 161 -5.84 63.73 32.60
N GLU A 162 -5.83 62.55 33.23
CA GLU A 162 -6.63 62.24 34.41
C GLU A 162 -8.11 62.11 34.05
N ASN A 163 -8.45 62.43 32.80
CA ASN A 163 -9.79 62.25 32.28
C ASN A 163 -9.90 61.10 31.30
N ARG A 164 -8.78 60.68 30.71
CA ARG A 164 -8.73 59.63 29.71
C ARG A 164 -7.54 58.73 30.03
N ALA A 165 -7.69 57.44 29.73
CA ALA A 165 -6.61 56.50 29.98
C ALA A 165 -6.83 55.27 29.11
N LYS A 166 -5.73 54.72 28.63
CA LYS A 166 -5.78 53.45 27.91
C LYS A 166 -5.40 52.29 28.80
N VAL A 167 -5.93 51.11 28.45
CA VAL A 167 -5.48 49.87 29.06
C VAL A 167 -5.30 48.81 27.99
N GLU A 168 -4.19 48.08 28.07
CA GLU A 168 -3.99 46.92 27.21
C GLU A 168 -4.44 45.66 27.93
N ILE A 169 -5.10 44.79 27.21
CA ILE A 169 -5.61 43.52 27.73
C ILE A 169 -4.95 42.40 26.94
N THR A 170 -3.82 41.91 27.44
CA THR A 170 -3.30 40.64 26.99
C THR A 170 -4.07 39.53 27.71
N PRO A 171 -4.14 38.32 27.13
CA PRO A 171 -4.94 37.27 27.80
C PRO A 171 -4.35 36.83 29.12
N ASN A 172 -3.03 36.78 29.23
CA ASN A 172 -2.41 36.44 30.51
C ASN A 172 -2.66 37.47 31.59
N SER A 173 -3.11 38.67 31.24
CA SER A 173 -3.47 39.70 32.21
C SER A 173 -4.83 40.28 31.85
N PRO A 174 -5.89 39.49 32.00
CA PRO A 174 -7.23 39.96 31.60
C PRO A 174 -7.80 41.09 32.43
N ARG A 175 -7.18 41.45 33.56
CA ARG A 175 -7.74 42.46 34.45
C ARG A 175 -6.91 43.73 34.43
N ALA A 176 -7.57 44.86 34.27
CA ALA A 176 -6.92 46.15 34.36
C ALA A 176 -7.59 47.01 35.42
N GLU A 177 -6.83 47.95 35.97
CA GLU A 177 -7.32 48.92 36.94
C GLU A 177 -6.90 50.29 36.44
N ALA A 178 -7.84 51.03 35.84
CA ALA A 178 -7.46 52.25 35.16
C ALA A 178 -7.26 53.39 36.13
N THR A 179 -6.19 54.16 35.93
CA THR A 179 -5.87 55.26 36.84
C THR A 179 -6.66 56.46 36.37
N LEU A 180 -7.72 56.80 37.08
CA LEU A 180 -8.47 58.02 36.81
C LEU A 180 -8.22 58.95 37.98
N GLY A 181 -7.19 59.78 37.86
CA GLY A 181 -6.82 60.65 38.95
C GLY A 181 -7.96 61.55 39.37
N GLY A 182 -8.42 61.38 40.60
CA GLY A 182 -9.58 62.09 41.10
C GLY A 182 -10.88 61.37 40.88
N PHE A 183 -11.04 60.72 39.74
CA PHE A 183 -12.26 59.99 39.44
C PHE A 183 -12.27 58.57 40.02
N GLY A 184 -11.25 58.20 40.77
CA GLY A 184 -11.19 56.87 41.36
C GLY A 184 -10.43 55.93 40.46
N SER A 185 -11.01 54.76 40.21
CA SER A 185 -10.37 53.77 39.35
C SER A 185 -11.40 52.80 38.80
N LEU A 186 -11.67 52.86 37.50
CA LEU A 186 -12.61 51.94 36.86
C LEU A 186 -11.92 50.59 36.71
N GLY A 187 -12.47 49.57 37.35
CA GLY A 187 -11.85 48.26 37.25
C GLY A 187 -12.37 47.37 36.13
N LEU A 188 -11.54 47.13 35.11
CA LEU A 188 -11.91 46.23 34.03
C LEU A 188 -11.51 44.80 34.37
N ASP A 189 -12.40 43.87 34.09
CA ASP A 189 -12.16 42.44 34.26
C ASP A 189 -12.66 41.77 32.98
N CYS A 190 -11.82 41.76 31.96
CA CYS A 190 -12.32 41.42 30.63
C CYS A 190 -12.00 39.97 30.30
N GLU A 191 -12.61 39.50 29.21
CA GLU A 191 -12.55 38.10 28.80
C GLU A 191 -12.02 38.03 27.37
N PRO A 192 -10.72 37.91 27.19
CA PRO A 192 -10.14 38.09 25.86
C PRO A 192 -10.17 36.84 24.99
N ARG A 193 -10.27 35.66 25.57
CA ARG A 193 -10.25 34.46 24.74
C ARG A 193 -11.55 34.25 23.99
N THR A 194 -12.66 34.74 24.52
CA THR A 194 -13.93 34.65 23.81
C THR A 194 -14.14 35.91 22.97
N GLY A 195 -13.19 36.14 22.08
CA GLY A 195 -13.28 37.26 21.17
C GLY A 195 -13.87 36.85 19.84
N LEU A 196 -13.14 37.06 18.76
CA LEU A 196 -13.61 36.67 17.44
C LEU A 196 -13.00 35.34 17.01
N ASP A 197 -13.33 34.31 17.80
CA ASP A 197 -13.03 32.90 17.49
C ASP A 197 -11.67 32.73 16.82
N PHE A 198 -10.65 33.39 17.38
CA PHE A 198 -9.34 33.42 16.77
C PHE A 198 -8.64 32.07 16.70
N SER A 199 -9.27 31.02 17.21
CA SER A 199 -8.74 29.68 17.00
C SER A 199 -9.18 29.04 15.69
N ASP A 200 -9.95 29.73 14.85
CA ASP A 200 -10.32 29.19 13.55
C ASP A 200 -10.00 30.13 12.40
N LEU A 201 -9.09 31.07 12.61
CA LEU A 201 -8.83 32.10 11.61
C LEU A 201 -7.34 32.22 11.36
N TYR A 202 -7.00 32.56 10.11
CA TYR A 202 -5.63 32.84 9.74
C TYR A 202 -5.49 34.30 9.34
N TYR A 203 -4.31 34.65 8.84
CA TYR A 203 -3.98 36.04 8.55
C TYR A 203 -3.19 36.14 7.25
N LEU A 204 -3.89 36.34 6.14
CA LEU A 204 -3.24 36.36 4.84
C LEU A 204 -2.33 37.56 4.68
N THR A 205 -1.42 37.44 3.71
CA THR A 205 -0.51 38.53 3.36
C THR A 205 -0.26 38.41 1.86
N MET A 206 -0.92 39.28 1.09
CA MET A 206 -0.82 39.32 -0.36
C MET A 206 -0.49 40.71 -0.81
N ASN A 207 0.65 40.86 -1.49
CA ASN A 207 0.97 42.11 -2.18
C ASN A 207 0.89 43.29 -1.23
N ASN A 208 1.33 43.07 0.01
CA ASN A 208 1.21 44.01 1.10
C ASN A 208 -0.25 44.42 1.32
N LYS A 209 -1.14 43.41 1.31
CA LYS A 209 -2.51 43.56 1.79
C LYS A 209 -2.86 42.33 2.61
N HIS A 210 -3.52 42.56 3.74
CA HIS A 210 -3.69 41.53 4.74
C HIS A 210 -5.17 41.32 5.03
N TRP A 211 -5.55 40.08 5.26
CA TRP A 211 -6.94 39.74 5.52
C TRP A 211 -7.02 38.80 6.71
N LEU A 212 -8.17 38.79 7.34
CA LEU A 212 -8.48 37.84 8.40
C LEU A 212 -9.34 36.76 7.77
N VAL A 213 -8.78 35.57 7.55
CA VAL A 213 -9.44 34.54 6.79
C VAL A 213 -9.80 33.37 7.69
N HIS A 214 -10.48 32.39 7.13
CA HIS A 214 -10.89 31.21 7.88
C HIS A 214 -9.94 30.05 7.60
N LYS A 215 -9.93 29.09 8.52
CA LYS A 215 -9.05 27.94 8.35
C LYS A 215 -9.47 27.06 7.19
N GLU A 216 -10.76 26.76 7.08
CA GLU A 216 -11.18 25.83 6.04
C GLU A 216 -11.10 26.49 4.67
N TRP A 217 -11.27 27.81 4.62
CA TRP A 217 -11.13 28.45 3.32
C TRP A 217 -9.68 28.45 2.92
N PHE A 218 -8.79 28.56 3.90
CA PHE A 218 -7.39 28.68 3.52
C PHE A 218 -6.87 27.32 3.13
N HIS A 219 -7.43 26.27 3.72
CA HIS A 219 -7.02 24.91 3.42
C HIS A 219 -7.89 24.29 2.34
N ASP A 220 -8.61 25.10 1.57
CA ASP A 220 -9.36 24.60 0.43
C ASP A 220 -9.00 25.26 -0.89
N ILE A 221 -8.20 26.33 -0.88
CA ILE A 221 -7.92 27.02 -2.13
C ILE A 221 -6.81 26.30 -2.89
N PRO A 222 -7.11 25.80 -4.09
CA PRO A 222 -6.29 24.83 -4.86
C PRO A 222 -5.22 25.37 -5.81
N LEU A 223 -4.07 25.72 -5.28
CA LEU A 223 -2.98 26.22 -6.11
C LEU A 223 -1.67 26.01 -5.37
N PRO A 224 -0.54 26.01 -6.07
CA PRO A 224 0.69 25.41 -5.50
C PRO A 224 1.09 26.06 -4.18
N TRP A 225 1.23 25.23 -3.16
CA TRP A 225 1.58 25.69 -1.82
C TRP A 225 2.76 24.89 -1.31
N HIS A 226 3.68 25.58 -0.63
CA HIS A 226 4.75 24.92 0.11
C HIS A 226 4.66 25.35 1.56
N ALA A 227 5.01 24.44 2.47
CA ALA A 227 4.79 24.72 3.88
C ALA A 227 5.62 25.90 4.35
N GLY A 228 5.19 26.50 5.45
CA GLY A 228 5.85 27.67 5.98
C GLY A 228 7.24 27.44 6.48
N ALA A 229 7.58 26.19 6.80
CA ALA A 229 8.90 25.88 7.32
C ALA A 229 9.89 25.71 6.18
N ASP A 230 10.00 26.73 5.32
CA ASP A 230 10.80 26.61 4.12
C ASP A 230 11.40 27.97 3.79
N THR A 231 12.73 28.07 3.86
CA THR A 231 13.43 29.33 3.65
C THR A 231 14.06 29.42 2.27
N GLY A 232 14.73 28.36 1.82
CA GLY A 232 15.40 28.38 0.55
C GLY A 232 14.46 28.22 -0.62
N THR A 233 14.90 27.50 -1.65
CA THR A 233 14.04 27.27 -2.81
C THR A 233 12.85 26.40 -2.42
N PRO A 234 11.63 26.86 -2.62
CA PRO A 234 10.46 26.10 -2.14
C PRO A 234 10.24 24.84 -2.96
N HIS A 235 9.33 24.01 -2.46
CA HIS A 235 8.98 22.74 -3.10
C HIS A 235 7.73 22.82 -3.96
N TRP A 236 6.73 23.60 -3.55
CA TRP A 236 5.50 23.84 -4.31
C TRP A 236 4.71 22.54 -4.54
N ASN A 237 4.18 22.00 -3.44
CA ASN A 237 3.20 20.93 -3.50
C ASN A 237 2.02 21.33 -4.38
N ASN A 238 1.38 20.32 -4.98
CA ASN A 238 0.25 20.52 -5.88
C ASN A 238 0.61 21.56 -6.94
N LYS A 239 1.72 21.30 -7.62
CA LYS A 239 2.31 22.20 -8.60
C LYS A 239 1.51 22.26 -9.88
N GLU A 240 0.68 21.24 -10.15
CA GLU A 240 -0.08 21.09 -11.38
C GLU A 240 -1.35 21.93 -11.40
N ALA A 241 -1.51 22.87 -10.48
CA ALA A 241 -2.67 23.74 -10.50
C ALA A 241 -2.45 25.04 -11.25
N LEU A 242 -1.24 25.32 -11.73
CA LEU A 242 -1.01 26.51 -12.52
C LEU A 242 -0.35 26.27 -13.88
N VAL A 243 0.03 25.05 -14.20
CA VAL A 243 0.50 24.71 -15.53
C VAL A 243 -0.65 24.04 -16.26
N GLU A 244 -0.69 24.18 -17.58
CA GLU A 244 -1.79 23.61 -18.35
C GLU A 244 -1.19 22.72 -19.43
N PHE A 245 -1.38 21.42 -19.27
CA PHE A 245 -0.97 20.37 -20.20
C PHE A 245 -2.14 20.03 -21.10
N LYS A 246 -2.12 20.55 -22.33
CA LYS A 246 -3.10 20.14 -23.31
C LYS A 246 -2.48 19.17 -24.29
N ASP A 247 -3.33 18.52 -25.06
CA ASP A 247 -2.89 17.60 -26.11
C ASP A 247 -2.57 18.36 -27.39
N ALA A 248 -1.30 18.70 -27.54
CA ALA A 248 -0.73 19.17 -28.78
C ALA A 248 0.38 18.21 -29.16
N HIS A 249 0.44 17.83 -30.42
CA HIS A 249 1.32 16.75 -30.83
C HIS A 249 2.75 17.28 -30.97
N ALA A 250 3.66 16.43 -31.46
CA ALA A 250 5.08 16.74 -31.47
C ALA A 250 5.41 17.97 -32.31
N LYS A 251 4.45 18.46 -33.10
CA LYS A 251 4.71 19.62 -33.95
C LYS A 251 5.05 20.85 -33.11
N ARG A 252 4.22 21.16 -32.12
CA ARG A 252 4.39 22.35 -31.29
C ARG A 252 4.53 22.03 -29.81
N GLN A 253 3.63 21.22 -29.25
CA GLN A 253 3.68 20.77 -27.85
C GLN A 253 3.99 21.96 -26.94
N THR A 254 3.06 22.89 -26.90
CA THR A 254 3.24 24.10 -26.13
C THR A 254 2.62 23.96 -24.75
N VAL A 255 3.45 24.22 -23.73
CA VAL A 255 3.03 24.24 -22.34
C VAL A 255 3.02 25.70 -21.91
N VAL A 256 1.89 26.15 -21.36
CA VAL A 256 1.80 27.51 -20.85
C VAL A 256 1.20 27.51 -19.45
N VAL A 257 1.68 28.45 -18.64
CA VAL A 257 1.26 28.63 -17.26
C VAL A 257 0.08 29.58 -17.24
N LEU A 258 -0.88 29.30 -16.36
CA LEU A 258 -2.01 30.20 -16.20
C LEU A 258 -1.54 31.51 -15.59
N GLY A 259 -2.28 32.58 -15.87
CA GLY A 259 -1.84 33.89 -15.49
C GLY A 259 -1.94 34.10 -13.99
N SER A 260 -1.80 35.36 -13.59
CA SER A 260 -1.81 35.72 -12.19
C SER A 260 -3.19 35.47 -11.59
N GLN A 261 -3.26 34.64 -10.56
CA GLN A 261 -4.50 34.39 -9.85
C GLN A 261 -4.74 35.40 -8.73
N GLU A 262 -4.16 36.59 -8.85
CA GLU A 262 -4.31 37.61 -7.81
C GLU A 262 -5.74 38.12 -7.76
N GLY A 263 -6.22 38.71 -8.86
CA GLY A 263 -7.57 39.21 -8.83
C GLY A 263 -8.61 38.12 -8.88
N ALA A 264 -8.22 36.91 -9.25
CA ALA A 264 -9.16 35.81 -9.25
C ALA A 264 -9.37 35.24 -7.86
N VAL A 265 -8.54 35.66 -6.90
CA VAL A 265 -8.71 35.27 -5.51
C VAL A 265 -9.07 36.46 -4.63
N HIS A 266 -8.90 37.69 -5.12
CA HIS A 266 -9.52 38.82 -4.43
C HIS A 266 -11.03 38.70 -4.44
N THR A 267 -11.59 38.13 -5.50
CA THR A 267 -13.02 37.85 -5.54
C THR A 267 -13.39 36.61 -4.76
N ALA A 268 -12.41 35.87 -4.26
CA ALA A 268 -12.69 34.74 -3.38
C ALA A 268 -12.64 35.12 -1.91
N LEU A 269 -12.13 36.30 -1.59
CA LEU A 269 -12.19 36.83 -0.22
C LEU A 269 -13.43 37.69 -0.05
N ALA A 270 -14.58 37.16 -0.45
CA ALA A 270 -15.81 37.94 -0.49
C ALA A 270 -16.55 37.94 0.83
N GLY A 271 -16.03 37.27 1.85
CA GLY A 271 -16.65 37.26 3.16
C GLY A 271 -15.62 37.47 4.24
N ALA A 272 -14.35 37.50 3.85
CA ALA A 272 -13.30 37.78 4.82
C ALA A 272 -13.31 39.26 5.16
N LEU A 273 -12.68 39.60 6.28
CA LEU A 273 -12.64 40.98 6.71
C LEU A 273 -11.20 41.47 6.65
N GLU A 274 -11.01 42.61 6.00
CA GLU A 274 -9.68 43.14 5.77
C GLU A 274 -9.03 43.54 7.09
N ALA A 275 -7.74 43.27 7.21
CA ALA A 275 -6.96 43.68 8.37
C ALA A 275 -5.76 44.45 7.88
N GLU A 276 -5.01 45.00 8.82
CA GLU A 276 -3.79 45.73 8.51
C GLU A 276 -2.67 45.19 9.38
N MET A 277 -1.46 45.65 9.13
CA MET A 277 -0.29 45.09 9.80
C MET A 277 0.80 46.15 9.81
N ASP A 278 1.23 46.55 10.99
CA ASP A 278 2.19 47.64 11.16
C ASP A 278 3.58 47.14 11.50
N GLY A 279 4.02 46.04 10.90
CA GLY A 279 5.30 45.46 11.25
C GLY A 279 5.25 43.96 11.42
N ALA A 280 5.53 43.48 12.62
CA ALA A 280 5.43 42.06 12.91
C ALA A 280 4.09 41.67 13.51
N LYS A 281 3.42 42.60 14.18
CA LYS A 281 2.12 42.35 14.81
C LYS A 281 1.01 42.87 13.91
N GLY A 282 0.01 42.02 13.68
CA GLY A 282 -1.11 42.34 12.81
C GLY A 282 -2.30 42.98 13.49
N ARG A 283 -2.37 44.29 13.41
CA ARG A 283 -3.46 45.05 14.00
C ARG A 283 -4.78 44.93 13.26
N LEU A 284 -5.81 44.41 13.94
CA LEU A 284 -7.15 44.30 13.42
C LEU A 284 -7.97 45.48 13.93
N SER A 285 -9.01 45.80 13.17
CA SER A 285 -9.99 46.80 13.57
C SER A 285 -11.37 46.19 13.67
N SER A 286 -11.45 44.98 14.22
CA SER A 286 -12.73 44.31 14.40
C SER A 286 -12.61 43.30 15.54
N GLY A 287 -13.75 42.94 16.10
CA GLY A 287 -13.77 42.03 17.24
C GLY A 287 -14.69 42.55 18.32
N HIS A 288 -15.16 41.64 19.17
CA HIS A 288 -15.94 42.00 20.34
C HIS A 288 -15.32 41.39 21.58
N LEU A 289 -15.54 42.05 22.72
CA LEU A 289 -14.86 41.72 23.96
C LEU A 289 -15.83 41.89 25.12
N LYS A 290 -15.81 40.95 26.05
CA LYS A 290 -16.60 41.05 27.26
C LYS A 290 -15.75 41.59 28.40
N CYS A 291 -16.41 42.28 29.32
CA CYS A 291 -15.73 43.05 30.35
C CYS A 291 -16.65 43.17 31.55
N ARG A 292 -16.14 42.90 32.73
CA ARG A 292 -16.86 43.22 33.95
C ARG A 292 -16.33 44.54 34.47
N LEU A 293 -17.24 45.44 34.80
CA LEU A 293 -16.94 46.83 35.11
C LEU A 293 -17.15 47.04 36.61
N LYS A 294 -16.09 46.88 37.39
CA LYS A 294 -16.16 47.13 38.82
C LYS A 294 -16.11 48.64 39.00
N MET A 295 -17.23 49.23 39.39
CA MET A 295 -17.35 50.67 39.50
C MET A 295 -17.41 51.15 40.93
N ASP A 296 -17.28 50.25 41.92
CA ASP A 296 -17.37 50.67 43.31
C ASP A 296 -16.27 51.64 43.70
N LYS A 297 -15.24 51.80 42.88
CA LYS A 297 -14.13 52.69 43.18
C LYS A 297 -14.24 54.03 42.45
N LEU A 298 -15.23 54.19 41.58
CA LEU A 298 -15.45 55.47 40.89
C LEU A 298 -16.03 56.49 41.85
N ARG A 299 -15.20 57.43 42.28
CA ARG A 299 -15.63 58.54 43.13
C ARG A 299 -15.45 59.79 42.30
N LEU A 300 -16.55 60.48 42.03
CA LEU A 300 -16.55 61.55 41.03
C LEU A 300 -16.12 62.87 41.65
N LYS A 301 -15.36 63.62 40.86
CA LYS A 301 -14.71 64.83 41.32
C LYS A 301 -15.64 66.03 41.21
N GLY A 302 -15.67 66.84 42.26
CA GLY A 302 -16.37 68.10 42.26
C GLY A 302 -17.67 68.17 43.04
N VAL A 303 -17.90 67.27 43.99
CA VAL A 303 -19.04 67.45 44.87
C VAL A 303 -18.72 68.48 45.96
N SER A 304 -17.44 68.62 46.32
CA SER A 304 -17.05 69.58 47.33
C SER A 304 -17.06 71.01 46.80
N TYR A 305 -17.13 71.19 45.49
CA TYR A 305 -16.93 72.50 44.88
C TYR A 305 -18.18 73.37 44.99
N SER A 306 -17.96 74.67 45.09
CA SER A 306 -19.04 75.64 45.07
C SER A 306 -19.62 75.75 43.66
N LEU A 307 -20.76 76.43 43.56
CA LEU A 307 -21.37 76.65 42.26
C LEU A 307 -20.56 77.65 41.45
N CYS A 308 -20.80 77.63 40.14
CA CYS A 308 -20.32 78.71 39.29
C CYS A 308 -21.18 79.93 39.55
N THR A 309 -20.56 81.09 39.74
CA THR A 309 -21.35 82.25 40.11
C THR A 309 -22.12 82.82 38.93
N ALA A 310 -21.46 83.04 37.78
CA ALA A 310 -22.06 83.92 36.80
C ALA A 310 -21.49 83.69 35.41
N ALA A 311 -22.28 84.10 34.42
CA ALA A 311 -21.84 84.40 33.06
C ALA A 311 -21.27 83.18 32.33
N PHE A 312 -22.15 82.20 32.11
CA PHE A 312 -21.85 81.22 31.07
C PHE A 312 -22.14 81.83 29.70
N THR A 313 -21.80 81.09 28.65
CA THR A 313 -21.97 81.60 27.30
C THR A 313 -22.01 80.46 26.31
N PHE A 314 -23.02 80.44 25.46
CA PHE A 314 -23.11 79.45 24.39
C PHE A 314 -22.18 79.81 23.23
N THR A 315 -21.18 78.98 23.00
CA THR A 315 -20.55 78.81 21.71
C THR A 315 -20.74 77.36 21.30
N LYS A 316 -20.73 77.11 19.98
CA LYS A 316 -21.08 75.80 19.42
C LYS A 316 -22.51 75.40 19.81
N ILE A 317 -23.44 76.11 19.19
CA ILE A 317 -24.89 75.90 19.28
C ILE A 317 -25.22 74.41 19.36
N PRO A 318 -26.09 74.00 20.27
CA PRO A 318 -26.21 72.56 20.60
C PRO A 318 -26.65 71.72 19.41
N ALA A 319 -26.25 70.45 19.46
CA ALA A 319 -26.57 69.48 18.41
C ALA A 319 -26.93 68.16 19.05
N GLU A 320 -27.84 67.41 18.42
CA GLU A 320 -28.33 66.17 19.00
C GLU A 320 -27.58 64.97 18.44
N THR A 321 -27.29 64.01 19.31
CA THR A 321 -26.43 62.89 18.98
C THR A 321 -27.24 61.64 18.62
N LEU A 322 -28.02 61.74 17.55
CA LEU A 322 -28.55 60.57 16.84
C LEU A 322 -29.39 59.67 17.73
N HIS A 323 -29.51 60.01 19.01
CA HIS A 323 -30.18 59.16 19.98
C HIS A 323 -31.10 59.94 20.89
N GLY A 324 -31.02 61.26 20.88
CA GLY A 324 -31.67 62.09 21.88
C GLY A 324 -30.71 62.88 22.74
N THR A 325 -29.43 62.53 22.71
CA THR A 325 -28.45 63.22 23.54
C THR A 325 -28.16 64.59 22.93
N VAL A 326 -27.88 65.57 23.79
CA VAL A 326 -27.69 66.95 23.36
C VAL A 326 -26.32 67.40 23.85
N THR A 327 -25.36 67.49 22.94
CA THR A 327 -24.04 67.98 23.27
C THR A 327 -24.07 69.50 23.31
N VAL A 328 -23.85 70.07 24.49
CA VAL A 328 -23.78 71.51 24.68
C VAL A 328 -22.40 71.83 25.22
N GLU A 329 -21.67 72.67 24.50
CA GLU A 329 -20.38 73.18 24.96
C GLU A 329 -20.55 74.64 25.31
N VAL A 330 -20.03 75.02 26.48
CA VAL A 330 -20.12 76.36 27.03
C VAL A 330 -18.73 76.91 27.26
N GLN A 331 -18.64 78.23 27.38
CA GLN A 331 -17.39 78.91 27.66
C GLN A 331 -17.61 79.77 28.90
N TYR A 332 -17.18 79.27 30.05
CA TYR A 332 -17.34 80.00 31.29
C TYR A 332 -16.35 81.16 31.29
N ALA A 333 -16.85 82.37 31.57
CA ALA A 333 -16.03 83.58 31.60
C ALA A 333 -15.97 84.10 33.02
N GLY A 334 -15.01 83.58 33.78
CA GLY A 334 -14.87 83.97 35.16
C GLY A 334 -13.79 83.16 35.81
N THR A 335 -13.23 83.71 36.88
CA THR A 335 -12.11 83.11 37.59
C THR A 335 -12.56 82.49 38.91
N ASP A 336 -13.75 81.88 38.91
CA ASP A 336 -14.27 81.28 40.11
C ASP A 336 -13.46 80.05 40.52
N GLY A 337 -12.73 79.45 39.59
CA GLY A 337 -11.86 78.34 39.91
C GLY A 337 -12.56 77.01 39.71
N PRO A 338 -12.22 76.03 40.53
CA PRO A 338 -12.92 74.74 40.45
C PRO A 338 -14.34 74.86 40.98
N CYS A 339 -15.24 75.36 40.13
CA CYS A 339 -16.61 75.65 40.50
C CYS A 339 -17.59 74.80 39.71
N LYS A 340 -18.57 74.26 40.42
CA LYS A 340 -19.54 73.35 39.84
C LYS A 340 -20.46 74.09 38.86
N VAL A 341 -20.58 73.56 37.65
CA VAL A 341 -21.44 74.16 36.63
C VAL A 341 -22.87 73.70 36.86
N PRO A 342 -23.83 74.63 37.00
CA PRO A 342 -25.23 74.23 37.08
C PRO A 342 -25.89 74.19 35.71
N ALA A 343 -26.66 73.14 35.47
CA ALA A 343 -27.35 73.02 34.19
C ALA A 343 -28.38 71.91 34.29
N GLN A 344 -29.47 72.07 33.54
CA GLN A 344 -30.58 71.12 33.63
C GLN A 344 -31.49 71.34 32.44
N MET A 345 -32.56 70.54 32.38
CA MET A 345 -33.68 70.76 31.48
C MET A 345 -34.86 71.26 32.30
N ALA A 346 -35.80 71.90 31.61
CA ALA A 346 -36.99 72.42 32.27
C ALA A 346 -38.08 72.58 31.23
N VAL A 347 -39.18 71.85 31.37
CA VAL A 347 -40.32 72.08 30.51
C VAL A 347 -41.03 73.37 30.89
N ASP A 348 -40.77 73.86 32.10
CA ASP A 348 -41.29 75.12 32.58
C ASP A 348 -40.14 76.09 32.78
N MET A 349 -40.47 77.34 33.02
CA MET A 349 -39.46 78.32 33.37
C MET A 349 -39.82 79.11 34.62
N GLN A 350 -41.06 78.99 35.10
CA GLN A 350 -41.46 79.58 36.36
C GLN A 350 -41.18 78.68 37.54
N THR A 351 -41.29 77.36 37.37
CA THR A 351 -40.92 76.42 38.43
C THR A 351 -39.45 76.04 38.34
N LEU A 352 -38.88 76.05 37.13
CA LEU A 352 -37.45 75.70 36.92
C LEU A 352 -37.16 74.30 37.47
N THR A 353 -38.06 73.35 37.22
CA THR A 353 -37.94 71.97 37.66
C THR A 353 -36.99 71.19 36.75
N PRO A 354 -36.08 70.40 37.32
CA PRO A 354 -35.26 69.49 36.50
C PRO A 354 -36.05 68.30 36.00
N VAL A 355 -36.72 68.45 34.86
CA VAL A 355 -37.65 67.41 34.39
C VAL A 355 -36.95 66.40 33.49
N GLY A 356 -35.96 66.83 32.72
CA GLY A 356 -35.25 65.89 31.88
C GLY A 356 -34.09 65.24 32.58
N ARG A 357 -33.69 64.07 32.09
CA ARG A 357 -32.60 63.33 32.67
C ARG A 357 -31.27 63.77 32.07
N LEU A 358 -30.25 63.87 32.91
CA LEU A 358 -28.96 64.42 32.53
C LEU A 358 -27.88 63.40 32.83
N ILE A 359 -27.08 63.07 31.82
CA ILE A 359 -26.15 61.95 31.92
C ILE A 359 -24.78 62.37 32.45
N THR A 360 -24.20 63.45 31.92
CA THR A 360 -22.90 63.91 32.42
C THR A 360 -23.10 64.49 33.81
N ALA A 361 -22.79 63.71 34.84
CA ALA A 361 -23.03 64.14 36.21
C ALA A 361 -22.09 65.28 36.61
N ASN A 362 -22.68 66.36 37.16
CA ASN A 362 -22.07 67.58 37.68
C ASN A 362 -20.80 67.97 36.95
N PRO A 363 -20.91 68.42 35.71
CA PRO A 363 -19.71 68.87 34.98
C PRO A 363 -19.12 70.09 35.65
N VAL A 364 -17.79 70.11 35.75
CA VAL A 364 -17.09 71.16 36.48
C VAL A 364 -15.92 71.64 35.64
N ILE A 365 -15.79 72.95 35.50
CA ILE A 365 -14.60 73.52 34.90
C ILE A 365 -13.48 73.56 35.94
N THR A 366 -12.28 73.19 35.53
CA THR A 366 -11.15 73.05 36.45
C THR A 366 -10.18 74.21 36.39
N GLU A 367 -9.83 74.69 35.21
CA GLU A 367 -8.89 75.78 35.09
C GLU A 367 -9.50 77.07 35.61
N SER A 368 -8.77 77.76 36.48
CA SER A 368 -9.22 79.05 37.01
C SER A 368 -8.94 80.19 36.04
N THR A 369 -8.73 79.87 34.78
CA THR A 369 -8.44 80.86 33.75
C THR A 369 -9.73 81.62 33.41
N GLU A 370 -9.60 82.59 32.49
CA GLU A 370 -10.71 83.49 32.19
C GLU A 370 -11.80 82.78 31.39
N ASN A 371 -11.47 82.30 30.21
CA ASN A 371 -12.41 81.65 29.30
C ASN A 371 -12.13 80.16 29.30
N SER A 372 -13.07 79.37 29.80
CA SER A 372 -12.89 77.92 29.92
C SER A 372 -13.97 77.17 29.15
N LYS A 373 -13.58 76.56 28.03
CA LYS A 373 -14.46 75.70 27.26
C LYS A 373 -14.76 74.41 28.00
N MET A 374 -16.02 74.00 28.00
CA MET A 374 -16.45 72.84 28.78
C MET A 374 -17.65 72.21 28.11
N MET A 375 -17.75 70.88 28.20
CA MET A 375 -18.69 70.12 27.39
C MET A 375 -19.60 69.29 28.28
N LEU A 376 -20.87 69.18 27.89
CA LEU A 376 -21.83 68.32 28.56
C LEU A 376 -22.40 67.30 27.57
N GLU A 377 -23.41 66.57 28.04
CA GLU A 377 -24.33 65.81 27.20
C GLU A 377 -25.62 65.67 28.00
N LEU A 378 -26.73 65.98 27.37
CA LEU A 378 -28.02 66.00 28.05
C LEU A 378 -29.01 65.18 27.25
N ASP A 379 -29.84 64.40 27.94
CA ASP A 379 -30.85 63.57 27.31
C ASP A 379 -32.23 64.10 27.65
N PRO A 380 -32.77 65.04 26.89
CA PRO A 380 -34.01 65.70 27.27
C PRO A 380 -35.20 64.78 27.10
N PRO A 381 -36.36 65.15 27.63
CA PRO A 381 -37.56 64.36 27.41
C PRO A 381 -38.10 64.59 26.01
N PHE A 382 -39.11 63.80 25.66
CA PHE A 382 -39.69 63.88 24.32
C PHE A 382 -40.51 65.15 24.21
N GLY A 383 -40.06 66.09 23.40
CA GLY A 383 -40.85 67.27 23.13
C GLY A 383 -40.08 68.53 23.37
N ASP A 384 -40.81 69.64 23.41
CA ASP A 384 -40.27 70.95 23.67
C ASP A 384 -39.90 71.11 25.14
N SER A 385 -38.65 71.46 25.39
CA SER A 385 -38.10 71.61 26.73
C SER A 385 -36.92 72.56 26.61
N TYR A 386 -36.56 73.22 27.69
CA TYR A 386 -35.55 74.27 27.59
C TYR A 386 -34.33 73.83 28.37
N ILE A 387 -33.16 74.07 27.79
CA ILE A 387 -31.90 73.72 28.44
C ILE A 387 -31.38 74.99 29.10
N VAL A 388 -31.79 75.17 30.35
CA VAL A 388 -31.40 76.31 31.17
C VAL A 388 -30.04 76.00 31.79
N ILE A 389 -29.00 76.73 31.39
CA ILE A 389 -27.68 76.52 31.96
C ILE A 389 -27.17 77.82 32.53
N GLY A 390 -26.61 77.75 33.72
CA GLY A 390 -26.27 78.90 34.52
C GLY A 390 -27.19 79.03 35.72
N VAL A 391 -26.77 79.87 36.65
CA VAL A 391 -27.54 80.12 37.87
C VAL A 391 -27.73 81.63 38.02
N GLY A 392 -28.88 82.00 38.54
CA GLY A 392 -29.14 83.41 38.79
C GLY A 392 -30.03 84.05 37.74
N GLU A 393 -29.82 85.34 37.50
CA GLU A 393 -30.59 86.07 36.52
C GLU A 393 -29.96 86.03 35.13
N LYS A 394 -28.71 85.59 35.02
CA LYS A 394 -28.01 85.47 33.75
C LYS A 394 -28.01 84.03 33.22
N LYS A 395 -29.08 83.29 33.48
CA LYS A 395 -29.19 81.91 33.00
C LYS A 395 -29.32 81.90 31.49
N ILE A 396 -28.30 81.43 30.79
CA ILE A 396 -28.45 81.30 29.35
C ILE A 396 -29.34 80.10 29.07
N THR A 397 -30.41 80.34 28.33
CA THR A 397 -31.42 79.34 28.02
C THR A 397 -31.33 78.95 26.55
N HIS A 398 -31.80 77.75 26.24
CA HIS A 398 -31.92 77.40 24.83
C HIS A 398 -33.12 76.48 24.63
N HIS A 399 -34.01 76.87 23.72
CA HIS A 399 -35.16 76.03 23.40
C HIS A 399 -34.72 74.79 22.65
N TRP A 400 -35.17 73.62 23.10
CA TRP A 400 -34.84 72.37 22.45
C TRP A 400 -36.09 71.54 22.26
N HIS A 401 -36.33 71.06 21.05
CA HIS A 401 -37.42 70.13 20.81
C HIS A 401 -36.77 68.81 20.41
N ARG A 402 -36.79 67.84 21.33
CA ARG A 402 -36.32 66.50 20.98
C ARG A 402 -37.48 65.72 20.39
N SER A 403 -37.49 65.61 19.07
CA SER A 403 -38.58 64.96 18.34
C SER A 403 -38.46 63.45 18.46
N GLY A 404 -39.51 62.82 18.98
CA GLY A 404 -39.53 61.38 19.11
C GLY A 404 -40.64 60.95 20.05
N SER A 405 -40.61 59.67 20.40
CA SER A 405 -41.60 59.12 21.30
C SER A 405 -40.99 57.94 22.06
N THR A 406 -41.64 57.58 23.17
CA THR A 406 -41.16 56.47 23.96
C THR A 406 -41.43 55.14 23.25
N ILE A 407 -42.61 55.00 22.65
CA ILE A 407 -42.89 53.80 21.87
C ILE A 407 -42.08 53.80 20.59
N GLY A 408 -41.67 54.97 20.11
CA GLY A 408 -40.73 55.05 19.02
C GLY A 408 -39.28 54.84 19.40
N LYS A 409 -38.97 54.91 20.69
CA LYS A 409 -37.64 54.58 21.19
C LYS A 409 -37.52 53.13 21.57
N ALA A 410 -38.61 52.52 21.99
CA ALA A 410 -38.57 51.09 22.29
C ALA A 410 -38.47 50.29 21.01
N PHE A 411 -39.16 50.72 19.95
CA PHE A 411 -38.95 50.04 18.68
C PHE A 411 -37.56 50.31 18.12
N GLU A 412 -37.00 51.49 18.38
CA GLU A 412 -35.62 51.74 18.01
C GLU A 412 -34.68 50.89 18.84
N ALA A 413 -35.08 50.55 20.07
CA ALA A 413 -34.28 49.72 20.95
C ALA A 413 -34.44 48.24 20.63
N THR A 414 -35.60 47.84 20.08
CA THR A 414 -35.76 46.46 19.63
C THR A 414 -34.90 46.20 18.41
N VAL A 415 -34.85 47.16 17.49
CA VAL A 415 -33.95 47.08 16.34
C VAL A 415 -32.51 47.11 16.82
N ARG A 416 -32.23 47.87 17.89
CA ARG A 416 -30.89 47.89 18.44
C ARG A 416 -30.52 46.56 19.06
N GLY A 417 -31.47 45.90 19.72
CA GLY A 417 -31.20 44.60 20.29
C GLY A 417 -31.20 43.45 19.31
N ALA A 418 -31.83 43.62 18.15
CA ALA A 418 -31.82 42.53 17.18
C ALA A 418 -30.61 42.48 16.27
N LYS A 419 -30.07 43.61 15.83
CA LYS A 419 -28.83 43.53 15.05
C LYS A 419 -27.65 43.11 15.92
N ARG A 420 -27.68 43.44 17.22
CA ARG A 420 -26.65 42.96 18.12
C ARG A 420 -26.80 41.46 18.37
N MET A 421 -28.03 40.96 18.35
CA MET A 421 -28.18 39.54 18.63
C MET A 421 -27.87 38.74 17.39
N ALA A 422 -28.08 39.34 16.22
CA ALA A 422 -27.75 38.68 14.97
C ALA A 422 -26.27 38.80 14.63
N VAL A 423 -25.52 39.70 15.27
CA VAL A 423 -24.09 39.81 15.05
C VAL A 423 -23.29 39.04 16.08
N LEU A 424 -23.60 39.22 17.37
CA LEU A 424 -22.82 38.58 18.42
C LEU A 424 -23.28 37.18 18.74
N GLY A 425 -24.59 36.91 18.59
CA GLY A 425 -25.12 35.61 18.88
C GLY A 425 -25.36 35.36 20.35
N ASP A 426 -24.57 34.47 20.94
CA ASP A 426 -24.78 34.11 22.33
C ASP A 426 -24.32 35.22 23.27
N THR A 427 -23.30 35.97 22.86
CA THR A 427 -22.68 36.98 23.69
C THR A 427 -23.56 38.21 23.86
N ALA A 428 -24.47 38.46 22.92
CA ALA A 428 -25.31 39.64 22.99
C ALA A 428 -26.35 39.58 24.10
N TRP A 429 -26.55 38.41 24.72
CA TRP A 429 -27.33 38.37 25.95
C TRP A 429 -26.59 38.91 27.17
N ASP A 430 -25.28 39.15 27.05
CA ASP A 430 -24.53 39.70 28.16
C ASP A 430 -23.98 41.08 27.85
N PHE A 431 -24.76 41.94 27.20
CA PHE A 431 -24.28 43.30 26.98
C PHE A 431 -24.61 44.22 28.13
N GLY A 432 -25.86 44.17 28.59
CA GLY A 432 -26.24 45.01 29.71
C GLY A 432 -26.83 44.19 30.83
N SER A 433 -26.68 42.87 30.74
CA SER A 433 -27.20 41.98 31.75
C SER A 433 -26.30 42.01 32.96
N VAL A 434 -26.87 42.26 34.12
CA VAL A 434 -26.11 42.32 35.36
C VAL A 434 -26.02 40.90 35.90
N GLY A 435 -26.67 39.96 35.24
CA GLY A 435 -26.62 38.58 35.65
C GLY A 435 -27.80 38.17 36.50
N GLY A 436 -28.71 37.40 35.92
CA GLY A 436 -29.89 36.95 36.61
C GLY A 436 -30.24 35.53 36.23
N ALA A 437 -31.41 35.07 36.66
CA ALA A 437 -31.91 33.76 36.27
C ALA A 437 -32.77 33.80 35.03
N LEU A 438 -32.74 34.89 34.28
CA LEU A 438 -33.38 34.93 32.96
C LEU A 438 -32.40 35.34 31.87
N ASN A 439 -31.54 36.32 32.13
CA ASN A 439 -30.49 36.69 31.20
C ASN A 439 -29.32 35.73 31.25
N SER A 440 -29.37 34.72 32.11
CA SER A 440 -28.43 33.61 32.09
C SER A 440 -29.13 32.27 31.89
N LEU A 441 -30.46 32.23 31.97
CA LEU A 441 -31.23 31.10 31.48
C LEU A 441 -31.47 31.24 29.99
N GLY A 442 -31.88 32.44 29.57
CA GLY A 442 -32.06 32.72 28.16
C GLY A 442 -30.77 32.67 27.37
N LYS A 443 -29.63 32.84 28.03
CA LYS A 443 -28.36 32.64 27.34
C LYS A 443 -28.08 31.17 27.12
N GLY A 444 -28.36 30.32 28.11
CA GLY A 444 -28.10 28.90 27.93
C GLY A 444 -29.05 28.25 26.95
N ILE A 445 -30.24 28.83 26.78
CA ILE A 445 -31.15 28.37 25.75
C ILE A 445 -30.83 28.99 24.41
N HIS A 446 -30.05 30.07 24.38
CA HIS A 446 -29.65 30.63 23.10
C HIS A 446 -28.32 30.09 22.57
N GLN A 447 -27.42 29.60 23.43
CA GLN A 447 -26.21 28.98 22.91
C GLN A 447 -26.45 27.59 22.35
N ILE A 448 -27.52 26.92 22.77
CA ILE A 448 -27.87 25.65 22.14
C ILE A 448 -28.48 25.90 20.77
N PHE A 449 -29.40 26.85 20.63
CA PHE A 449 -29.89 27.14 19.29
C PHE A 449 -28.79 27.72 18.43
N GLY A 450 -27.84 28.46 19.02
CA GLY A 450 -26.78 29.00 18.20
C GLY A 450 -25.79 27.95 17.74
N ALA A 451 -25.68 26.84 18.49
CA ALA A 451 -24.78 25.80 18.03
C ALA A 451 -25.50 24.83 17.11
N ALA A 452 -26.81 24.66 17.28
CA ALA A 452 -27.61 23.87 16.36
C ALA A 452 -28.18 24.73 15.24
N PHE A 453 -27.59 25.91 15.04
CA PHE A 453 -27.83 26.78 13.91
C PHE A 453 -26.55 27.09 13.16
N LYS A 454 -25.43 27.25 13.88
CA LYS A 454 -24.14 27.45 13.22
C LYS A 454 -23.69 26.18 12.51
N SER A 455 -24.23 25.02 12.87
CA SER A 455 -23.92 23.77 12.19
C SER A 455 -24.94 23.39 11.13
N LEU A 456 -26.23 23.63 11.38
CA LEU A 456 -27.25 23.12 10.47
C LEU A 456 -27.30 23.95 9.19
N PHE A 457 -27.64 25.23 9.30
CA PHE A 457 -27.61 26.10 8.12
C PHE A 457 -26.20 26.62 7.86
N GLY A 458 -25.59 27.26 8.85
CA GLY A 458 -24.16 27.47 8.83
C GLY A 458 -23.63 28.23 7.64
N GLY A 459 -23.06 27.51 6.69
CA GLY A 459 -22.38 28.11 5.57
C GLY A 459 -23.24 28.68 4.45
N MET A 460 -24.43 29.17 4.80
CA MET A 460 -25.26 29.85 3.82
C MET A 460 -24.75 31.27 3.62
N SER A 461 -24.73 31.72 2.37
CA SER A 461 -24.33 33.08 2.07
C SER A 461 -25.53 34.00 2.20
N TRP A 462 -25.38 35.25 1.76
CA TRP A 462 -26.48 36.21 1.84
C TRP A 462 -27.62 35.81 0.92
N PHE A 463 -27.31 35.57 -0.35
CA PHE A 463 -28.37 35.25 -1.29
C PHE A 463 -28.99 33.90 -0.97
N SER A 464 -28.19 32.95 -0.49
CA SER A 464 -28.79 31.65 -0.26
C SER A 464 -29.57 31.63 1.05
N GLN A 465 -29.34 32.61 1.93
CA GLN A 465 -30.23 32.79 3.06
C GLN A 465 -31.56 33.34 2.62
N ILE A 466 -31.59 34.40 1.81
CA ILE A 466 -32.92 34.83 1.37
C ILE A 466 -33.58 33.78 0.50
N LEU A 467 -32.76 32.96 -0.17
CA LEU A 467 -33.26 31.93 -1.08
C LEU A 467 -33.88 30.76 -0.35
N ILE A 468 -33.45 30.49 0.88
CA ILE A 468 -34.11 29.42 1.62
C ILE A 468 -35.07 29.98 2.66
N GLY A 469 -34.96 31.27 2.97
CA GLY A 469 -35.95 31.89 3.84
C GLY A 469 -37.28 32.01 3.13
N THR A 470 -37.24 32.30 1.84
CA THR A 470 -38.47 32.31 1.05
C THR A 470 -39.03 30.89 0.94
N LEU A 471 -38.17 29.88 0.90
CA LEU A 471 -38.64 28.50 0.84
C LEU A 471 -39.36 28.08 2.11
N LEU A 472 -38.83 28.41 3.28
CA LEU A 472 -39.61 28.10 4.49
C LEU A 472 -40.77 29.06 4.71
N MET A 473 -40.76 30.23 4.08
CA MET A 473 -41.96 31.05 4.03
C MET A 473 -43.06 30.33 3.26
N TRP A 474 -42.72 29.80 2.08
CA TRP A 474 -43.73 29.07 1.30
C TRP A 474 -44.13 27.79 2.02
N LEU A 475 -43.22 27.16 2.75
CA LEU A 475 -43.56 26.01 3.57
C LEU A 475 -44.31 26.40 4.83
N GLY A 476 -44.46 27.69 5.08
CA GLY A 476 -45.29 28.16 6.17
C GLY A 476 -46.74 28.55 5.93
N LEU A 477 -47.15 28.88 4.72
CA LEU A 477 -48.57 29.15 4.51
C LEU A 477 -49.34 27.88 4.16
N ASN A 478 -48.68 26.73 4.16
CA ASN A 478 -49.34 25.44 3.95
C ASN A 478 -48.67 24.42 4.86
N THR A 479 -49.01 23.14 4.66
CA THR A 479 -48.48 22.03 5.45
C THR A 479 -48.81 22.23 6.94
N LYS A 480 -50.11 22.17 7.23
CA LYS A 480 -50.58 22.33 8.59
C LYS A 480 -50.14 21.14 9.45
N ASN A 481 -49.33 21.42 10.45
CA ASN A 481 -48.83 20.38 11.36
C ASN A 481 -48.23 21.06 12.58
N GLY A 482 -47.78 20.26 13.54
CA GLY A 482 -47.00 20.75 14.66
C GLY A 482 -45.63 21.25 14.28
N SER A 483 -45.07 20.74 13.18
CA SER A 483 -43.79 21.22 12.67
C SER A 483 -43.97 22.43 11.77
N ILE A 484 -44.67 23.44 12.28
CA ILE A 484 -44.72 24.74 11.63
C ILE A 484 -44.07 25.83 12.47
N SER A 485 -43.98 25.65 13.79
CA SER A 485 -43.22 26.59 14.60
C SER A 485 -41.74 26.58 14.24
N LEU A 486 -41.24 25.47 13.66
CA LEU A 486 -39.85 25.39 13.28
C LEU A 486 -39.57 26.19 12.01
N MET A 487 -40.50 26.18 11.06
CA MET A 487 -40.25 26.88 9.80
C MET A 487 -40.29 28.41 9.98
N CYS A 488 -41.28 28.94 10.72
CA CYS A 488 -41.27 30.38 10.93
C CYS A 488 -40.07 30.83 11.75
N LEU A 489 -39.51 29.95 12.59
CA LEU A 489 -38.30 30.40 13.26
C LEU A 489 -37.06 30.23 12.42
N ALA A 490 -37.05 29.30 11.45
CA ALA A 490 -35.99 29.32 10.45
C ALA A 490 -36.38 30.20 9.27
N LEU A 491 -37.33 31.09 9.51
CA LEU A 491 -37.75 32.14 8.61
C LEU A 491 -37.29 33.49 9.14
N GLY A 492 -37.68 33.81 10.36
CA GLY A 492 -37.13 35.00 10.99
C GLY A 492 -35.66 34.90 11.36
N GLY A 493 -35.17 33.68 11.65
CA GLY A 493 -33.77 33.43 11.95
C GLY A 493 -32.87 33.48 10.75
N VAL A 494 -33.44 33.74 9.59
CA VAL A 494 -32.73 33.79 8.32
C VAL A 494 -32.92 35.15 7.66
N LEU A 495 -34.16 35.62 7.59
CA LEU A 495 -34.40 36.93 7.02
C LEU A 495 -33.84 38.05 7.90
N ILE A 496 -34.01 37.98 9.23
CA ILE A 496 -33.30 38.97 10.03
C ILE A 496 -31.80 38.78 9.80
N PHE A 497 -31.29 37.57 10.08
CA PHE A 497 -29.86 37.31 10.05
C PHE A 497 -29.22 37.83 8.77
N LEU A 498 -30.01 37.98 7.70
CA LEU A 498 -29.48 38.37 6.40
C LEU A 498 -29.82 39.80 6.01
N SER A 499 -30.78 40.44 6.67
CA SER A 499 -31.12 41.81 6.33
C SER A 499 -30.49 42.85 7.26
N THR A 500 -29.99 42.44 8.42
CA THR A 500 -29.28 43.35 9.31
C THR A 500 -27.80 43.44 8.95
N ALA A 501 -27.44 43.10 7.72
CA ALA A 501 -26.05 43.16 7.30
C ALA A 501 -25.74 44.49 6.63
CA ALA B 1 -6.74 26.68 -10.04
C ALA B 1 -8.08 27.23 -10.52
N VAL B 2 -8.93 26.33 -11.02
CA VAL B 2 -10.21 26.75 -11.58
C VAL B 2 -11.24 27.00 -10.47
N THR B 3 -11.41 26.03 -9.58
CA THR B 3 -12.47 26.10 -8.57
C THR B 3 -11.93 26.64 -7.24
N LEU B 4 -11.66 27.94 -7.24
CA LEU B 4 -11.39 28.65 -6.00
C LEU B 4 -12.66 28.70 -5.16
N PRO B 5 -12.64 28.24 -3.91
CA PRO B 5 -13.84 28.32 -3.08
C PRO B 5 -14.07 29.73 -2.58
N SER B 6 -15.33 30.12 -2.50
CA SER B 6 -15.69 31.45 -2.04
C SER B 6 -15.75 31.51 -0.52
N HIS B 7 -15.15 32.56 0.05
CA HIS B 7 -15.17 32.75 1.49
C HIS B 7 -16.54 33.23 1.98
N SER B 8 -17.46 33.54 1.08
CA SER B 8 -18.79 34.00 1.47
C SER B 8 -19.62 32.89 2.07
N THR B 9 -19.18 31.64 1.94
CA THR B 9 -19.79 30.55 2.67
C THR B 9 -19.47 30.63 4.16
N ARG B 10 -18.32 31.20 4.53
CA ARG B 10 -18.01 31.32 5.95
C ARG B 10 -17.84 32.77 6.36
N LYS B 11 -18.83 33.58 6.02
CA LYS B 11 -18.90 34.99 6.40
C LYS B 11 -18.39 35.21 7.81
N LEU B 12 -17.45 36.14 7.96
CA LEU B 12 -16.99 36.56 9.28
C LEU B 12 -17.95 37.65 9.78
N GLN B 13 -19.06 37.20 10.34
CA GLN B 13 -20.10 38.11 10.81
C GLN B 13 -19.55 38.88 11.99
N THR B 14 -19.17 40.13 11.75
CA THR B 14 -18.69 41.04 12.77
C THR B 14 -19.38 42.38 12.57
N ARG B 15 -19.23 43.28 13.54
CA ARG B 15 -19.93 44.55 13.45
C ARG B 15 -19.53 45.31 12.19
N SER B 16 -18.24 45.31 11.86
CA SER B 16 -17.79 46.01 10.67
C SER B 16 -18.03 45.15 9.44
N GLN B 17 -17.96 45.78 8.28
CA GLN B 17 -18.27 45.08 7.04
C GLN B 17 -17.04 44.35 6.49
N THR B 18 -17.30 43.41 5.60
CA THR B 18 -16.28 42.55 5.03
C THR B 18 -15.49 43.34 3.98
N TRP B 19 -14.65 42.65 3.21
CA TRP B 19 -13.81 43.37 2.25
C TRP B 19 -14.59 43.77 1.00
N LEU B 20 -15.07 42.79 0.24
CA LEU B 20 -16.03 43.02 -0.83
C LEU B 20 -17.38 42.46 -0.44
N GLU B 21 -18.20 43.27 0.23
CA GLU B 21 -19.61 42.96 0.39
C GLU B 21 -20.49 43.82 -0.50
N SER B 22 -19.97 44.97 -0.95
CA SER B 22 -20.76 45.86 -1.79
C SER B 22 -21.23 45.19 -3.06
N ARG B 23 -20.55 44.14 -3.52
CA ARG B 23 -20.98 43.42 -4.71
C ARG B 23 -21.83 42.19 -4.40
N GLU B 24 -21.49 41.43 -3.36
CA GLU B 24 -22.18 40.15 -3.15
C GLU B 24 -23.68 40.29 -2.98
N TYR B 25 -24.19 41.50 -2.77
CA TYR B 25 -25.63 41.68 -2.76
C TYR B 25 -26.20 41.60 -4.17
N THR B 26 -25.40 41.92 -5.18
CA THR B 26 -25.83 41.83 -6.57
C THR B 26 -24.85 41.03 -7.41
N LYS B 27 -24.25 39.96 -6.87
CA LYS B 27 -23.40 39.15 -7.72
C LYS B 27 -24.11 37.92 -8.26
N HIS B 28 -24.74 37.11 -7.41
CA HIS B 28 -25.29 35.88 -7.96
C HIS B 28 -26.62 36.10 -8.68
N LEU B 29 -27.19 37.29 -8.62
CA LEU B 29 -28.44 37.59 -9.31
C LEU B 29 -28.22 38.27 -10.65
N ILE B 30 -27.14 39.04 -10.79
CA ILE B 30 -26.80 39.54 -12.12
C ILE B 30 -26.31 38.41 -13.01
N ARG B 31 -25.59 37.44 -12.44
CA ARG B 31 -25.07 36.37 -13.30
C ARG B 31 -26.21 35.47 -13.77
N VAL B 32 -27.20 35.24 -12.90
CA VAL B 32 -28.32 34.38 -13.29
C VAL B 32 -29.29 35.12 -14.18
N GLU B 33 -29.33 36.45 -14.11
CA GLU B 33 -30.22 37.16 -15.01
C GLU B 33 -29.52 37.52 -16.31
N ASN B 34 -28.20 37.43 -16.36
CA ASN B 34 -27.55 37.56 -17.66
C ASN B 34 -27.60 36.23 -18.37
N TRP B 35 -27.43 35.12 -17.62
CA TRP B 35 -27.46 33.83 -18.28
C TRP B 35 -28.87 33.54 -18.78
N ILE B 36 -29.88 33.74 -17.94
CA ILE B 36 -31.23 33.40 -18.39
C ILE B 36 -31.72 34.41 -19.41
N PHE B 37 -31.09 35.59 -19.50
CA PHE B 37 -31.38 36.49 -20.59
C PHE B 37 -30.70 36.08 -21.89
N ARG B 38 -29.50 35.52 -21.81
CA ARG B 38 -28.77 35.15 -23.01
C ARG B 38 -29.44 33.98 -23.71
N ASN B 39 -29.80 32.94 -22.95
CA ASN B 39 -30.43 31.73 -23.48
C ASN B 39 -31.84 31.62 -22.89
N PRO B 40 -32.83 32.30 -23.47
CA PRO B 40 -34.18 32.20 -22.90
C PRO B 40 -34.96 30.99 -23.37
N GLY B 41 -34.45 30.23 -24.35
CA GLY B 41 -35.22 29.06 -24.70
C GLY B 41 -35.17 28.00 -23.65
N PHE B 42 -34.27 28.12 -22.69
CA PHE B 42 -34.19 27.12 -21.66
C PHE B 42 -35.41 27.22 -20.76
N ALA B 43 -36.03 28.40 -20.71
CA ALA B 43 -37.24 28.54 -19.93
C ALA B 43 -38.39 27.74 -20.51
N LEU B 44 -38.38 27.53 -21.84
CA LEU B 44 -39.37 26.62 -22.43
C LEU B 44 -39.12 25.19 -21.99
N ALA B 45 -37.87 24.86 -21.71
CA ALA B 45 -37.56 23.53 -21.21
C ALA B 45 -37.76 23.50 -19.70
N ALA B 46 -37.62 24.65 -19.05
CA ALA B 46 -37.78 24.69 -17.60
C ALA B 46 -39.24 24.54 -17.21
N ALA B 47 -40.14 25.15 -17.96
CA ALA B 47 -41.54 24.94 -17.65
C ALA B 47 -42.05 23.64 -18.23
N ALA B 48 -41.16 22.82 -18.83
CA ALA B 48 -41.54 21.48 -19.25
C ALA B 48 -40.99 20.36 -18.38
N ILE B 49 -39.91 20.60 -17.65
CA ILE B 49 -39.46 19.59 -16.68
C ILE B 49 -40.16 19.75 -15.34
N ALA B 50 -40.57 20.96 -14.96
CA ALA B 50 -41.26 21.11 -13.69
C ALA B 50 -42.69 20.61 -13.77
N TRP B 51 -43.39 20.90 -14.87
CA TRP B 51 -44.77 20.43 -15.03
C TRP B 51 -44.88 18.91 -15.11
N LEU B 52 -43.80 18.21 -15.42
CA LEU B 52 -43.83 16.76 -15.42
C LEU B 52 -43.46 16.16 -14.07
N LEU B 53 -42.93 16.97 -13.14
CA LEU B 53 -42.53 16.50 -11.83
C LEU B 53 -43.50 17.04 -10.76
N GLY B 54 -43.49 16.39 -9.61
CA GLY B 54 -44.22 16.89 -8.46
C GLY B 54 -45.72 16.66 -8.48
N SER B 55 -46.39 17.27 -9.45
CA SER B 55 -47.85 17.17 -9.61
C SER B 55 -48.56 17.69 -8.37
N SER B 56 -48.32 18.97 -8.06
CA SER B 56 -49.04 19.64 -6.99
C SER B 56 -49.39 21.08 -7.30
N THR B 57 -49.07 21.58 -8.49
CA THR B 57 -49.37 22.94 -8.96
C THR B 57 -48.68 24.01 -8.13
N SER B 58 -47.96 23.60 -7.09
CA SER B 58 -47.13 24.49 -6.29
C SER B 58 -45.76 23.83 -6.19
N GLN B 59 -45.74 22.51 -6.28
CA GLN B 59 -44.49 21.79 -6.47
C GLN B 59 -44.01 21.88 -7.90
N LYS B 60 -44.92 22.08 -8.86
CA LYS B 60 -44.49 22.25 -10.24
C LYS B 60 -44.00 23.66 -10.50
N VAL B 61 -44.30 24.62 -9.63
CA VAL B 61 -43.78 25.97 -9.79
C VAL B 61 -42.44 26.14 -9.08
N ILE B 62 -42.29 25.47 -7.93
CA ILE B 62 -41.03 25.51 -7.18
C ILE B 62 -39.92 24.77 -7.91
N TYR B 63 -40.26 23.67 -8.58
CA TYR B 63 -39.30 22.97 -9.43
C TYR B 63 -38.92 23.78 -10.67
N LEU B 64 -39.83 24.63 -11.14
CA LEU B 64 -39.49 25.53 -12.23
C LEU B 64 -38.49 26.57 -11.77
N VAL B 65 -38.52 26.93 -10.50
CA VAL B 65 -37.53 27.88 -9.99
C VAL B 65 -36.21 27.19 -9.72
N MET B 66 -36.25 26.02 -9.06
CA MET B 66 -35.00 25.40 -8.65
C MET B 66 -34.23 24.76 -9.79
N ILE B 67 -34.89 24.30 -10.85
CA ILE B 67 -34.12 23.86 -12.01
C ILE B 67 -33.56 25.06 -12.75
N LEU B 68 -34.31 26.15 -12.82
CA LEU B 68 -33.91 27.33 -13.57
C LEU B 68 -32.93 28.19 -12.79
N LEU B 69 -32.58 27.76 -11.59
CA LEU B 69 -31.52 28.37 -10.82
C LEU B 69 -30.28 27.49 -10.72
N ILE B 70 -30.43 26.18 -10.86
CA ILE B 70 -29.28 25.28 -10.91
C ILE B 70 -28.63 25.29 -12.28
N ALA B 71 -29.35 25.70 -13.33
CA ALA B 71 -28.76 25.71 -14.67
C ALA B 71 -27.71 26.78 -14.85
N PRO B 72 -27.90 28.03 -14.43
CA PRO B 72 -26.86 29.05 -14.65
C PRO B 72 -25.58 28.77 -13.87
N ALA B 73 -25.71 28.55 -12.57
CA ALA B 73 -24.58 28.16 -11.73
C ALA B 73 -24.70 26.66 -11.49
N TYR B 74 -23.83 25.89 -12.13
CA TYR B 74 -24.08 24.47 -12.31
C TYR B 74 -23.98 23.66 -11.03
N SER B 75 -23.31 24.20 -10.00
CA SER B 75 -23.22 23.55 -8.70
C SER B 75 -22.68 22.14 -8.80
N ILE C 1 10.53 -40.82 -38.07
CA ILE C 1 11.90 -40.45 -37.81
C ILE C 1 11.89 -38.96 -37.43
N ARG C 2 12.52 -38.65 -36.29
CA ARG C 2 12.41 -37.35 -35.62
C ARG C 2 11.03 -37.25 -34.97
N CYS C 3 10.17 -38.22 -35.25
CA CYS C 3 8.82 -38.25 -34.70
C CYS C 3 8.45 -39.58 -34.06
N ILE C 4 9.26 -40.62 -34.22
CA ILE C 4 8.83 -41.97 -33.84
C ILE C 4 8.89 -42.23 -32.35
N GLY C 5 9.35 -41.29 -31.55
CA GLY C 5 9.38 -41.54 -30.13
C GLY C 5 8.45 -40.66 -29.32
N VAL C 6 7.77 -39.74 -29.99
CA VAL C 6 6.93 -38.77 -29.31
C VAL C 6 5.61 -39.42 -28.91
N SER C 7 5.06 -38.98 -27.78
CA SER C 7 3.84 -39.59 -27.27
C SER C 7 2.59 -39.15 -28.03
N ASN C 8 2.52 -37.89 -28.45
CA ASN C 8 1.33 -37.36 -29.10
C ASN C 8 1.54 -37.10 -30.58
N ARG C 9 2.25 -37.99 -31.26
CA ARG C 9 2.37 -37.88 -32.71
C ARG C 9 1.02 -38.14 -33.37
N ASP C 10 0.67 -37.30 -34.34
CA ASP C 10 -0.60 -37.45 -35.00
C ASP C 10 -0.35 -37.86 -36.45
N PHE C 11 -1.27 -38.66 -36.97
CA PHE C 11 -1.20 -39.20 -38.33
C PHE C 11 -2.34 -38.60 -39.13
N VAL C 12 -2.02 -37.88 -40.21
CA VAL C 12 -3.08 -37.19 -40.92
C VAL C 12 -3.22 -37.76 -42.32
N GLU C 13 -4.44 -37.62 -42.85
CA GLU C 13 -4.85 -38.21 -44.11
C GLU C 13 -5.62 -37.18 -44.93
N GLY C 14 -5.74 -37.44 -46.23
CA GLY C 14 -6.68 -36.69 -47.02
C GLY C 14 -6.14 -35.38 -47.54
N MET C 15 -6.13 -35.20 -48.85
CA MET C 15 -5.66 -33.96 -49.44
C MET C 15 -6.68 -33.47 -50.46
N SER C 16 -6.56 -32.19 -50.83
CA SER C 16 -7.41 -31.57 -51.83
C SER C 16 -6.82 -31.84 -53.22
N GLY C 17 -6.94 -33.09 -53.65
CA GLY C 17 -6.30 -33.51 -54.87
C GLY C 17 -4.80 -33.73 -54.73
N GLY C 18 -4.32 -33.90 -53.51
CA GLY C 18 -2.92 -34.14 -53.25
C GLY C 18 -2.05 -32.90 -53.16
N THR C 19 -2.62 -31.71 -53.37
CA THR C 19 -1.79 -30.52 -53.40
C THR C 19 -1.40 -30.06 -51.98
N TRP C 20 -2.36 -29.96 -51.06
CA TRP C 20 -2.01 -29.43 -49.75
C TRP C 20 -2.87 -30.03 -48.65
N VAL C 21 -2.31 -30.03 -47.44
CA VAL C 21 -3.06 -30.30 -46.22
C VAL C 21 -2.76 -29.24 -45.17
N ASP C 22 -3.75 -28.95 -44.32
CA ASP C 22 -3.63 -27.90 -43.30
C ASP C 22 -3.45 -28.50 -41.92
N VAL C 23 -2.46 -28.01 -41.16
CA VAL C 23 -2.11 -28.58 -39.87
C VAL C 23 -1.87 -27.43 -38.90
N VAL C 24 -1.96 -27.75 -37.62
CA VAL C 24 -1.57 -26.84 -36.54
C VAL C 24 -0.40 -27.49 -35.82
N LEU C 25 0.78 -26.93 -36.02
CA LEU C 25 2.02 -27.53 -35.51
C LEU C 25 2.14 -27.22 -34.02
N GLU C 26 1.81 -28.21 -33.20
CA GLU C 26 2.00 -28.11 -31.76
C GLU C 26 3.48 -28.15 -31.40
N HIS C 27 3.84 -27.46 -30.32
CA HIS C 27 5.26 -27.28 -30.04
C HIS C 27 5.82 -28.49 -29.30
N GLY C 28 4.98 -29.17 -28.52
CA GLY C 28 5.36 -30.44 -27.92
C GLY C 28 4.97 -31.67 -28.72
N GLY C 29 4.17 -31.50 -29.77
CA GLY C 29 3.73 -32.60 -30.58
C GLY C 29 4.44 -32.66 -31.93
N CYS C 30 4.18 -33.75 -32.65
CA CYS C 30 4.80 -34.03 -33.93
C CYS C 30 3.75 -34.60 -34.86
N VAL C 31 3.90 -34.34 -36.16
CA VAL C 31 2.86 -34.63 -37.14
C VAL C 31 3.47 -35.44 -38.28
N THR C 32 2.87 -36.58 -38.56
CA THR C 32 3.25 -37.47 -39.64
C THR C 32 2.17 -37.41 -40.71
N VAL C 33 2.55 -36.95 -41.89
CA VAL C 33 1.65 -36.67 -42.99
C VAL C 33 1.91 -37.72 -44.06
N MET C 34 0.87 -38.42 -44.47
CA MET C 34 1.03 -39.48 -45.45
C MET C 34 -0.03 -39.34 -46.52
N ALA C 35 0.39 -39.57 -47.76
CA ALA C 35 -0.45 -39.40 -48.94
C ALA C 35 -0.54 -40.74 -49.66
N GLN C 36 -1.10 -40.71 -50.85
CA GLN C 36 -1.33 -41.97 -51.57
C GLN C 36 -0.02 -42.58 -52.04
N ASP C 37 0.72 -41.87 -52.89
CA ASP C 37 1.89 -42.43 -53.53
C ASP C 37 3.08 -41.48 -53.42
N LYS C 38 3.37 -41.02 -52.21
CA LYS C 38 4.52 -40.15 -51.99
C LYS C 38 4.94 -40.26 -50.53
N PRO C 39 6.23 -40.06 -50.23
CA PRO C 39 6.77 -40.47 -48.93
C PRO C 39 6.19 -39.70 -47.76
N THR C 40 6.15 -40.37 -46.61
CA THR C 40 5.65 -39.79 -45.38
C THR C 40 6.70 -38.90 -44.73
N VAL C 41 6.29 -37.69 -44.34
CA VAL C 41 7.20 -36.69 -43.80
C VAL C 41 6.86 -36.45 -42.35
N ASP C 42 7.88 -36.36 -41.49
CA ASP C 42 7.69 -36.04 -40.08
C ASP C 42 8.06 -34.58 -39.88
N ILE C 43 7.13 -33.80 -39.32
CA ILE C 43 7.23 -32.34 -39.27
C ILE C 43 7.19 -31.91 -37.82
N GLU C 44 8.17 -31.11 -37.39
CA GLU C 44 8.23 -30.72 -35.99
C GLU C 44 8.72 -29.29 -35.88
N LEU C 45 8.05 -28.47 -35.07
CA LEU C 45 8.60 -27.18 -34.68
C LEU C 45 9.44 -27.39 -33.44
N VAL C 46 10.65 -26.87 -33.44
CA VAL C 46 11.64 -27.20 -32.44
C VAL C 46 12.01 -26.00 -31.57
N THR C 47 12.09 -24.80 -32.16
CA THR C 47 12.43 -23.62 -31.38
C THR C 47 11.55 -22.46 -31.84
N THR C 48 11.60 -21.38 -31.06
CA THR C 48 10.98 -20.11 -31.44
C THR C 48 11.83 -18.99 -30.87
N THR C 49 12.79 -18.53 -31.67
CA THR C 49 13.72 -17.50 -31.22
C THR C 49 13.13 -16.11 -31.46
N VAL C 50 12.95 -15.36 -30.39
CA VAL C 50 12.39 -14.01 -30.46
C VAL C 50 13.54 -13.02 -30.39
N SER C 51 13.90 -12.40 -31.51
CA SER C 51 14.98 -11.42 -31.45
C SER C 51 14.43 -10.02 -31.22
N ASN C 52 15.32 -9.10 -30.88
CA ASN C 52 15.02 -7.66 -30.86
C ASN C 52 13.94 -7.32 -29.82
N MET C 53 14.21 -7.68 -28.57
CA MET C 53 13.32 -7.34 -27.47
C MET C 53 13.71 -5.99 -26.90
N ALA C 54 12.80 -5.02 -26.96
CA ALA C 54 13.01 -3.71 -26.38
C ALA C 54 12.29 -3.64 -25.05
N GLU C 55 13.00 -3.21 -24.01
CA GLU C 55 12.45 -3.34 -22.67
C GLU C 55 11.49 -2.19 -22.36
N VAL C 56 10.65 -2.45 -21.37
CA VAL C 56 9.66 -1.52 -20.85
C VAL C 56 9.88 -1.48 -19.35
N ARG C 57 8.88 -0.99 -18.62
CA ARG C 57 8.86 -0.92 -17.16
C ARG C 57 9.66 -2.04 -16.50
N SER C 58 10.56 -1.68 -15.59
CA SER C 58 11.44 -2.66 -14.96
C SER C 58 11.38 -2.48 -13.45
N TYR C 59 10.74 -3.43 -12.78
CA TYR C 59 10.44 -3.36 -11.36
C TYR C 59 11.68 -3.60 -10.51
N CYS C 60 11.61 -3.12 -9.27
CA CYS C 60 12.55 -3.47 -8.23
C CYS C 60 11.85 -4.44 -7.28
N TYR C 61 12.52 -5.53 -6.91
CA TYR C 61 11.88 -6.48 -6.01
C TYR C 61 12.57 -6.64 -4.66
N GLU C 62 13.59 -5.82 -4.37
CA GLU C 62 14.09 -5.72 -3.00
C GLU C 62 14.88 -4.42 -2.88
N ALA C 63 14.46 -3.59 -1.94
CA ALA C 63 14.96 -2.24 -1.75
C ALA C 63 15.90 -2.19 -0.55
N SER C 64 16.42 -1.00 -0.28
CA SER C 64 17.34 -0.78 0.83
C SER C 64 17.19 0.68 1.22
N ILE C 65 16.90 0.89 2.50
CA ILE C 65 16.73 2.22 3.05
C ILE C 65 18.06 2.73 3.59
N SER C 66 18.51 3.86 3.07
CA SER C 66 19.72 4.54 3.52
C SER C 66 19.35 5.52 4.63
N ASP C 67 20.23 6.50 4.88
CA ASP C 67 20.06 7.41 6.01
C ASP C 67 18.63 7.95 6.10
N MET C 68 18.15 8.07 7.33
CA MET C 68 16.80 8.47 7.67
C MET C 68 16.83 9.83 8.35
N ALA C 69 15.69 10.50 8.36
CA ALA C 69 15.47 11.60 9.28
C ALA C 69 13.98 11.87 9.39
N SER C 70 13.64 12.75 10.33
CA SER C 70 12.25 13.09 10.59
C SER C 70 12.22 14.43 11.31
N ASP C 71 11.19 15.23 11.02
CA ASP C 71 11.06 16.53 11.65
C ASP C 71 9.62 16.72 12.09
N SER C 72 9.45 17.29 13.28
CA SER C 72 8.12 17.49 13.85
C SER C 72 7.87 18.97 14.02
N ARG C 73 6.59 19.30 14.17
CA ARG C 73 6.15 20.69 14.25
C ARG C 73 4.97 20.78 15.21
N CYS C 74 4.94 21.89 15.95
CA CYS C 74 3.94 22.10 16.97
C CYS C 74 2.55 22.14 16.35
N PRO C 75 1.52 21.95 17.15
CA PRO C 75 0.16 22.11 16.63
C PRO C 75 -0.09 23.55 16.22
N THR C 76 -0.89 23.73 15.17
CA THR C 76 -1.23 25.00 14.54
C THR C 76 -0.01 25.90 14.35
N GLN C 77 1.17 25.30 14.09
CA GLN C 77 2.34 26.08 13.72
C GLN C 77 2.88 25.65 12.36
N GLY C 78 2.04 25.03 11.54
CA GLY C 78 2.40 24.75 10.15
C GLY C 78 2.48 23.26 9.90
N GLU C 79 3.29 22.90 8.90
CA GLU C 79 3.60 21.52 8.58
C GLU C 79 5.10 21.38 8.39
N ALA C 80 5.61 20.20 8.67
CA ALA C 80 7.04 20.00 8.74
C ALA C 80 7.65 19.91 7.34
N TYR C 81 8.97 20.14 7.29
CA TYR C 81 9.70 20.23 6.03
C TYR C 81 11.15 19.84 6.27
N LEU C 82 11.65 18.91 5.47
CA LEU C 82 13.08 18.67 5.33
C LEU C 82 13.57 19.11 3.97
N ASP C 83 14.91 19.10 3.84
CA ASP C 83 15.54 19.29 2.55
C ASP C 83 15.35 18.08 1.65
N LYS C 84 14.97 16.94 2.21
CA LYS C 84 15.09 15.67 1.52
C LYS C 84 13.80 15.18 0.88
N GLN C 85 12.65 15.76 1.19
CA GLN C 85 11.48 15.43 0.37
C GLN C 85 11.46 16.23 -0.92
N SER C 86 12.31 17.25 -1.03
CA SER C 86 12.52 17.90 -2.32
C SER C 86 13.46 17.11 -3.22
N ASP C 87 13.95 15.96 -2.75
CA ASP C 87 14.72 15.05 -3.59
C ASP C 87 13.83 13.89 -3.99
N THR C 88 13.82 13.57 -5.28
CA THR C 88 12.81 12.65 -5.80
C THR C 88 13.07 11.20 -5.41
N GLN C 89 14.27 10.87 -4.93
CA GLN C 89 14.59 9.48 -4.63
C GLN C 89 14.41 9.11 -3.16
N TYR C 90 13.89 10.01 -2.33
CA TYR C 90 13.62 9.75 -0.92
C TYR C 90 12.12 9.63 -0.72
N VAL C 91 11.68 8.61 0.02
CA VAL C 91 10.26 8.47 0.33
C VAL C 91 9.90 9.12 1.66
N CYS C 92 8.76 9.79 1.67
CA CYS C 92 8.41 10.75 2.70
C CYS C 92 6.92 10.65 2.94
N LYS C 93 6.49 10.70 4.19
CA LYS C 93 5.06 10.78 4.48
C LYS C 93 4.86 11.74 5.63
N ARG C 94 3.81 12.56 5.56
CA ARG C 94 3.50 13.50 6.63
C ARG C 94 2.40 12.86 7.48
N THR C 95 2.58 12.89 8.80
CA THR C 95 1.58 12.36 9.70
C THR C 95 1.60 13.15 11.00
N LEU C 96 0.60 12.87 11.85
CA LEU C 96 0.34 13.62 13.06
C LEU C 96 0.83 12.85 14.28
N VAL C 97 1.56 13.54 15.17
CA VAL C 97 2.06 12.95 16.40
C VAL C 97 1.73 13.88 17.56
N ASP C 98 1.67 13.31 18.77
CA ASP C 98 1.43 14.10 19.97
C ASP C 98 2.66 14.89 20.36
N ARG C 99 2.47 16.20 20.53
CA ARG C 99 3.50 17.11 21.00
C ARG C 99 2.98 17.78 22.27
N GLY C 100 3.88 18.03 23.21
CA GLY C 100 3.48 18.66 24.45
C GLY C 100 4.62 19.41 25.12
N TRP C 101 4.45 19.80 26.38
CA TRP C 101 5.57 20.50 27.03
C TRP C 101 6.73 19.56 27.29
N GLY C 102 6.48 18.25 27.37
CA GLY C 102 7.59 17.33 27.50
C GLY C 102 8.42 17.23 26.25
N ASN C 103 7.79 17.37 25.08
CA ASN C 103 8.51 17.31 23.81
C ASN C 103 8.97 18.67 23.33
N GLY C 104 9.20 19.62 24.24
CA GLY C 104 9.80 20.89 23.90
C GLY C 104 8.87 21.92 23.30
N CYS C 105 7.71 21.53 22.81
CA CYS C 105 6.83 22.48 22.14
C CYS C 105 6.15 23.34 23.21
N GLY C 106 5.21 24.18 22.78
CA GLY C 106 4.53 25.05 23.72
C GLY C 106 3.02 24.92 23.70
N LEU C 107 2.48 24.06 22.86
CA LEU C 107 1.05 23.90 22.75
C LEU C 107 0.71 22.43 22.58
N PHE C 108 -0.14 21.92 23.46
CA PHE C 108 -0.51 20.51 23.43
C PHE C 108 -1.47 20.24 22.29
N GLY C 109 -1.26 19.11 21.61
CA GLY C 109 -2.10 18.73 20.50
C GLY C 109 -1.32 17.89 19.51
N LYS C 110 -2.01 17.55 18.42
CA LYS C 110 -1.41 16.74 17.36
C LYS C 110 -0.44 17.59 16.55
N GLY C 111 0.84 17.23 16.58
CA GLY C 111 1.86 17.93 15.84
C GLY C 111 1.86 17.56 14.37
N SER C 112 3.05 17.57 13.77
CA SER C 112 3.20 17.17 12.38
C SER C 112 4.58 16.57 12.18
N LEU C 113 4.65 15.37 11.60
CA LEU C 113 5.91 14.65 11.47
C LEU C 113 6.14 14.20 10.04
N VAL C 114 7.34 14.52 9.52
CA VAL C 114 7.74 14.16 8.16
C VAL C 114 8.97 13.27 8.25
N THR C 115 8.88 12.08 7.65
CA THR C 115 9.92 11.06 7.75
C THR C 115 10.45 10.76 6.35
N CYS C 116 11.71 11.12 6.09
CA CYS C 116 12.31 10.87 4.79
C CYS C 116 13.30 9.72 4.88
N ALA C 117 13.34 8.90 3.83
CA ALA C 117 14.15 7.71 3.81
C ALA C 117 14.65 7.45 2.40
N LYS C 118 15.96 7.32 2.24
CA LYS C 118 16.59 7.26 0.92
C LYS C 118 16.34 5.89 0.30
N PHE C 119 15.60 5.87 -0.80
CA PHE C 119 15.27 4.61 -1.46
C PHE C 119 16.46 4.20 -2.33
N ALA C 120 16.92 2.96 -2.17
CA ALA C 120 17.99 2.44 -3.01
C ALA C 120 17.71 1.01 -3.41
N CYS C 121 17.61 0.75 -4.71
CA CYS C 121 17.28 -0.57 -5.22
C CYS C 121 18.54 -1.31 -5.68
N SER C 122 18.48 -2.64 -5.57
CA SER C 122 19.60 -3.49 -5.93
C SER C 122 19.22 -4.74 -6.70
N LYS C 123 17.94 -5.07 -6.85
CA LYS C 123 17.49 -6.21 -7.62
C LYS C 123 16.31 -5.79 -8.48
N LYS C 124 16.30 -6.22 -9.74
CA LYS C 124 15.33 -5.73 -10.69
C LYS C 124 14.63 -6.86 -11.41
N MET C 125 13.36 -6.63 -11.72
CA MET C 125 12.61 -7.39 -12.72
C MET C 125 12.58 -6.54 -13.97
N THR C 126 12.58 -7.20 -15.13
CA THR C 126 12.69 -6.49 -16.39
C THR C 126 11.62 -7.00 -17.34
N GLY C 127 10.76 -6.10 -17.80
CA GLY C 127 9.74 -6.48 -18.76
C GLY C 127 10.16 -6.12 -20.17
N LYS C 128 10.37 -7.14 -21.00
CA LYS C 128 10.74 -6.91 -22.40
C LYS C 128 9.51 -7.08 -23.28
N SER C 129 9.30 -6.12 -24.17
CA SER C 129 8.18 -6.16 -25.08
C SER C 129 8.55 -6.92 -26.34
N ILE C 130 7.57 -7.69 -26.85
CA ILE C 130 7.77 -8.49 -28.09
C ILE C 130 6.61 -8.27 -29.07
N GLN C 131 6.96 -7.91 -30.30
CA GLN C 131 6.09 -7.72 -31.44
C GLN C 131 6.24 -8.83 -32.48
N PRO C 132 5.12 -9.23 -33.09
CA PRO C 132 5.12 -10.43 -33.96
C PRO C 132 6.02 -10.33 -35.17
N GLU C 133 6.57 -9.17 -35.49
CA GLU C 133 7.48 -9.06 -36.61
C GLU C 133 8.92 -9.40 -36.24
N ASN C 134 9.10 -10.12 -35.14
CA ASN C 134 10.44 -10.49 -34.68
C ASN C 134 10.51 -11.96 -34.27
N LEU C 135 9.54 -12.76 -34.69
CA LEU C 135 9.50 -14.17 -34.33
C LEU C 135 10.34 -14.95 -35.32
N GLU C 136 10.98 -16.00 -34.82
CA GLU C 136 11.78 -16.87 -35.68
C GLU C 136 11.45 -18.32 -35.29
N TYR C 137 10.41 -18.87 -35.91
CA TYR C 137 10.09 -20.27 -35.69
C TYR C 137 11.11 -21.14 -36.42
N ARG C 138 11.11 -22.43 -36.11
CA ARG C 138 11.92 -23.34 -36.91
C ARG C 138 11.20 -24.68 -37.00
N ILE C 139 10.97 -25.14 -38.23
CA ILE C 139 10.37 -26.42 -38.54
C ILE C 139 11.44 -27.36 -39.07
N MET C 140 11.73 -28.42 -38.33
CA MET C 140 12.60 -29.47 -38.83
C MET C 140 11.73 -30.52 -39.52
N LEU C 141 12.09 -30.91 -40.74
CA LEU C 141 11.35 -31.95 -41.42
C LEU C 141 12.29 -33.13 -41.61
N SER C 142 11.71 -34.33 -41.71
CA SER C 142 12.51 -35.54 -41.93
C SER C 142 11.62 -36.65 -42.48
N VAL C 143 11.85 -37.03 -43.74
CA VAL C 143 10.97 -38.02 -44.37
C VAL C 143 11.45 -39.43 -44.02
N HIS C 144 10.52 -40.37 -44.10
CA HIS C 144 10.82 -41.77 -43.85
C HIS C 144 11.38 -42.40 -45.11
N GLY C 145 12.54 -43.04 -44.99
CA GLY C 145 13.22 -43.61 -46.13
C GLY C 145 14.51 -44.27 -45.71
N SER C 146 15.59 -44.00 -46.43
CA SER C 146 16.85 -44.65 -46.11
C SER C 146 17.43 -44.06 -44.84
N GLN C 147 16.86 -44.41 -43.70
CA GLN C 147 17.32 -43.94 -42.41
C GLN C 147 17.47 -45.13 -41.47
N HIS C 148 18.41 -45.03 -40.54
CA HIS C 148 18.56 -46.01 -39.49
C HIS C 148 18.29 -45.34 -38.15
N SER C 149 18.13 -46.15 -37.11
CA SER C 149 17.60 -45.62 -35.85
C SER C 149 18.52 -44.61 -35.20
N GLY C 150 19.81 -44.60 -35.56
CA GLY C 150 20.72 -43.63 -35.01
C GLY C 150 20.70 -42.36 -35.84
N MET C 151 19.56 -42.08 -36.46
CA MET C 151 19.34 -40.85 -37.21
C MET C 151 17.98 -40.25 -36.90
N ILE C 152 17.44 -40.55 -35.73
CA ILE C 152 16.14 -40.02 -35.33
C ILE C 152 16.24 -38.54 -34.97
N VAL C 153 17.01 -38.21 -33.94
CA VAL C 153 17.20 -36.83 -33.53
C VAL C 153 18.63 -36.38 -33.78
N ASN C 154 19.32 -37.07 -34.68
CA ASN C 154 20.70 -36.77 -35.05
C ASN C 154 20.73 -35.49 -35.89
N ASP C 155 20.42 -34.35 -35.27
CA ASP C 155 20.43 -33.08 -35.99
C ASP C 155 21.83 -32.62 -36.39
N THR C 156 22.86 -33.40 -36.10
CA THR C 156 24.22 -33.02 -36.47
C THR C 156 24.41 -33.21 -37.97
N GLY C 157 24.19 -32.15 -38.73
CA GLY C 157 24.33 -32.20 -40.17
C GLY C 157 23.00 -32.43 -40.85
N HIS C 158 22.49 -31.40 -41.51
CA HIS C 158 21.24 -31.53 -42.25
C HIS C 158 21.24 -30.82 -43.59
N GLU C 159 22.27 -30.05 -43.92
CA GLU C 159 22.33 -29.40 -45.22
C GLU C 159 22.71 -30.35 -46.33
N THR C 160 23.32 -31.48 -45.99
CA THR C 160 23.67 -32.53 -46.94
C THR C 160 23.02 -33.84 -46.55
N ASP C 161 22.01 -33.80 -45.68
CA ASP C 161 21.43 -34.99 -45.11
C ASP C 161 20.47 -35.68 -46.05
N GLU C 162 19.90 -34.95 -47.00
CA GLU C 162 19.15 -35.50 -48.12
C GLU C 162 17.79 -36.02 -47.66
N ASN C 163 17.57 -36.08 -46.35
CA ASN C 163 16.31 -36.49 -45.77
C ASN C 163 15.74 -35.49 -44.78
N ARG C 164 16.54 -34.57 -44.29
CA ARG C 164 16.19 -33.68 -43.20
C ARG C 164 16.48 -32.24 -43.62
N ALA C 165 15.63 -31.31 -43.18
CA ALA C 165 15.89 -29.91 -43.54
C ALA C 165 15.24 -28.95 -42.56
N LYS C 166 15.93 -27.87 -42.20
CA LYS C 166 15.24 -26.83 -41.45
C LYS C 166 14.56 -25.89 -42.42
N VAL C 167 13.48 -25.27 -41.95
CA VAL C 167 12.74 -24.26 -42.68
C VAL C 167 12.49 -23.17 -41.65
N GLU C 168 13.12 -22.01 -41.88
CA GLU C 168 12.91 -20.88 -40.93
C GLU C 168 11.61 -20.19 -41.34
N ILE C 169 10.59 -20.27 -40.48
CA ILE C 169 9.30 -19.60 -40.78
C ILE C 169 9.31 -18.28 -40.03
N THR C 170 9.20 -17.17 -40.76
CA THR C 170 9.25 -15.82 -40.15
C THR C 170 8.11 -14.99 -40.71
N PRO C 171 7.69 -13.91 -40.02
CA PRO C 171 6.63 -13.06 -40.54
C PRO C 171 7.11 -12.44 -41.86
N ASN C 172 8.41 -12.16 -41.99
CA ASN C 172 8.84 -11.51 -43.22
C ASN C 172 8.76 -12.47 -44.41
N SER C 173 9.10 -13.73 -44.19
CA SER C 173 9.07 -14.74 -45.25
C SER C 173 8.31 -15.96 -44.74
N PRO C 174 6.99 -15.82 -44.56
CA PRO C 174 6.23 -16.94 -43.99
C PRO C 174 6.20 -18.15 -44.90
N ARG C 175 5.95 -17.95 -46.19
CA ARG C 175 5.97 -19.07 -47.12
C ARG C 175 7.41 -19.52 -47.31
N ALA C 176 7.61 -20.83 -47.33
CA ALA C 176 8.94 -21.39 -47.52
C ALA C 176 8.85 -22.72 -48.24
N GLU C 177 9.99 -23.19 -48.72
CA GLU C 177 10.07 -24.37 -49.57
C GLU C 177 11.26 -25.18 -49.10
N ALA C 178 11.03 -26.41 -48.66
CA ALA C 178 12.11 -27.22 -48.10
C ALA C 178 12.59 -28.19 -49.16
N THR C 179 13.83 -28.00 -49.57
CA THR C 179 14.48 -28.81 -50.59
C THR C 179 14.91 -30.14 -49.99
N LEU C 180 14.29 -31.24 -50.42
CA LEU C 180 14.71 -32.57 -49.99
C LEU C 180 15.19 -33.26 -51.25
N GLY C 181 16.50 -33.45 -51.35
CA GLY C 181 17.10 -33.98 -52.56
C GLY C 181 16.51 -35.31 -52.96
N GLY C 182 15.96 -35.37 -54.16
CA GLY C 182 15.32 -36.56 -54.68
C GLY C 182 13.84 -36.58 -54.38
N PHE C 183 13.46 -36.14 -53.19
CA PHE C 183 12.05 -36.05 -52.86
C PHE C 183 11.39 -34.79 -53.39
N GLY C 184 12.14 -33.88 -53.96
CA GLY C 184 11.59 -32.62 -54.43
C GLY C 184 11.74 -31.53 -53.39
N SER C 185 10.63 -30.90 -53.01
CA SER C 185 10.67 -29.84 -52.02
C SER C 185 9.27 -29.69 -51.46
N LEU C 186 9.11 -30.04 -50.20
CA LEU C 186 7.86 -29.80 -49.46
C LEU C 186 7.66 -28.31 -49.24
N GLY C 187 6.64 -27.74 -49.90
CA GLY C 187 6.35 -26.34 -49.67
C GLY C 187 5.41 -26.04 -48.51
N LEU C 188 5.85 -25.20 -47.58
CA LEU C 188 5.07 -24.77 -46.43
C LEU C 188 4.57 -23.33 -46.66
N ASP C 189 3.42 -23.01 -46.07
CA ASP C 189 2.79 -21.68 -46.22
C ASP C 189 2.29 -21.14 -44.87
N CYS C 190 3.15 -21.17 -43.86
CA CYS C 190 2.72 -20.87 -42.51
C CYS C 190 2.28 -19.42 -42.38
N GLU C 191 1.59 -19.13 -41.27
CA GLU C 191 1.28 -17.77 -40.86
C GLU C 191 1.76 -17.59 -39.43
N PRO C 192 2.94 -17.00 -39.23
CA PRO C 192 3.52 -16.90 -37.90
C PRO C 192 2.98 -15.77 -37.04
N ARG C 193 2.19 -14.84 -37.59
CA ARG C 193 1.64 -13.79 -36.73
C ARG C 193 0.52 -14.33 -35.86
N THR C 194 -0.36 -15.16 -36.41
CA THR C 194 -1.44 -15.74 -35.62
C THR C 194 -0.96 -17.03 -34.94
N GLY C 195 0.07 -16.86 -34.12
CA GLY C 195 0.58 -17.95 -33.33
C GLY C 195 -0.04 -17.94 -31.95
N LEU C 196 0.76 -17.70 -30.93
CA LEU C 196 0.27 -17.70 -29.55
C LEU C 196 0.01 -16.28 -29.08
N ASP C 197 -0.92 -15.62 -29.78
CA ASP C 197 -1.38 -14.26 -29.46
C ASP C 197 -0.23 -13.41 -28.94
N PHE C 198 0.88 -13.49 -29.66
CA PHE C 198 2.16 -13.05 -29.16
C PHE C 198 2.30 -11.53 -29.05
N SER C 199 1.29 -10.77 -29.43
CA SER C 199 1.27 -9.33 -29.19
C SER C 199 0.69 -8.96 -27.84
N ASP C 200 0.35 -9.92 -27.01
CA ASP C 200 -0.14 -9.63 -25.66
C ASP C 200 0.68 -10.33 -24.59
N LEU C 201 1.99 -10.47 -24.80
CA LEU C 201 2.87 -11.14 -23.86
C LEU C 201 4.14 -10.34 -23.68
N TYR C 202 4.84 -10.58 -22.58
CA TYR C 202 6.16 -10.02 -22.31
C TYR C 202 7.14 -11.14 -22.03
N TYR C 203 8.34 -10.75 -21.59
CA TYR C 203 9.43 -11.69 -21.38
C TYR C 203 10.20 -11.23 -20.15
N LEU C 204 9.83 -11.75 -18.98
CA LEU C 204 10.45 -11.34 -17.72
C LEU C 204 11.91 -11.77 -17.65
N THR C 205 12.61 -11.21 -16.68
CA THR C 205 14.01 -11.54 -16.43
C THR C 205 14.28 -11.30 -14.96
N MET C 206 14.62 -12.37 -14.24
CA MET C 206 14.79 -12.29 -12.79
C MET C 206 15.90 -13.24 -12.39
N ASN C 207 17.07 -12.68 -12.06
CA ASN C 207 18.20 -13.47 -11.58
C ASN C 207 18.55 -14.55 -12.60
N ASN C 208 18.63 -14.14 -13.87
CA ASN C 208 18.86 -15.02 -15.01
C ASN C 208 17.80 -16.11 -15.17
N LYS C 209 16.54 -15.75 -15.03
CA LYS C 209 15.41 -16.61 -15.33
C LYS C 209 14.44 -15.85 -16.22
N HIS C 210 13.88 -16.51 -17.23
CA HIS C 210 13.02 -15.77 -18.14
C HIS C 210 11.66 -16.46 -18.19
N TRP C 211 10.63 -15.66 -18.43
CA TRP C 211 9.27 -16.18 -18.48
C TRP C 211 8.50 -15.50 -19.61
N LEU C 212 7.45 -16.18 -20.06
CA LEU C 212 6.38 -15.56 -20.81
C LEU C 212 5.27 -15.22 -19.83
N VAL C 213 4.89 -13.96 -19.77
CA VAL C 213 3.88 -13.48 -18.83
C VAL C 213 2.93 -12.55 -19.55
N HIS C 214 1.66 -12.63 -19.19
CA HIS C 214 0.65 -11.83 -19.86
C HIS C 214 0.88 -10.34 -19.61
N LYS C 215 0.83 -9.57 -20.69
CA LYS C 215 0.90 -8.10 -20.63
C LYS C 215 0.02 -7.55 -19.52
N GLU C 216 -1.18 -8.08 -19.38
CA GLU C 216 -2.11 -7.56 -18.40
C GLU C 216 -1.64 -7.90 -17.00
N TRP C 217 -0.89 -9.00 -16.84
CA TRP C 217 -0.39 -9.29 -15.51
C TRP C 217 0.79 -8.39 -15.18
N PHE C 218 1.63 -8.08 -16.18
CA PHE C 218 2.83 -7.32 -15.90
C PHE C 218 2.53 -5.86 -15.64
N HIS C 219 1.43 -5.35 -16.20
CA HIS C 219 1.03 -3.99 -15.91
C HIS C 219 0.07 -3.90 -14.73
N ASP C 220 0.02 -4.92 -13.88
CA ASP C 220 -0.82 -4.84 -12.69
C ASP C 220 -0.11 -5.06 -11.37
N ILE C 221 1.11 -5.60 -11.34
CA ILE C 221 1.69 -5.94 -10.04
C ILE C 221 2.25 -4.67 -9.40
N PRO C 222 1.88 -4.39 -8.15
CA PRO C 222 2.27 -3.12 -7.53
C PRO C 222 3.64 -3.14 -6.87
N LEU C 223 4.69 -2.82 -7.62
CA LEU C 223 6.03 -2.82 -7.07
C LEU C 223 6.71 -1.56 -7.56
N PRO C 224 7.71 -1.06 -6.82
CA PRO C 224 8.39 0.19 -7.23
C PRO C 224 9.09 0.02 -8.57
N TRP C 225 8.74 0.87 -9.53
CA TRP C 225 9.23 0.73 -10.91
C TRP C 225 9.81 2.01 -11.46
N HIS C 226 10.87 1.90 -12.24
CA HIS C 226 11.24 2.96 -13.15
C HIS C 226 10.85 2.54 -14.56
N ALA C 227 10.76 3.53 -15.45
CA ALA C 227 10.09 3.32 -16.73
C ALA C 227 10.87 2.42 -17.67
N GLY C 228 12.11 2.04 -17.32
CA GLY C 228 12.92 1.20 -18.14
C GLY C 228 13.74 1.94 -19.19
N ALA C 229 13.24 3.04 -19.71
CA ALA C 229 14.01 3.83 -20.66
C ALA C 229 15.06 4.70 -19.99
N ASP C 230 15.12 4.71 -18.66
CA ASP C 230 16.10 5.47 -17.92
C ASP C 230 17.28 4.58 -17.54
N THR C 231 18.45 4.91 -18.06
CA THR C 231 19.65 4.11 -17.86
C THR C 231 20.69 4.90 -17.08
N GLY C 232 20.24 5.57 -16.03
CA GLY C 232 21.09 6.24 -15.05
C GLY C 232 20.63 5.88 -13.66
N THR C 233 20.55 6.90 -12.81
CA THR C 233 19.85 6.72 -11.55
C THR C 233 18.36 6.64 -11.82
N PRO C 234 17.71 5.52 -11.51
CA PRO C 234 16.29 5.36 -11.85
C PRO C 234 15.39 6.20 -10.95
N HIS C 235 14.19 6.47 -11.44
CA HIS C 235 13.23 7.24 -10.67
C HIS C 235 12.47 6.39 -9.66
N TRP C 236 12.10 5.16 -10.04
CA TRP C 236 11.35 4.23 -9.20
C TRP C 236 10.01 4.82 -8.78
N ASN C 237 9.12 4.97 -9.76
CA ASN C 237 7.75 5.37 -9.45
C ASN C 237 7.12 4.41 -8.45
N ASN C 238 6.26 4.98 -7.60
CA ASN C 238 5.50 4.21 -6.59
C ASN C 238 6.46 3.49 -5.65
N LYS C 239 7.41 4.24 -5.10
CA LYS C 239 8.33 3.69 -4.11
C LYS C 239 7.63 3.21 -2.86
N GLU C 240 6.46 3.74 -2.57
CA GLU C 240 5.84 3.49 -1.27
C GLU C 240 5.29 2.08 -1.15
N ALA C 241 5.48 1.22 -2.15
CA ALA C 241 4.95 -0.13 -2.09
C ALA C 241 5.94 -1.13 -1.50
N LEU C 242 7.19 -0.73 -1.24
CA LEU C 242 8.10 -1.56 -0.48
C LEU C 242 8.47 -1.00 0.87
N VAL C 243 8.35 0.30 1.09
CA VAL C 243 8.63 0.83 2.40
C VAL C 243 7.32 0.81 3.20
N GLU C 244 7.45 0.82 4.52
CA GLU C 244 6.29 0.89 5.38
C GLU C 244 6.58 1.89 6.48
N PHE C 245 5.70 2.88 6.60
CA PHE C 245 5.78 3.90 7.63
C PHE C 245 4.79 3.53 8.71
N LYS C 246 5.26 3.40 9.95
CA LYS C 246 4.31 3.17 11.05
C LYS C 246 4.55 4.17 12.16
N ASP C 247 3.48 4.84 12.59
CA ASP C 247 3.50 5.60 13.83
C ASP C 247 3.26 4.64 14.98
N ALA C 248 4.16 4.65 15.95
CA ALA C 248 3.94 3.76 17.08
C ALA C 248 2.70 4.21 17.83
N HIS C 249 2.82 5.26 18.63
CA HIS C 249 1.68 6.10 19.02
C HIS C 249 2.10 7.56 19.07
N ALA C 250 3.29 7.79 19.60
CA ALA C 250 3.83 9.06 20.02
C ALA C 250 4.72 9.65 18.93
N LYS C 251 5.52 10.66 19.29
CA LYS C 251 6.44 11.29 18.34
C LYS C 251 7.54 10.30 18.00
N ARG C 252 7.19 9.32 17.19
CA ARG C 252 8.09 8.27 16.72
C ARG C 252 7.43 7.67 15.49
N GLN C 253 8.08 7.76 14.33
CA GLN C 253 7.58 7.10 13.13
C GLN C 253 8.72 6.30 12.52
N THR C 254 8.58 4.98 12.53
CA THR C 254 9.62 4.12 11.99
C THR C 254 9.35 3.87 10.52
N VAL C 255 10.42 3.53 9.79
CA VAL C 255 10.33 3.18 8.38
C VAL C 255 11.11 1.91 8.18
N VAL C 256 10.45 0.92 7.59
CA VAL C 256 11.05 -0.39 7.38
C VAL C 256 10.69 -0.89 6.00
N VAL C 257 11.67 -1.34 5.26
CA VAL C 257 11.42 -1.83 3.91
C VAL C 257 10.95 -3.27 3.99
N LEU C 258 9.98 -3.62 3.16
CA LEU C 258 9.56 -5.01 3.06
C LEU C 258 10.62 -5.81 2.31
N GLY C 259 10.56 -7.12 2.49
CA GLY C 259 11.67 -7.97 2.08
C GLY C 259 11.75 -8.14 0.59
N SER C 260 12.60 -9.08 0.18
CA SER C 260 12.76 -9.40 -1.22
C SER C 260 11.52 -10.13 -1.72
N GLN C 261 10.82 -9.53 -2.67
CA GLN C 261 9.58 -10.10 -3.18
C GLN C 261 9.81 -11.14 -4.27
N GLU C 262 11.04 -11.67 -4.40
CA GLU C 262 11.35 -12.61 -5.48
C GLU C 262 10.55 -13.90 -5.33
N GLY C 263 10.48 -14.45 -4.12
CA GLY C 263 9.68 -15.64 -3.97
C GLY C 263 8.19 -15.35 -4.00
N ALA C 264 7.81 -14.10 -3.77
CA ALA C 264 6.40 -13.76 -3.84
C ALA C 264 5.94 -13.70 -5.28
N VAL C 265 6.87 -13.57 -6.23
CA VAL C 265 6.46 -13.49 -7.62
C VAL C 265 6.75 -14.82 -8.29
N HIS C 266 7.68 -15.62 -7.76
CA HIS C 266 7.72 -16.99 -8.22
C HIS C 266 6.44 -17.72 -7.85
N THR C 267 5.92 -17.46 -6.63
CA THR C 267 4.63 -17.98 -6.24
C THR C 267 3.45 -17.22 -6.82
N ALA C 268 3.67 -16.03 -7.38
CA ALA C 268 2.59 -15.27 -7.99
C ALA C 268 2.51 -15.45 -9.49
N LEU C 269 3.47 -16.13 -10.12
CA LEU C 269 3.28 -16.42 -11.52
C LEU C 269 2.39 -17.64 -11.67
N ALA C 270 2.93 -18.82 -11.43
CA ALA C 270 2.15 -20.04 -11.29
C ALA C 270 1.29 -20.32 -12.53
N GLY C 271 1.37 -19.46 -13.52
CA GLY C 271 0.56 -19.56 -14.71
C GLY C 271 1.32 -19.04 -15.91
N ALA C 272 2.59 -18.76 -15.70
CA ALA C 272 3.45 -18.23 -16.73
C ALA C 272 4.23 -19.36 -17.38
N LEU C 273 4.96 -19.03 -18.43
CA LEU C 273 5.77 -20.02 -19.12
C LEU C 273 7.24 -19.75 -18.86
N GLU C 274 8.04 -20.80 -18.87
CA GLU C 274 9.46 -20.66 -18.60
C GLU C 274 10.20 -20.48 -19.92
N ALA C 275 11.30 -19.75 -19.87
CA ALA C 275 12.04 -19.44 -21.08
C ALA C 275 13.47 -19.03 -20.75
N GLU C 276 14.38 -19.54 -21.57
CA GLU C 276 15.80 -19.23 -21.59
C GLU C 276 16.01 -18.20 -22.71
N MET C 277 17.27 -17.81 -22.91
CA MET C 277 17.59 -16.89 -23.98
C MET C 277 19.08 -17.02 -24.27
N ASP C 278 19.41 -17.19 -25.55
CA ASP C 278 20.76 -17.53 -25.99
C ASP C 278 21.51 -16.31 -26.53
N GLY C 279 21.36 -15.17 -25.86
CA GLY C 279 21.96 -13.93 -26.33
C GLY C 279 21.06 -12.74 -26.04
N ALA C 280 20.70 -12.00 -27.08
CA ALA C 280 19.65 -11.00 -26.99
C ALA C 280 18.30 -11.54 -27.46
N LYS C 281 18.27 -12.78 -27.92
CA LYS C 281 17.09 -13.41 -28.48
C LYS C 281 16.63 -14.56 -27.59
N GLY C 282 15.35 -14.53 -27.21
CA GLY C 282 14.79 -15.45 -26.23
C GLY C 282 14.06 -16.65 -26.77
N ARG C 283 14.72 -17.80 -26.81
CA ARG C 283 14.12 -19.03 -27.31
C ARG C 283 13.02 -19.53 -26.38
N LEU C 284 11.85 -19.80 -26.93
CA LEU C 284 10.71 -20.30 -26.18
C LEU C 284 10.59 -21.80 -26.35
N SER C 285 9.78 -22.42 -25.49
CA SER C 285 9.53 -23.85 -25.56
C SER C 285 8.05 -24.19 -25.72
N SER C 286 7.24 -23.24 -26.19
CA SER C 286 5.81 -23.50 -26.33
C SER C 286 5.24 -22.58 -27.38
N GLY C 287 4.05 -22.95 -27.87
CA GLY C 287 3.41 -22.26 -28.96
C GLY C 287 2.91 -23.26 -29.98
N HIS C 288 2.59 -22.76 -31.17
CA HIS C 288 2.12 -23.58 -32.28
C HIS C 288 2.17 -22.73 -33.53
N LEU C 289 1.92 -23.36 -34.68
CA LEU C 289 1.73 -22.62 -35.92
C LEU C 289 0.50 -23.12 -36.66
N LYS C 290 0.13 -22.35 -37.68
CA LYS C 290 -0.94 -22.69 -38.61
C LYS C 290 -0.29 -22.85 -39.97
N CYS C 291 -0.12 -24.09 -40.40
CA CYS C 291 0.84 -24.42 -41.45
C CYS C 291 0.16 -25.17 -42.58
N ARG C 292 0.22 -24.62 -43.78
CA ARG C 292 -0.24 -25.33 -44.96
C ARG C 292 0.92 -26.05 -45.64
N LEU C 293 0.69 -27.33 -45.97
CA LEU C 293 1.69 -28.28 -46.41
C LEU C 293 1.39 -28.55 -47.88
N LYS C 294 2.02 -27.79 -48.76
CA LYS C 294 1.76 -27.92 -50.19
C LYS C 294 2.48 -29.17 -50.68
N MET C 295 1.78 -30.29 -50.52
CA MET C 295 2.23 -31.65 -50.81
C MET C 295 2.18 -31.96 -52.30
N ASP C 296 1.88 -30.99 -53.14
CA ASP C 296 1.64 -31.24 -54.56
C ASP C 296 2.90 -31.71 -55.26
N LYS C 297 4.03 -31.10 -54.94
CA LYS C 297 5.26 -31.28 -55.69
C LYS C 297 6.26 -32.19 -54.99
N LEU C 298 5.81 -32.90 -53.95
CA LEU C 298 6.65 -33.84 -53.21
C LEU C 298 6.59 -35.21 -53.90
N ARG C 299 7.69 -35.62 -54.52
CA ARG C 299 7.68 -36.84 -55.32
C ARG C 299 8.46 -37.95 -54.63
N LEU C 300 8.23 -39.18 -55.10
CA LEU C 300 8.70 -40.39 -54.44
C LEU C 300 10.05 -40.83 -54.99
N LYS C 301 10.98 -41.10 -54.08
CA LYS C 301 12.35 -41.46 -54.43
C LYS C 301 12.48 -42.96 -54.67
N GLY C 302 13.08 -43.33 -55.79
CA GLY C 302 13.43 -44.71 -56.05
C GLY C 302 12.26 -45.64 -56.25
N VAL C 303 11.30 -45.24 -57.08
CA VAL C 303 10.25 -46.17 -57.48
C VAL C 303 10.75 -47.10 -58.58
N SER C 304 11.61 -46.62 -59.47
CA SER C 304 12.12 -47.40 -60.57
C SER C 304 13.27 -48.31 -60.17
N TYR C 305 13.57 -48.42 -58.88
CA TYR C 305 14.66 -49.25 -58.41
C TYR C 305 14.33 -50.72 -58.58
N SER C 306 15.37 -51.54 -58.58
CA SER C 306 15.18 -52.97 -58.53
C SER C 306 14.79 -53.39 -57.11
N LEU C 307 14.11 -54.53 -57.00
CA LEU C 307 13.73 -55.01 -55.68
C LEU C 307 14.92 -55.71 -55.02
N CYS C 308 14.83 -55.94 -53.72
CA CYS C 308 15.94 -56.53 -52.98
C CYS C 308 16.09 -58.01 -53.32
N THR C 309 17.32 -58.51 -53.22
CA THR C 309 17.54 -59.93 -53.49
C THR C 309 17.18 -60.78 -52.28
N ALA C 310 17.93 -60.66 -51.20
CA ALA C 310 17.76 -61.52 -50.03
C ALA C 310 18.62 -60.99 -48.89
N ALA C 311 18.66 -61.76 -47.80
CA ALA C 311 19.55 -61.54 -46.65
C ALA C 311 19.25 -60.26 -45.89
N PHE C 312 18.05 -60.14 -45.34
CA PHE C 312 17.75 -59.13 -44.33
C PHE C 312 17.82 -59.75 -42.95
N THR C 313 18.48 -59.06 -42.02
CA THR C 313 18.66 -59.54 -40.65
C THR C 313 18.24 -58.46 -39.67
N PHE C 314 17.49 -58.83 -38.62
CA PHE C 314 17.21 -57.86 -37.58
C PHE C 314 18.49 -57.43 -36.88
N THR C 315 18.57 -56.15 -36.54
CA THR C 315 19.55 -55.68 -35.58
C THR C 315 18.97 -55.64 -34.18
N LYS C 316 17.69 -55.29 -34.05
CA LYS C 316 17.02 -55.26 -32.77
C LYS C 316 15.55 -55.56 -32.97
N ILE C 317 14.90 -56.00 -31.90
CA ILE C 317 13.51 -56.48 -31.94
C ILE C 317 12.55 -55.33 -32.24
N PRO C 318 11.45 -55.61 -32.95
CA PRO C 318 10.42 -54.58 -33.14
C PRO C 318 9.81 -54.14 -31.82
N ALA C 319 9.45 -52.87 -31.74
CA ALA C 319 8.79 -52.31 -30.57
C ALA C 319 7.54 -51.55 -31.01
N GLU C 320 6.56 -51.51 -30.12
CA GLU C 320 5.29 -50.83 -30.39
C GLU C 320 5.35 -49.39 -29.93
N THR C 321 4.98 -48.46 -30.81
CA THR C 321 5.18 -47.03 -30.56
C THR C 321 3.92 -46.39 -29.98
N LEU C 322 3.39 -46.98 -28.91
CA LEU C 322 2.39 -46.32 -28.06
C LEU C 322 1.09 -46.01 -28.81
N HIS C 323 1.07 -46.27 -30.11
CA HIS C 323 -0.06 -45.92 -30.96
C HIS C 323 -0.63 -47.10 -31.70
N GLY C 324 -0.07 -48.30 -31.50
CA GLY C 324 -0.39 -49.45 -32.28
C GLY C 324 0.61 -49.73 -33.37
N THR C 325 1.29 -48.69 -33.85
CA THR C 325 2.33 -48.87 -34.84
C THR C 325 3.53 -49.55 -34.21
N VAL C 326 4.27 -50.28 -35.03
CA VAL C 326 5.43 -51.03 -34.57
C VAL C 326 6.58 -50.74 -35.52
N THR C 327 7.68 -50.24 -34.97
CA THR C 327 8.85 -49.92 -35.78
C THR C 327 9.77 -51.13 -35.86
N VAL C 328 10.17 -51.48 -37.07
CA VAL C 328 11.00 -52.64 -37.34
C VAL C 328 12.25 -52.16 -38.05
N GLU C 329 13.40 -52.49 -37.50
CA GLU C 329 14.67 -52.05 -38.09
C GLU C 329 15.42 -53.29 -38.56
N VAL C 330 15.67 -53.35 -39.87
CA VAL C 330 16.34 -54.47 -40.51
C VAL C 330 17.74 -54.03 -40.94
N GLN C 331 18.53 -54.98 -41.41
CA GLN C 331 19.89 -54.77 -41.90
C GLN C 331 20.03 -55.56 -43.20
N TYR C 332 20.13 -54.87 -44.33
CA TYR C 332 20.32 -55.56 -45.60
C TYR C 332 21.76 -56.02 -45.76
N ALA C 333 21.92 -57.29 -46.15
CA ALA C 333 23.22 -57.92 -46.37
C ALA C 333 23.35 -58.23 -47.87
N GLY C 334 24.16 -57.45 -48.56
CA GLY C 334 24.33 -57.65 -50.00
C GLY C 334 24.66 -56.36 -50.70
N THR C 335 25.14 -56.50 -51.94
CA THR C 335 25.65 -55.39 -52.71
C THR C 335 24.93 -55.28 -54.06
N ASP C 336 23.60 -55.44 -54.05
CA ASP C 336 22.86 -55.11 -55.27
C ASP C 336 22.73 -53.61 -55.45
N GLY C 337 22.84 -52.85 -54.35
CA GLY C 337 22.80 -51.41 -54.41
C GLY C 337 21.47 -50.82 -53.99
N PRO C 338 21.10 -49.71 -54.62
CA PRO C 338 19.88 -48.99 -54.23
C PRO C 338 18.59 -49.72 -54.61
N CYS C 339 18.14 -50.62 -53.75
CA CYS C 339 16.96 -51.45 -53.99
C CYS C 339 15.87 -51.14 -52.96
N LYS C 340 14.76 -51.87 -53.03
CA LYS C 340 13.56 -51.59 -52.24
C LYS C 340 13.24 -52.76 -51.34
N VAL C 341 13.11 -52.50 -50.05
CA VAL C 341 12.85 -53.52 -49.05
C VAL C 341 11.43 -54.04 -49.26
N PRO C 342 11.25 -55.31 -49.60
CA PRO C 342 9.90 -55.86 -49.88
C PRO C 342 9.17 -56.35 -48.64
N ALA C 343 8.61 -55.43 -47.87
CA ALA C 343 7.98 -55.79 -46.61
C ALA C 343 6.48 -55.50 -46.64
N GLN C 344 5.73 -56.29 -45.89
CA GLN C 344 4.29 -56.11 -45.75
C GLN C 344 3.81 -56.94 -44.57
N MET C 345 2.55 -56.74 -44.21
CA MET C 345 1.94 -57.38 -43.06
C MET C 345 0.99 -58.46 -43.54
N ALA C 346 1.06 -59.62 -42.91
CA ALA C 346 0.36 -60.81 -43.36
C ALA C 346 -0.54 -61.34 -42.24
N VAL C 347 -1.83 -61.41 -42.53
CA VAL C 347 -2.77 -62.24 -41.79
C VAL C 347 -3.15 -63.39 -42.72
N ASP C 348 -3.26 -64.59 -42.15
CA ASP C 348 -3.35 -65.83 -42.93
C ASP C 348 -2.12 -65.96 -43.83
N MET C 349 -0.98 -66.12 -43.16
CA MET C 349 0.33 -66.14 -43.80
C MET C 349 0.38 -67.01 -45.05
N GLN C 350 -0.49 -68.01 -45.13
CA GLN C 350 -0.42 -68.95 -46.25
C GLN C 350 -0.69 -68.26 -47.57
N THR C 351 -1.67 -67.36 -47.62
CA THR C 351 -1.89 -66.58 -48.84
C THR C 351 -0.96 -65.38 -48.95
N LEU C 352 -0.49 -64.84 -47.81
CA LEU C 352 0.44 -63.71 -47.78
C LEU C 352 -0.16 -62.47 -48.45
N THR C 353 -1.21 -61.96 -47.81
CA THR C 353 -1.92 -60.78 -48.30
C THR C 353 -1.55 -59.56 -47.48
N PRO C 354 -1.25 -58.42 -48.10
CA PRO C 354 -1.02 -57.19 -47.32
C PRO C 354 -2.29 -56.70 -46.67
N VAL C 355 -2.18 -56.32 -45.39
CA VAL C 355 -3.37 -56.01 -44.58
C VAL C 355 -3.29 -54.67 -43.87
N GLY C 356 -2.11 -54.13 -43.57
CA GLY C 356 -2.05 -52.92 -42.78
C GLY C 356 -1.25 -51.80 -43.42
N ARG C 357 -1.51 -50.57 -42.99
CA ARG C 357 -0.90 -49.40 -43.62
C ARG C 357 0.58 -49.36 -43.28
N LEU C 358 1.41 -49.83 -44.19
CA LEU C 358 2.85 -49.70 -44.02
C LEU C 358 3.18 -48.21 -44.11
N ILE C 359 3.66 -47.64 -43.01
CA ILE C 359 3.79 -46.19 -42.94
C ILE C 359 4.91 -45.69 -43.86
N THR C 360 6.10 -46.24 -43.72
CA THR C 360 7.23 -45.77 -44.50
C THR C 360 7.09 -46.14 -45.97
N ALA C 361 6.54 -45.22 -46.77
CA ALA C 361 6.43 -45.46 -48.19
C ALA C 361 7.82 -45.64 -48.80
N ASN C 362 7.85 -46.27 -49.98
CA ASN C 362 9.04 -46.68 -50.74
C ASN C 362 10.21 -47.00 -49.83
N PRO C 363 10.15 -48.06 -49.03
CA PRO C 363 11.31 -48.40 -48.19
C PRO C 363 12.52 -48.76 -49.03
N VAL C 364 13.53 -47.91 -49.00
CA VAL C 364 14.63 -47.96 -49.95
C VAL C 364 15.93 -47.92 -49.18
N ILE C 365 16.75 -48.94 -49.36
CA ILE C 365 18.16 -48.87 -49.02
C ILE C 365 18.89 -48.21 -50.18
N THR C 366 19.66 -47.17 -49.87
CA THR C 366 20.36 -46.43 -50.91
C THR C 366 21.83 -46.79 -51.01
N GLU C 367 22.51 -46.99 -49.88
CA GLU C 367 23.93 -47.29 -49.91
C GLU C 367 24.13 -48.75 -50.30
N SER C 368 25.18 -49.01 -51.08
CA SER C 368 25.42 -50.31 -51.69
C SER C 368 26.34 -51.21 -50.87
N THR C 369 26.70 -50.84 -49.65
CA THR C 369 27.64 -51.64 -48.88
C THR C 369 27.00 -52.97 -48.48
N GLU C 370 27.81 -53.87 -47.91
CA GLU C 370 27.32 -55.21 -47.60
C GLU C 370 26.25 -55.19 -46.52
N ASN C 371 26.56 -54.59 -45.38
CA ASN C 371 25.62 -54.49 -44.26
C ASN C 371 25.19 -53.04 -44.14
N SER C 372 23.94 -52.76 -44.50
CA SER C 372 23.34 -51.44 -44.36
C SER C 372 22.06 -51.46 -43.53
N LYS C 373 22.10 -50.82 -42.38
CA LYS C 373 20.92 -50.76 -41.50
C LYS C 373 19.83 -49.89 -42.13
N MET C 374 18.58 -50.23 -41.83
CA MET C 374 17.38 -49.66 -42.43
C MET C 374 16.19 -49.83 -41.51
N MET C 375 15.26 -48.88 -41.57
CA MET C 375 14.19 -48.75 -40.60
C MET C 375 12.86 -48.76 -41.35
N LEU C 376 11.87 -49.41 -40.76
CA LEU C 376 10.54 -49.41 -41.35
C LEU C 376 9.52 -48.95 -40.32
N GLU C 377 8.28 -48.83 -40.77
CA GLU C 377 7.18 -48.35 -39.94
C GLU C 377 5.92 -49.06 -40.37
N LEU C 378 5.15 -49.52 -39.39
CA LEU C 378 4.10 -50.49 -39.64
C LEU C 378 2.84 -50.07 -38.91
N ASP C 379 1.70 -50.50 -39.44
CA ASP C 379 0.42 -50.38 -38.75
C ASP C 379 -0.32 -51.70 -38.90
N PRO C 380 -0.08 -52.65 -38.01
CA PRO C 380 -0.74 -53.94 -38.12
C PRO C 380 -2.22 -53.81 -37.79
N PRO C 381 -3.05 -54.73 -38.28
CA PRO C 381 -4.47 -54.70 -37.91
C PRO C 381 -4.64 -55.14 -36.47
N PHE C 382 -5.85 -54.97 -35.98
CA PHE C 382 -6.09 -55.22 -34.57
C PHE C 382 -6.12 -56.73 -34.30
N GLY C 383 -4.96 -57.32 -34.04
CA GLY C 383 -4.91 -58.75 -33.81
C GLY C 383 -3.59 -59.34 -34.24
N ASP C 384 -3.61 -60.66 -34.38
CA ASP C 384 -2.44 -61.45 -34.73
C ASP C 384 -1.98 -61.18 -36.17
N SER C 385 -0.67 -60.96 -36.35
CA SER C 385 -0.19 -60.61 -37.69
C SER C 385 1.30 -60.89 -37.81
N TYR C 386 1.82 -60.82 -39.04
CA TYR C 386 3.19 -61.24 -39.35
C TYR C 386 3.86 -60.15 -40.17
N ILE C 387 5.16 -59.95 -39.92
CA ILE C 387 5.94 -58.89 -40.55
C ILE C 387 6.94 -59.48 -41.56
N VAL C 388 6.57 -59.57 -42.83
CA VAL C 388 7.47 -60.17 -43.82
C VAL C 388 8.32 -59.10 -44.48
N ILE C 389 9.64 -59.27 -44.41
CA ILE C 389 10.59 -58.27 -44.86
C ILE C 389 11.51 -58.91 -45.92
N GLY C 390 10.96 -59.82 -46.72
CA GLY C 390 11.80 -60.46 -47.72
C GLY C 390 10.99 -61.18 -48.77
N VAL C 391 11.72 -61.82 -49.68
CA VAL C 391 11.15 -62.59 -50.78
C VAL C 391 11.76 -63.99 -50.77
N GLY C 392 10.93 -64.99 -51.01
CA GLY C 392 11.38 -66.37 -51.05
C GLY C 392 11.21 -67.08 -49.72
N GLU C 393 12.05 -68.08 -49.46
CA GLU C 393 11.98 -68.80 -48.21
C GLU C 393 12.89 -68.20 -47.13
N LYS C 394 13.83 -67.35 -47.51
CA LYS C 394 14.68 -66.66 -46.55
C LYS C 394 14.05 -65.36 -46.05
N LYS C 395 12.73 -65.26 -46.14
CA LYS C 395 12.03 -64.10 -45.61
C LYS C 395 12.01 -64.13 -44.09
N ILE C 396 11.80 -62.96 -43.50
CA ILE C 396 11.69 -62.80 -42.06
C ILE C 396 10.22 -62.68 -41.70
N THR C 397 9.77 -63.52 -40.78
CA THR C 397 8.40 -63.46 -40.29
C THR C 397 8.41 -63.32 -38.76
N HIS C 398 7.90 -62.19 -38.27
CA HIS C 398 7.91 -61.89 -36.84
C HIS C 398 6.45 -61.87 -36.38
N HIS C 399 6.11 -62.74 -35.43
CA HIS C 399 4.76 -62.76 -34.90
C HIS C 399 4.50 -61.51 -34.06
N TRP C 400 3.46 -60.75 -34.42
CA TRP C 400 3.12 -59.57 -33.65
C TRP C 400 1.68 -59.62 -33.17
N HIS C 401 1.48 -59.22 -31.91
CA HIS C 401 0.15 -59.06 -31.32
C HIS C 401 0.07 -57.65 -30.77
N ARG C 402 -0.84 -56.83 -31.27
CA ARG C 402 -1.04 -55.50 -30.70
C ARG C 402 -2.28 -55.50 -29.81
N SER C 403 -2.08 -55.21 -28.53
CA SER C 403 -3.16 -55.16 -27.57
C SER C 403 -4.03 -53.93 -27.79
N GLY C 404 -5.28 -54.14 -28.15
CA GLY C 404 -6.20 -53.03 -28.35
C GLY C 404 -7.48 -53.44 -29.05
N SER C 405 -8.20 -52.47 -29.60
CA SER C 405 -9.47 -52.73 -30.25
C SER C 405 -9.85 -51.49 -31.05
N THR C 406 -10.87 -51.65 -31.88
CA THR C 406 -11.26 -50.55 -32.78
C THR C 406 -12.08 -49.48 -32.06
N ILE C 407 -13.04 -49.87 -31.23
CA ILE C 407 -13.80 -48.85 -30.51
C ILE C 407 -12.99 -48.25 -29.37
N GLY C 408 -11.94 -48.95 -28.93
CA GLY C 408 -11.04 -48.34 -27.98
C GLY C 408 -10.16 -47.29 -28.62
N LYS C 409 -9.77 -47.51 -29.88
CA LYS C 409 -9.03 -46.48 -30.57
C LYS C 409 -9.93 -45.32 -30.94
N ALA C 410 -11.21 -45.58 -31.24
CA ALA C 410 -12.06 -44.45 -31.57
C ALA C 410 -12.44 -43.60 -30.35
N PHE C 411 -12.50 -44.19 -29.15
CA PHE C 411 -12.71 -43.26 -28.04
C PHE C 411 -11.40 -42.64 -27.58
N GLU C 412 -10.27 -43.31 -27.77
CA GLU C 412 -9.03 -42.65 -27.38
C GLU C 412 -8.73 -41.50 -28.33
N ALA C 413 -9.13 -41.61 -29.60
CA ALA C 413 -8.88 -40.47 -30.47
C ALA C 413 -9.98 -39.43 -30.42
N THR C 414 -11.16 -39.77 -29.88
CA THR C 414 -12.13 -38.71 -29.68
C THR C 414 -11.71 -37.86 -28.49
N VAL C 415 -11.25 -38.50 -27.41
CA VAL C 415 -10.72 -37.72 -26.29
C VAL C 415 -9.43 -37.02 -26.70
N ARG C 416 -8.65 -37.61 -27.60
CA ARG C 416 -7.39 -37.00 -28.00
C ARG C 416 -7.63 -35.72 -28.80
N GLY C 417 -8.66 -35.74 -29.65
CA GLY C 417 -9.00 -34.51 -30.33
C GLY C 417 -9.86 -33.57 -29.52
N ALA C 418 -10.34 -34.03 -28.36
CA ALA C 418 -11.05 -33.08 -27.52
C ALA C 418 -10.08 -32.39 -26.57
N LYS C 419 -9.01 -33.06 -26.17
CA LYS C 419 -7.95 -32.32 -25.49
C LYS C 419 -7.28 -31.37 -26.48
N ARG C 420 -7.13 -31.79 -27.74
CA ARG C 420 -6.53 -30.86 -28.69
C ARG C 420 -7.45 -29.66 -28.94
N MET C 421 -8.77 -29.86 -28.90
CA MET C 421 -9.67 -28.72 -29.12
C MET C 421 -9.81 -27.89 -27.85
N ALA C 422 -9.48 -28.46 -26.69
CA ALA C 422 -9.43 -27.70 -25.46
C ALA C 422 -8.14 -26.90 -25.32
N VAL C 423 -7.02 -27.41 -25.85
CA VAL C 423 -5.77 -26.67 -25.77
C VAL C 423 -5.78 -25.51 -26.75
N LEU C 424 -6.16 -25.78 -28.00
CA LEU C 424 -6.15 -24.78 -29.05
C LEU C 424 -7.45 -24.00 -29.13
N GLY C 425 -8.57 -24.71 -29.19
CA GLY C 425 -9.84 -24.02 -29.32
C GLY C 425 -10.21 -23.80 -30.77
N ASP C 426 -9.94 -22.61 -31.28
CA ASP C 426 -10.31 -22.29 -32.66
C ASP C 426 -9.42 -23.02 -33.65
N THR C 427 -8.12 -23.04 -33.40
CA THR C 427 -7.18 -23.55 -34.39
C THR C 427 -7.22 -25.06 -34.52
N ALA C 428 -7.76 -25.77 -33.53
CA ALA C 428 -7.76 -27.22 -33.62
C ALA C 428 -8.76 -27.74 -34.64
N TRP C 429 -9.58 -26.87 -35.22
CA TRP C 429 -10.42 -27.31 -36.33
C TRP C 429 -9.66 -27.30 -37.64
N ASP C 430 -8.44 -26.78 -37.65
CA ASP C 430 -7.62 -26.77 -38.84
C ASP C 430 -6.33 -27.53 -38.60
N PHE C 431 -6.43 -28.67 -37.92
CA PHE C 431 -5.29 -29.55 -37.76
C PHE C 431 -5.18 -30.56 -38.89
N GLY C 432 -6.30 -30.99 -39.44
CA GLY C 432 -6.27 -31.88 -40.58
C GLY C 432 -7.27 -31.46 -41.62
N SER C 433 -7.56 -30.16 -41.66
CA SER C 433 -8.60 -29.65 -42.53
C SER C 433 -8.14 -29.67 -43.99
N VAL C 434 -9.03 -30.07 -44.88
CA VAL C 434 -8.80 -30.02 -46.31
C VAL C 434 -9.56 -28.90 -46.98
N GLY C 435 -10.36 -28.16 -46.24
CA GLY C 435 -11.16 -27.09 -46.80
C GLY C 435 -12.54 -27.61 -47.14
N GLY C 436 -13.52 -27.31 -46.31
CA GLY C 436 -14.85 -27.85 -46.49
C GLY C 436 -15.91 -26.81 -46.20
N ALA C 437 -17.15 -27.18 -46.50
CA ALA C 437 -18.29 -26.35 -46.13
C ALA C 437 -18.77 -26.62 -44.71
N LEU C 438 -18.22 -27.62 -44.02
CA LEU C 438 -18.58 -27.91 -42.65
C LEU C 438 -17.41 -27.79 -41.69
N ASN C 439 -16.21 -28.21 -42.09
CA ASN C 439 -15.04 -28.03 -41.26
C ASN C 439 -14.59 -26.57 -41.21
N SER C 440 -15.13 -25.73 -42.09
CA SER C 440 -14.96 -24.29 -41.98
C SER C 440 -16.23 -23.59 -41.52
N LEU C 441 -17.33 -24.31 -41.35
CA LEU C 441 -18.49 -23.77 -40.66
C LEU C 441 -18.48 -24.13 -39.19
N GLY C 442 -18.09 -25.36 -38.88
CA GLY C 442 -17.83 -25.74 -37.50
C GLY C 442 -16.72 -24.90 -36.88
N LYS C 443 -15.82 -24.39 -37.72
CA LYS C 443 -14.82 -23.48 -37.19
C LYS C 443 -15.40 -22.11 -36.91
N GLY C 444 -16.26 -21.59 -37.77
CA GLY C 444 -16.82 -20.28 -37.47
C GLY C 444 -17.77 -20.31 -36.28
N ILE C 445 -18.47 -21.42 -36.09
CA ILE C 445 -19.30 -21.56 -34.90
C ILE C 445 -18.48 -21.86 -33.68
N HIS C 446 -17.26 -22.35 -33.82
CA HIS C 446 -16.47 -22.55 -32.62
C HIS C 446 -15.70 -21.30 -32.25
N GLN C 447 -15.25 -20.52 -33.23
CA GLN C 447 -14.56 -19.26 -32.92
C GLN C 447 -15.52 -18.21 -32.37
N ILE C 448 -16.79 -18.27 -32.76
CA ILE C 448 -17.77 -17.34 -32.19
C ILE C 448 -18.03 -17.67 -30.73
N PHE C 449 -18.25 -18.94 -30.41
CA PHE C 449 -18.45 -19.28 -29.00
C PHE C 449 -17.17 -19.12 -28.21
N GLY C 450 -16.01 -19.33 -28.82
CA GLY C 450 -14.77 -19.14 -28.07
C GLY C 450 -14.53 -17.68 -27.72
N ALA C 451 -14.95 -16.76 -28.59
CA ALA C 451 -14.83 -15.36 -28.23
C ALA C 451 -15.95 -14.94 -27.28
N ALA C 452 -17.09 -15.61 -27.32
CA ALA C 452 -18.18 -15.39 -26.38
C ALA C 452 -18.09 -16.29 -25.17
N PHE C 453 -16.94 -16.86 -24.91
CA PHE C 453 -16.60 -17.61 -23.71
C PHE C 453 -15.35 -17.08 -23.02
N LYS C 454 -14.34 -16.66 -23.77
CA LYS C 454 -13.18 -16.03 -23.18
C LYS C 454 -13.50 -14.63 -22.68
N SER C 455 -14.52 -14.00 -23.24
CA SER C 455 -14.96 -12.68 -22.77
C SER C 455 -16.00 -12.79 -21.67
N LEU C 456 -16.77 -13.86 -21.66
CA LEU C 456 -17.75 -14.06 -20.60
C LEU C 456 -17.08 -14.66 -19.37
N PHE C 457 -16.50 -15.85 -19.51
CA PHE C 457 -15.69 -16.45 -18.46
C PHE C 457 -14.24 -16.01 -18.66
N GLY C 458 -13.79 -15.05 -17.87
CA GLY C 458 -12.43 -14.57 -17.96
C GLY C 458 -11.45 -15.54 -17.34
N GLY C 459 -10.34 -14.98 -16.85
CA GLY C 459 -9.31 -15.77 -16.26
C GLY C 459 -9.74 -16.48 -14.99
N MET C 460 -9.70 -17.81 -15.01
CA MET C 460 -10.11 -18.63 -13.87
C MET C 460 -9.16 -19.81 -13.80
N SER C 461 -8.36 -19.87 -12.75
CA SER C 461 -7.23 -20.81 -12.67
C SER C 461 -7.69 -22.20 -12.23
N TRP C 462 -8.55 -22.78 -13.06
CA TRP C 462 -9.01 -24.16 -12.93
C TRP C 462 -9.89 -24.39 -11.70
N PHE C 463 -9.56 -23.74 -10.59
CA PHE C 463 -10.30 -24.12 -9.40
C PHE C 463 -11.66 -23.46 -9.44
N SER C 464 -11.71 -22.25 -9.96
CA SER C 464 -12.97 -21.53 -9.99
C SER C 464 -13.77 -22.02 -11.17
N GLN C 465 -13.09 -22.59 -12.17
CA GLN C 465 -13.80 -23.19 -13.28
C GLN C 465 -14.54 -24.43 -12.83
N ILE C 466 -13.91 -25.22 -11.95
CA ILE C 466 -14.62 -26.39 -11.43
C ILE C 466 -15.71 -25.96 -10.45
N LEU C 467 -15.45 -24.92 -9.67
CA LEU C 467 -16.48 -24.42 -8.75
C LEU C 467 -17.71 -23.95 -9.50
N ILE C 468 -17.52 -23.23 -10.60
CA ILE C 468 -18.67 -22.73 -11.35
C ILE C 468 -19.29 -23.82 -12.22
N GLY C 469 -18.52 -24.81 -12.66
CA GLY C 469 -19.12 -25.93 -13.33
C GLY C 469 -20.07 -26.65 -12.39
N THR C 470 -19.52 -27.29 -11.35
CA THR C 470 -20.36 -27.92 -10.34
C THR C 470 -21.48 -27.00 -9.87
N LEU C 471 -21.23 -25.69 -9.90
CA LEU C 471 -22.27 -24.72 -9.53
C LEU C 471 -23.38 -24.69 -10.56
N LEU C 472 -23.05 -24.87 -11.83
CA LEU C 472 -24.02 -24.94 -12.92
C LEU C 472 -24.68 -26.32 -13.09
N MET C 473 -24.17 -27.39 -12.48
CA MET C 473 -24.98 -28.60 -12.43
C MET C 473 -26.29 -28.42 -11.67
N TRP C 474 -26.24 -27.80 -10.49
CA TRP C 474 -27.50 -27.61 -9.77
C TRP C 474 -28.39 -26.55 -10.39
N LEU C 475 -27.84 -25.63 -11.17
CA LEU C 475 -28.67 -24.64 -11.85
C LEU C 475 -29.06 -25.04 -13.25
N GLY C 476 -28.65 -26.23 -13.69
CA GLY C 476 -29.12 -26.78 -14.95
C GLY C 476 -30.13 -27.87 -14.67
N LEU C 477 -30.17 -28.32 -13.41
CA LEU C 477 -31.15 -29.26 -12.94
C LEU C 477 -32.38 -28.59 -12.32
N ASN C 478 -32.42 -27.26 -12.29
CA ASN C 478 -33.53 -26.53 -11.72
C ASN C 478 -33.94 -25.42 -12.68
N THR C 479 -34.92 -24.63 -12.25
CA THR C 479 -35.46 -23.54 -13.07
C THR C 479 -35.91 -24.07 -14.43
N LYS C 480 -36.99 -24.86 -14.38
CA LYS C 480 -37.48 -25.53 -15.57
C LYS C 480 -37.78 -24.55 -16.69
N ASN C 481 -36.96 -24.60 -17.74
CA ASN C 481 -37.08 -23.71 -18.88
C ASN C 481 -36.29 -24.33 -20.02
N GLY C 482 -36.39 -23.70 -21.19
CA GLY C 482 -35.56 -24.13 -22.30
C GLY C 482 -34.08 -23.88 -22.10
N SER C 483 -33.74 -22.87 -21.29
CA SER C 483 -32.35 -22.66 -20.92
C SER C 483 -31.94 -23.42 -19.66
N ILE C 484 -32.27 -24.71 -19.60
CA ILE C 484 -31.66 -25.60 -18.63
C ILE C 484 -30.50 -26.29 -19.33
N SER C 485 -30.64 -26.40 -20.66
CA SER C 485 -29.52 -26.77 -21.53
C SER C 485 -28.42 -25.70 -21.52
N LEU C 486 -28.80 -24.43 -21.69
CA LEU C 486 -27.78 -23.39 -21.82
C LEU C 486 -26.95 -23.24 -20.56
N MET C 487 -27.43 -23.73 -19.44
CA MET C 487 -26.64 -23.78 -18.23
C MET C 487 -26.02 -25.15 -18.01
N CYS C 488 -26.46 -26.16 -18.76
CA CYS C 488 -25.79 -27.45 -18.80
C CYS C 488 -24.90 -27.67 -20.02
N LEU C 489 -25.12 -26.94 -21.12
CA LEU C 489 -24.16 -26.99 -22.23
C LEU C 489 -22.84 -26.34 -21.85
N ALA C 490 -22.87 -25.27 -21.05
CA ALA C 490 -21.69 -24.67 -20.46
C ALA C 490 -21.42 -25.19 -19.07
N LEU C 491 -21.86 -26.42 -18.80
CA LEU C 491 -21.47 -27.21 -17.66
C LEU C 491 -20.36 -28.20 -17.98
N GLY C 492 -20.62 -29.10 -18.91
CA GLY C 492 -19.60 -30.02 -19.37
C GLY C 492 -18.52 -29.32 -20.16
N GLY C 493 -18.88 -28.29 -20.92
CA GLY C 493 -17.95 -27.52 -21.71
C GLY C 493 -16.95 -26.73 -20.92
N VAL C 494 -17.12 -26.60 -19.61
CA VAL C 494 -16.22 -25.80 -18.79
C VAL C 494 -15.42 -26.65 -17.81
N LEU C 495 -16.05 -27.63 -17.15
CA LEU C 495 -15.27 -28.51 -16.26
C LEU C 495 -14.35 -29.44 -17.05
N ILE C 496 -14.78 -29.95 -18.20
CA ILE C 496 -13.84 -30.80 -18.96
C ILE C 496 -12.83 -29.92 -19.68
N PHE C 497 -13.18 -28.66 -19.93
CA PHE C 497 -12.23 -27.67 -20.41
C PHE C 497 -11.10 -27.49 -19.40
N LEU C 498 -11.37 -27.82 -18.13
CA LEU C 498 -10.42 -27.72 -17.04
C LEU C 498 -9.90 -29.06 -16.56
N SER C 499 -10.70 -30.13 -16.73
CA SER C 499 -10.27 -31.46 -16.30
C SER C 499 -8.94 -31.85 -16.92
N THR C 500 -8.89 -31.97 -18.24
CA THR C 500 -7.71 -32.48 -18.92
C THR C 500 -6.79 -31.31 -19.32
N ALA C 501 -6.22 -30.70 -18.30
CA ALA C 501 -5.33 -29.57 -18.50
C ALA C 501 -3.92 -29.91 -18.00
N ALA D 1 3.52 -3.90 -2.26
CA ALA D 1 4.03 -5.24 -2.48
C ALA D 1 3.15 -6.27 -1.80
N VAL D 2 2.11 -5.79 -1.11
CA VAL D 2 1.23 -6.70 -0.39
C VAL D 2 0.19 -7.38 -1.26
N THR D 3 -0.04 -6.88 -2.48
CA THR D 3 -1.15 -7.34 -3.32
C THR D 3 -0.68 -7.70 -4.72
N LEU D 4 0.37 -8.51 -4.80
CA LEU D 4 0.85 -9.06 -6.06
C LEU D 4 -0.23 -9.92 -6.70
N PRO D 5 -0.76 -9.52 -7.85
CA PRO D 5 -1.82 -10.31 -8.48
C PRO D 5 -1.29 -11.58 -9.11
N SER D 6 -2.07 -12.64 -9.02
CA SER D 6 -1.67 -13.92 -9.57
C SER D 6 -1.82 -13.93 -11.09
N HIS D 7 -0.82 -14.46 -11.77
CA HIS D 7 -0.90 -14.71 -13.20
C HIS D 7 -1.66 -16.00 -13.52
N SER D 8 -2.05 -16.75 -12.50
CA SER D 8 -2.82 -17.97 -12.76
C SER D 8 -4.17 -17.67 -13.36
N THR D 9 -4.70 -16.46 -13.16
CA THR D 9 -5.95 -16.08 -13.81
C THR D 9 -5.79 -16.01 -15.33
N ARG D 10 -4.88 -15.18 -15.81
CA ARG D 10 -4.68 -14.98 -17.25
C ARG D 10 -3.74 -16.07 -17.74
N LYS D 11 -4.31 -17.27 -17.83
CA LYS D 11 -3.54 -18.49 -18.06
C LYS D 11 -2.98 -18.56 -19.48
N LEU D 12 -1.68 -18.79 -19.59
CA LEU D 12 -1.05 -19.07 -20.88
C LEU D 12 -1.37 -20.52 -21.24
N GLN D 13 -2.41 -20.71 -22.05
CA GLN D 13 -2.81 -22.06 -22.42
C GLN D 13 -1.98 -22.55 -23.59
N THR D 14 -1.34 -23.70 -23.42
CA THR D 14 -0.42 -24.24 -24.40
C THR D 14 -0.41 -25.76 -24.26
N ARG D 15 0.45 -26.41 -25.05
CA ARG D 15 0.59 -27.85 -24.90
C ARG D 15 1.62 -28.23 -23.85
N SER D 16 2.70 -27.47 -23.73
CA SER D 16 3.67 -27.71 -22.67
C SER D 16 3.06 -27.41 -21.32
N GLN D 17 3.86 -27.58 -20.27
CA GLN D 17 3.39 -27.33 -18.92
C GLN D 17 3.86 -25.95 -18.47
N THR D 18 2.95 -25.19 -17.85
CA THR D 18 3.28 -23.84 -17.45
C THR D 18 4.12 -23.91 -16.18
N TRP D 19 4.30 -22.78 -15.50
CA TRP D 19 5.35 -22.70 -14.48
C TRP D 19 5.06 -23.61 -13.30
N LEU D 20 3.92 -23.42 -12.64
CA LEU D 20 3.54 -24.25 -11.49
C LEU D 20 2.12 -24.77 -11.66
N GLU D 21 2.00 -25.92 -12.30
CA GLU D 21 0.73 -26.64 -12.30
C GLU D 21 0.71 -27.79 -11.31
N SER D 22 1.86 -28.37 -10.97
CA SER D 22 1.83 -29.42 -9.97
C SER D 22 1.41 -28.87 -8.62
N ARG D 23 1.88 -27.68 -8.27
CA ARG D 23 1.51 -27.08 -6.98
C ARG D 23 0.36 -26.10 -7.13
N GLU D 24 -0.70 -26.52 -7.81
CA GLU D 24 -1.83 -25.63 -8.03
C GLU D 24 -3.16 -26.33 -7.89
N TYR D 25 -3.20 -27.66 -8.05
CA TYR D 25 -4.46 -28.39 -7.98
C TYR D 25 -4.94 -28.49 -6.54
N THR D 26 -4.02 -28.63 -5.60
CA THR D 26 -4.33 -28.63 -4.17
C THR D 26 -3.74 -27.42 -3.47
N LYS D 27 -3.62 -26.30 -4.17
CA LYS D 27 -3.08 -25.11 -3.53
C LYS D 27 -4.15 -24.46 -2.65
N HIS D 28 -5.32 -24.17 -3.21
CA HIS D 28 -6.37 -23.51 -2.44
C HIS D 28 -7.14 -24.45 -1.52
N LEU D 29 -7.07 -25.77 -1.75
CA LEU D 29 -7.79 -26.68 -0.86
C LEU D 29 -7.13 -26.77 0.51
N ILE D 30 -5.82 -26.60 0.59
CA ILE D 30 -5.17 -26.70 1.88
C ILE D 30 -5.55 -25.48 2.73
N ARG D 31 -5.41 -24.28 2.17
CA ARG D 31 -5.67 -23.07 2.93
C ARG D 31 -7.14 -22.94 3.35
N VAL D 32 -8.03 -23.66 2.66
CA VAL D 32 -9.41 -23.78 3.14
C VAL D 32 -9.50 -24.77 4.29
N GLU D 33 -8.98 -25.98 4.13
CA GLU D 33 -9.15 -26.91 5.23
C GLU D 33 -8.31 -26.50 6.43
N ASN D 34 -7.26 -25.71 6.22
CA ASN D 34 -6.50 -25.14 7.32
C ASN D 34 -7.24 -24.00 8.00
N TRP D 35 -8.10 -23.29 7.25
CA TRP D 35 -8.81 -22.24 7.95
C TRP D 35 -9.95 -22.84 8.75
N ILE D 36 -10.62 -23.84 8.18
CA ILE D 36 -11.70 -24.49 8.91
C ILE D 36 -11.14 -25.26 10.10
N PHE D 37 -9.94 -25.83 9.95
CA PHE D 37 -9.27 -26.51 11.04
C PHE D 37 -8.81 -25.57 12.14
N ARG D 38 -8.52 -24.32 11.81
CA ARG D 38 -8.13 -23.41 12.89
C ARG D 38 -9.29 -22.63 13.48
N ASN D 39 -10.36 -22.39 12.72
CA ASN D 39 -11.53 -21.69 13.24
C ASN D 39 -12.76 -22.55 13.01
N PRO D 40 -12.89 -23.68 13.71
CA PRO D 40 -13.99 -24.60 13.42
C PRO D 40 -15.33 -24.10 13.92
N GLY D 41 -15.36 -23.20 14.89
CA GLY D 41 -16.68 -22.83 15.36
C GLY D 41 -17.40 -21.91 14.41
N PHE D 42 -16.70 -21.42 13.40
CA PHE D 42 -17.35 -20.55 12.44
C PHE D 42 -18.21 -21.38 11.53
N ALA D 43 -17.91 -22.68 11.43
CA ALA D 43 -18.78 -23.56 10.67
C ALA D 43 -20.16 -23.64 11.31
N LEU D 44 -20.24 -23.51 12.64
CA LEU D 44 -21.55 -23.36 13.25
C LEU D 44 -22.18 -22.01 12.91
N ALA D 45 -21.37 -20.96 12.89
CA ALA D 45 -21.94 -19.65 12.62
C ALA D 45 -22.26 -19.49 11.16
N ALA D 46 -21.61 -20.25 10.32
CA ALA D 46 -21.96 -20.19 8.92
C ALA D 46 -23.21 -21.02 8.66
N ALA D 47 -23.37 -22.18 9.31
CA ALA D 47 -24.59 -22.91 9.04
C ALA D 47 -25.78 -22.23 9.68
N ALA D 48 -25.56 -21.60 10.82
CA ALA D 48 -26.61 -20.87 11.50
C ALA D 48 -26.97 -19.65 10.71
N ILE D 49 -26.05 -19.16 9.89
CA ILE D 49 -26.35 -18.04 9.04
C ILE D 49 -26.92 -18.48 7.69
N ALA D 50 -26.50 -19.62 7.17
CA ALA D 50 -27.05 -20.04 5.88
C ALA D 50 -28.53 -20.42 5.96
N TRP D 51 -28.96 -21.05 7.05
CA TRP D 51 -30.36 -21.47 7.14
C TRP D 51 -31.37 -20.34 7.35
N LEU D 52 -31.02 -19.24 8.02
CA LEU D 52 -31.97 -18.13 8.10
C LEU D 52 -31.97 -17.23 6.88
N LEU D 53 -30.92 -17.25 6.06
CA LEU D 53 -30.92 -16.40 4.87
C LEU D 53 -31.45 -17.09 3.62
N GLY D 54 -31.28 -18.41 3.48
CA GLY D 54 -31.70 -19.08 2.26
C GLY D 54 -33.20 -19.30 2.20
N SER D 55 -33.67 -19.64 1.00
CA SER D 55 -35.08 -19.95 0.77
C SER D 55 -35.39 -21.43 0.93
N SER D 56 -34.79 -22.28 0.09
CA SER D 56 -34.96 -23.72 0.15
C SER D 56 -33.67 -24.38 0.62
N THR D 57 -33.75 -25.68 0.93
CA THR D 57 -32.62 -26.36 1.54
C THR D 57 -31.46 -26.51 0.56
N SER D 58 -31.75 -26.94 -0.67
CA SER D 58 -30.70 -26.96 -1.68
C SER D 58 -30.27 -25.55 -2.07
N GLN D 59 -30.96 -24.52 -1.57
CA GLN D 59 -30.51 -23.15 -1.70
C GLN D 59 -29.79 -22.64 -0.46
N LYS D 60 -29.99 -23.28 0.70
CA LYS D 60 -29.21 -22.91 1.88
C LYS D 60 -27.89 -23.66 1.95
N VAL D 61 -27.77 -24.79 1.26
CA VAL D 61 -26.53 -25.56 1.27
C VAL D 61 -25.46 -24.84 0.46
N ILE D 62 -25.87 -24.23 -0.65
CA ILE D 62 -24.96 -23.44 -1.46
C ILE D 62 -24.51 -22.18 -0.74
N TYR D 63 -25.43 -21.51 -0.04
CA TYR D 63 -25.01 -20.46 0.87
C TYR D 63 -23.99 -20.93 1.90
N LEU D 64 -24.15 -22.15 2.43
CA LEU D 64 -23.15 -22.65 3.38
C LEU D 64 -21.80 -22.92 2.73
N VAL D 65 -21.81 -23.40 1.49
CA VAL D 65 -20.55 -23.59 0.80
C VAL D 65 -19.92 -22.23 0.56
N MET D 66 -20.68 -21.33 -0.03
CA MET D 66 -20.14 -20.10 -0.55
C MET D 66 -19.76 -19.14 0.57
N ILE D 67 -20.27 -19.36 1.80
CA ILE D 67 -19.71 -18.65 2.95
C ILE D 67 -18.42 -19.31 3.43
N LEU D 68 -18.34 -20.64 3.45
CA LEU D 68 -17.06 -21.26 3.83
C LEU D 68 -16.07 -21.20 2.69
N LEU D 69 -16.43 -20.44 1.67
CA LEU D 69 -15.55 -20.20 0.54
C LEU D 69 -15.23 -18.72 0.39
N ILE D 70 -16.05 -17.83 0.94
CA ILE D 70 -15.65 -16.42 1.05
C ILE D 70 -14.70 -16.23 2.22
N ALA D 71 -15.03 -16.82 3.36
CA ALA D 71 -14.37 -16.45 4.61
C ALA D 71 -12.87 -16.74 4.68
N PRO D 72 -12.36 -17.90 4.27
CA PRO D 72 -10.91 -18.14 4.44
C PRO D 72 -10.03 -17.29 3.57
N ALA D 73 -10.58 -16.61 2.56
CA ALA D 73 -9.77 -15.78 1.68
C ALA D 73 -9.91 -14.30 1.95
N TYR D 74 -10.95 -13.88 2.65
CA TYR D 74 -11.20 -12.49 2.99
C TYR D 74 -11.45 -11.63 1.76
N SER D 75 -11.80 -12.25 0.64
CA SER D 75 -11.96 -11.51 -0.61
C SER D 75 -13.00 -12.16 -1.49
N ILE E 1 2.01 15.24 34.39
CA ILE E 1 3.45 15.11 34.54
C ILE E 1 3.90 13.69 34.18
N ARG E 2 4.38 13.55 32.94
CA ARG E 2 4.60 12.32 32.17
C ARG E 2 3.30 11.71 31.66
N CYS E 3 2.15 12.30 31.97
CA CYS E 3 0.87 11.85 31.45
C CYS E 3 0.15 12.97 30.73
N ILE E 4 0.75 14.14 30.62
CA ILE E 4 0.05 15.32 30.13
C ILE E 4 0.07 15.47 28.62
N GLY E 5 0.93 14.74 27.91
CA GLY E 5 1.01 14.92 26.49
C GLY E 5 0.48 13.74 25.69
N VAL E 6 0.03 12.72 26.38
CA VAL E 6 -0.43 11.50 25.73
C VAL E 6 -1.91 11.64 25.43
N SER E 7 -2.32 11.13 24.26
CA SER E 7 -3.71 11.23 23.86
C SER E 7 -4.62 10.24 24.57
N ASN E 8 -4.09 9.08 24.96
CA ASN E 8 -4.91 8.01 25.52
C ASN E 8 -4.82 7.93 27.04
N ARG E 9 -4.68 9.06 27.72
CA ARG E 9 -4.71 9.03 29.18
C ARG E 9 -6.15 8.89 29.65
N ASP E 10 -6.35 8.09 30.69
CA ASP E 10 -7.66 7.85 31.28
C ASP E 10 -7.56 8.16 32.76
N PHE E 11 -8.60 8.80 33.29
CA PHE E 11 -8.59 9.25 34.67
C PHE E 11 -9.44 8.30 35.51
N VAL E 12 -8.79 7.67 36.49
CA VAL E 12 -9.40 6.70 37.40
C VAL E 12 -9.41 7.30 38.80
N GLU E 13 -10.59 7.74 39.22
CA GLU E 13 -10.79 8.31 40.56
C GLU E 13 -11.95 7.60 41.21
N GLY E 14 -11.90 7.51 42.54
CA GLY E 14 -12.93 6.79 43.28
C GLY E 14 -12.49 5.39 43.65
N MET E 15 -12.42 5.10 44.94
CA MET E 15 -11.87 3.84 45.44
C MET E 15 -12.89 3.14 46.31
N SER E 16 -12.51 1.97 46.81
CA SER E 16 -13.35 1.18 47.71
C SER E 16 -13.12 1.66 49.14
N GLY E 17 -13.64 2.85 49.41
CA GLY E 17 -13.39 3.52 50.67
C GLY E 17 -12.01 4.13 50.78
N GLY E 18 -11.26 4.22 49.67
CA GLY E 18 -9.93 4.76 49.68
C GLY E 18 -8.82 3.75 49.81
N THR E 19 -9.13 2.45 49.77
CA THR E 19 -8.10 1.43 49.99
C THR E 19 -7.28 1.16 48.74
N TRP E 20 -7.93 0.71 47.67
CA TRP E 20 -7.28 0.32 46.43
C TRP E 20 -8.16 0.62 45.24
N VAL E 21 -7.53 0.74 44.06
CA VAL E 21 -8.26 0.77 42.80
C VAL E 21 -7.58 -0.10 41.74
N ASP E 22 -8.39 -0.81 40.96
CA ASP E 22 -7.90 -1.81 40.02
C ASP E 22 -7.84 -1.26 38.61
N VAL E 23 -6.63 -1.18 38.04
CA VAL E 23 -6.42 -0.50 36.77
C VAL E 23 -5.87 -1.53 35.79
N VAL E 24 -6.14 -1.30 34.50
CA VAL E 24 -5.59 -2.13 33.45
C VAL E 24 -4.57 -1.26 32.74
N LEU E 25 -3.33 -1.38 33.17
CA LEU E 25 -2.32 -0.38 32.89
C LEU E 25 -1.64 -0.72 31.57
N GLU E 26 -2.16 -0.17 30.48
CA GLU E 26 -1.68 -0.51 29.14
C GLU E 26 -0.33 0.12 28.82
N HIS E 27 0.17 -0.24 27.64
CA HIS E 27 1.53 0.07 27.24
C HIS E 27 1.64 1.36 26.43
N GLY E 28 0.60 1.73 25.70
CA GLY E 28 0.61 2.99 25.00
C GLY E 28 -0.21 4.03 25.74
N GLY E 29 -1.04 3.57 26.65
CA GLY E 29 -1.80 4.47 27.49
C GLY E 29 -1.07 4.85 28.76
N CYS E 30 -1.56 5.91 29.38
CA CYS E 30 -1.06 6.35 30.67
C CYS E 30 -2.27 6.57 31.58
N VAL E 31 -2.06 6.49 32.88
CA VAL E 31 -3.15 6.41 33.84
C VAL E 31 -2.90 7.41 34.95
N THR E 32 -3.89 8.27 35.22
CA THR E 32 -3.81 9.23 36.31
C THR E 32 -4.78 8.85 37.41
N VAL E 33 -4.25 8.43 38.56
CA VAL E 33 -5.06 7.96 39.68
C VAL E 33 -5.08 9.06 40.72
N MET E 34 -6.28 9.47 41.12
CA MET E 34 -6.44 10.56 42.07
C MET E 34 -7.51 10.21 43.09
N ALA E 35 -7.36 10.76 44.30
CA ALA E 35 -8.37 10.65 45.34
C ALA E 35 -8.71 12.05 45.84
N GLN E 36 -9.58 12.10 46.85
CA GLN E 36 -9.92 13.37 47.47
C GLN E 36 -8.92 13.80 48.53
N ASP E 37 -8.13 12.85 49.05
CA ASP E 37 -7.21 13.10 50.14
C ASP E 37 -5.78 12.74 49.77
N LYS E 38 -5.55 12.22 48.58
CA LYS E 38 -4.30 11.54 48.28
C LYS E 38 -3.67 12.09 47.01
N PRO E 39 -2.35 12.15 46.94
CA PRO E 39 -1.70 12.77 45.78
C PRO E 39 -1.90 11.91 44.55
N THR E 40 -2.30 12.56 43.46
CA THR E 40 -2.54 11.84 42.21
C THR E 40 -1.22 11.48 41.57
N VAL E 41 -1.14 10.24 41.06
CA VAL E 41 0.12 9.73 40.44
C VAL E 41 -0.17 9.21 39.04
N ASP E 42 0.70 9.54 38.08
CA ASP E 42 0.54 9.07 36.71
C ASP E 42 1.45 7.88 36.46
N ILE E 43 0.83 6.77 36.11
CA ILE E 43 1.41 5.44 36.09
C ILE E 43 1.31 4.92 34.66
N GLU E 44 2.45 4.51 34.10
CA GLU E 44 2.56 4.18 32.68
C GLU E 44 3.47 2.98 32.57
N LEU E 45 3.02 1.95 31.86
CA LEU E 45 3.87 0.83 31.49
C LEU E 45 4.69 1.22 30.27
N VAL E 46 6.01 1.06 30.38
CA VAL E 46 6.93 1.60 29.40
C VAL E 46 7.57 0.49 28.56
N THR E 47 7.95 -0.62 29.17
CA THR E 47 8.54 -1.71 28.40
C THR E 47 7.97 -3.04 28.87
N THR E 48 8.23 -4.08 28.09
CA THR E 48 7.89 -5.44 28.44
C THR E 48 8.97 -6.30 27.81
N THR E 49 10.01 -6.64 28.57
CA THR E 49 11.11 -7.41 28.02
C THR E 49 10.92 -8.90 28.29
N VAL E 50 10.98 -9.71 27.24
CA VAL E 50 10.93 -11.16 27.39
C VAL E 50 12.35 -11.74 27.31
N SER E 51 12.77 -12.44 28.36
CA SER E 51 14.14 -12.90 28.53
C SER E 51 14.23 -14.39 28.25
N ASN E 52 15.46 -14.87 28.00
CA ASN E 52 15.77 -16.30 27.98
C ASN E 52 14.92 -17.05 26.94
N MET E 53 15.22 -16.75 25.69
CA MET E 53 14.49 -17.32 24.57
C MET E 53 14.97 -18.74 24.24
N ALA E 54 14.05 -19.69 24.23
CA ALA E 54 14.30 -21.02 23.69
C ALA E 54 13.94 -21.05 22.21
N GLU E 55 14.51 -22.01 21.48
CA GLU E 55 14.36 -22.06 20.03
C GLU E 55 13.42 -23.20 19.65
N VAL E 56 12.48 -22.90 18.74
CA VAL E 56 11.61 -23.91 18.15
C VAL E 56 11.79 -23.70 16.65
N ARG E 57 10.90 -24.27 15.84
CA ARG E 57 11.05 -24.35 14.39
C ARG E 57 11.82 -23.17 13.82
N SER E 58 12.86 -23.42 13.03
CA SER E 58 13.62 -22.34 12.41
C SER E 58 13.58 -22.57 10.91
N TYR E 59 12.68 -21.87 10.23
CA TYR E 59 12.43 -22.11 8.82
C TYR E 59 13.54 -21.54 7.95
N CYS E 60 13.71 -22.13 6.77
CA CYS E 60 14.63 -21.65 5.75
C CYS E 60 13.85 -20.98 4.64
N TYR E 61 14.10 -19.69 4.42
CA TYR E 61 13.29 -18.89 3.53
C TYR E 61 14.01 -18.42 2.29
N GLU E 62 15.27 -18.83 2.08
CA GLU E 62 15.97 -18.57 0.83
C GLU E 62 17.01 -19.68 0.69
N ALA E 63 16.70 -20.67 -0.14
CA ALA E 63 17.53 -21.85 -0.27
C ALA E 63 18.38 -21.76 -1.54
N SER E 64 19.24 -22.75 -1.72
CA SER E 64 20.20 -22.76 -2.82
C SER E 64 20.55 -24.20 -3.12
N ILE E 65 20.30 -24.61 -4.35
CA ILE E 65 20.56 -25.98 -4.79
C ILE E 65 21.99 -26.07 -5.30
N SER E 66 22.81 -26.83 -4.59
CA SER E 66 24.18 -27.11 -5.00
C SER E 66 24.21 -28.41 -5.80
N ASP E 67 25.39 -29.03 -5.90
CA ASP E 67 25.67 -30.17 -6.78
C ASP E 67 24.48 -31.10 -6.95
N MET E 68 24.24 -31.49 -8.20
CA MET E 68 23.14 -32.33 -8.63
C MET E 68 23.69 -33.60 -9.26
N ALA E 69 22.80 -34.56 -9.49
CA ALA E 69 23.06 -35.61 -10.49
C ALA E 69 21.76 -36.32 -10.81
N SER E 70 21.83 -37.25 -11.75
CA SER E 70 20.66 -37.97 -12.24
C SER E 70 21.12 -39.26 -12.91
N ASP E 71 20.19 -40.18 -13.09
CA ASP E 71 20.42 -41.47 -13.73
C ASP E 71 19.10 -42.01 -14.26
N SER E 72 19.13 -42.54 -15.49
CA SER E 72 17.94 -43.09 -16.11
C SER E 72 18.19 -44.45 -16.76
N ARG E 73 17.18 -45.31 -16.71
CA ARG E 73 17.22 -46.61 -17.36
C ARG E 73 16.06 -46.73 -18.35
N CYS E 74 16.18 -47.70 -19.25
CA CYS E 74 15.18 -47.90 -20.29
C CYS E 74 13.89 -48.45 -19.68
N PRO E 75 12.78 -48.38 -20.42
CA PRO E 75 11.51 -48.86 -19.88
C PRO E 75 11.51 -50.36 -19.68
N THR E 76 10.59 -50.80 -18.82
CA THR E 76 10.47 -52.20 -18.41
C THR E 76 11.82 -52.77 -17.99
N GLN E 77 12.66 -51.93 -17.38
CA GLN E 77 13.97 -52.40 -16.95
C GLN E 77 14.32 -51.86 -15.57
N GLY E 78 13.33 -51.49 -14.76
CA GLY E 78 13.56 -51.08 -13.40
C GLY E 78 13.59 -49.58 -13.26
N GLU E 79 13.64 -49.13 -12.02
CA GLU E 79 13.74 -47.70 -11.74
C GLU E 79 15.16 -47.40 -11.26
N ALA E 80 15.52 -46.11 -11.31
CA ALA E 80 16.90 -45.72 -11.12
C ALA E 80 17.26 -45.61 -9.64
N TYR E 81 18.54 -45.81 -9.34
CA TYR E 81 19.05 -45.73 -7.98
C TYR E 81 20.40 -45.05 -8.03
N LEU E 82 20.46 -43.81 -7.57
CA LEU E 82 21.69 -43.04 -7.48
C LEU E 82 22.16 -42.99 -6.03
N ASP E 83 23.48 -42.91 -5.85
CA ASP E 83 24.06 -43.11 -4.53
C ASP E 83 23.62 -42.05 -3.52
N LYS E 84 23.24 -40.87 -3.98
CA LYS E 84 22.73 -39.85 -3.07
C LYS E 84 21.21 -39.81 -3.02
N GLN E 85 20.54 -40.96 -3.12
CA GLN E 85 19.10 -40.96 -2.90
C GLN E 85 18.72 -41.31 -1.48
N SER E 86 19.52 -42.13 -0.79
CA SER E 86 19.33 -42.44 0.60
C SER E 86 19.98 -41.43 1.55
N ASP E 87 20.57 -40.37 1.01
CA ASP E 87 21.07 -39.27 1.81
C ASP E 87 19.96 -38.27 2.06
N THR E 88 19.87 -37.79 3.30
CA THR E 88 18.82 -36.85 3.68
C THR E 88 19.23 -35.39 3.57
N GLN E 89 20.48 -35.08 3.23
CA GLN E 89 20.83 -33.72 2.90
C GLN E 89 20.61 -33.41 1.42
N TYR E 90 20.17 -34.38 0.64
CA TYR E 90 19.78 -34.16 -0.74
C TYR E 90 18.28 -34.35 -0.85
N VAL E 91 17.67 -33.69 -1.83
CA VAL E 91 16.28 -33.89 -2.16
C VAL E 91 16.23 -34.61 -3.49
N CYS E 92 15.24 -35.48 -3.66
CA CYS E 92 15.29 -36.45 -4.74
C CYS E 92 13.90 -36.63 -5.29
N LYS E 93 13.79 -36.73 -6.60
CA LYS E 93 12.49 -37.03 -7.19
C LYS E 93 12.58 -38.01 -8.35
N ARG E 94 11.69 -38.99 -8.33
CA ARG E 94 11.58 -40.00 -9.38
C ARG E 94 10.41 -39.62 -10.28
N THR E 95 10.54 -39.92 -11.56
CA THR E 95 9.47 -39.65 -12.51
C THR E 95 9.58 -40.64 -13.67
N LEU E 96 8.58 -40.59 -14.55
CA LEU E 96 8.48 -41.46 -15.72
C LEU E 96 8.45 -40.59 -16.96
N VAL E 97 9.50 -40.67 -17.77
CA VAL E 97 9.62 -39.87 -18.97
C VAL E 97 9.53 -40.77 -20.19
N ASP E 98 9.29 -40.14 -21.34
CA ASP E 98 9.17 -40.86 -22.60
C ASP E 98 10.53 -41.37 -23.05
N ARG E 99 10.66 -42.68 -23.23
CA ARG E 99 11.92 -43.30 -23.61
C ARG E 99 11.68 -44.20 -24.81
N GLY E 100 12.37 -43.92 -25.90
CA GLY E 100 12.24 -44.71 -27.10
C GLY E 100 13.56 -44.98 -27.79
N TRP E 101 13.51 -45.34 -29.07
CA TRP E 101 14.76 -45.62 -29.79
C TRP E 101 15.62 -44.38 -29.96
N GLY E 102 15.02 -43.19 -29.93
CA GLY E 102 15.80 -41.98 -30.02
C GLY E 102 16.62 -41.69 -28.79
N ASN E 103 16.25 -42.28 -27.67
CA ASN E 103 16.91 -42.01 -26.40
C ASN E 103 18.09 -42.94 -26.16
N GLY E 104 18.08 -44.12 -26.76
CA GLY E 104 19.11 -45.10 -26.54
C GLY E 104 18.49 -46.42 -26.13
N CYS E 105 17.24 -46.36 -25.72
CA CYS E 105 16.53 -47.53 -25.24
C CYS E 105 16.27 -48.50 -26.40
N GLY E 106 15.65 -49.62 -26.09
CA GLY E 106 15.32 -50.60 -27.10
C GLY E 106 13.89 -51.03 -26.98
N LEU E 107 13.07 -50.21 -26.32
CA LEU E 107 11.66 -50.49 -26.15
C LEU E 107 10.95 -49.20 -25.80
N PHE E 108 9.94 -48.85 -26.58
CA PHE E 108 9.22 -47.60 -26.37
C PHE E 108 8.33 -47.70 -25.14
N GLY E 109 8.29 -46.61 -24.38
CA GLY E 109 7.53 -46.59 -23.14
C GLY E 109 8.11 -45.54 -22.21
N LYS E 110 7.51 -45.47 -21.02
CA LYS E 110 7.93 -44.51 -20.01
C LYS E 110 9.12 -45.06 -19.23
N GLY E 111 10.21 -44.31 -19.22
CA GLY E 111 11.44 -44.72 -18.56
C GLY E 111 11.40 -44.56 -17.06
N SER E 112 12.54 -44.20 -16.49
CA SER E 112 12.64 -43.98 -15.06
C SER E 112 13.76 -43.00 -14.77
N LEU E 113 13.42 -41.92 -14.09
CA LEU E 113 14.30 -40.78 -13.94
C LEU E 113 14.36 -40.39 -12.48
N VAL E 114 15.56 -40.08 -12.01
CA VAL E 114 15.79 -39.65 -10.63
C VAL E 114 16.67 -38.40 -10.70
N THR E 115 16.21 -37.32 -10.08
CA THR E 115 17.00 -36.10 -10.01
C THR E 115 17.23 -35.75 -8.55
N CYS E 116 18.50 -35.68 -8.18
CA CYS E 116 18.94 -35.35 -6.83
C CYS E 116 19.55 -33.95 -6.82
N ALA E 117 19.22 -33.17 -5.80
CA ALA E 117 19.69 -31.81 -5.69
C ALA E 117 20.10 -31.57 -4.25
N LYS E 118 21.28 -31.03 -4.03
CA LYS E 118 21.74 -30.85 -2.65
C LYS E 118 21.03 -29.64 -2.08
N PHE E 119 20.27 -29.84 -1.02
CA PHE E 119 19.58 -28.73 -0.37
C PHE E 119 20.59 -28.10 0.57
N ALA E 120 20.88 -26.82 0.37
CA ALA E 120 21.82 -26.09 1.22
C ALA E 120 21.22 -24.74 1.56
N CYS E 121 20.77 -24.57 2.79
CA CYS E 121 20.09 -23.34 3.18
C CYS E 121 21.09 -22.24 3.50
N SER E 122 20.74 -21.02 3.10
CA SER E 122 21.63 -19.87 3.24
C SER E 122 21.39 -19.09 4.53
N LYS E 123 20.17 -18.59 4.72
CA LYS E 123 19.83 -17.84 5.91
C LYS E 123 18.41 -18.20 6.31
N LYS E 124 18.20 -18.44 7.61
CA LYS E 124 16.97 -19.05 8.07
C LYS E 124 16.23 -18.17 9.06
N MET E 125 14.91 -18.27 9.01
CA MET E 125 14.06 -17.73 10.06
C MET E 125 14.31 -18.51 11.35
N THR E 126 14.07 -17.87 12.49
CA THR E 126 14.25 -18.53 13.78
C THR E 126 13.09 -18.15 14.69
N GLY E 127 12.35 -19.13 15.18
CA GLY E 127 11.22 -18.83 16.04
C GLY E 127 11.39 -19.11 17.52
N LYS E 128 11.59 -18.06 18.30
CA LYS E 128 11.87 -18.22 19.72
C LYS E 128 10.58 -18.30 20.53
N SER E 129 10.65 -18.99 21.66
CA SER E 129 9.53 -19.21 22.57
C SER E 129 9.55 -18.15 23.66
N ILE E 130 8.37 -17.65 24.00
CA ILE E 130 8.23 -16.63 25.03
C ILE E 130 7.31 -17.19 26.11
N GLN E 131 7.86 -17.44 27.28
CA GLN E 131 7.14 -18.15 28.32
C GLN E 131 7.03 -17.34 29.59
N PRO E 132 5.89 -17.43 30.28
CA PRO E 132 5.52 -16.43 31.29
C PRO E 132 6.42 -16.34 32.51
N GLU E 133 7.35 -17.24 32.73
CA GLU E 133 8.22 -17.05 33.89
C GLU E 133 9.45 -16.20 33.61
N ASN E 134 9.51 -15.50 32.47
CA ASN E 134 10.67 -14.67 32.16
C ASN E 134 10.38 -13.18 32.06
N LEU E 135 9.13 -12.75 32.19
CA LEU E 135 8.77 -11.35 31.97
C LEU E 135 9.21 -10.42 33.10
N GLU E 136 9.65 -9.21 32.72
CA GLU E 136 10.08 -8.15 33.67
C GLU E 136 9.51 -6.82 33.16
N TYR E 137 8.28 -6.51 33.56
CA TYR E 137 7.56 -5.30 33.12
C TYR E 137 8.07 -4.06 33.85
N ARG E 138 8.63 -3.08 33.14
CA ARG E 138 8.93 -1.82 33.80
C ARG E 138 7.73 -0.87 33.70
N ILE E 139 7.22 -0.49 34.85
CA ILE E 139 6.12 0.45 35.03
C ILE E 139 6.64 1.72 35.69
N MET E 140 6.79 2.81 34.93
CA MET E 140 7.20 4.07 35.54
C MET E 140 6.02 4.80 36.18
N LEU E 141 6.27 5.37 37.37
CA LEU E 141 5.28 6.16 38.09
C LEU E 141 5.89 7.55 38.29
N SER E 142 5.01 8.54 38.43
CA SER E 142 5.43 9.92 38.69
C SER E 142 4.29 10.69 39.33
N VAL E 143 4.51 11.21 40.52
CA VAL E 143 3.44 11.89 41.25
C VAL E 143 3.43 13.37 40.88
N HIS E 144 2.23 13.93 40.90
CA HIS E 144 2.05 15.36 40.65
C HIS E 144 2.43 16.16 41.88
N GLY E 145 3.29 17.15 41.70
CA GLY E 145 3.69 17.96 42.82
C GLY E 145 4.73 19.00 42.49
N SER E 146 5.76 19.07 43.32
CA SER E 146 6.79 20.10 43.18
C SER E 146 7.71 19.75 42.02
N GLN E 147 7.17 19.91 40.81
CA GLN E 147 7.92 19.67 39.58
C GLN E 147 7.59 20.73 38.56
N HIS E 148 8.54 20.98 37.66
CA HIS E 148 8.39 21.97 36.61
C HIS E 148 8.35 21.29 35.24
N SER E 149 8.38 22.12 34.19
CA SER E 149 8.09 21.63 32.85
C SER E 149 9.19 20.70 32.33
N GLY E 150 10.41 20.86 32.80
CA GLY E 150 11.47 19.98 32.36
C GLY E 150 11.61 18.73 33.20
N MET E 151 10.49 18.15 33.62
CA MET E 151 10.52 16.85 34.27
C MET E 151 9.41 15.94 33.75
N ILE E 152 9.03 16.11 32.49
CA ILE E 152 7.98 15.29 31.91
C ILE E 152 8.62 14.12 31.17
N VAL E 153 9.44 14.41 30.16
CA VAL E 153 10.22 13.36 29.52
C VAL E 153 11.59 13.19 30.17
N ASN E 154 11.99 14.13 31.02
CA ASN E 154 13.29 14.14 31.69
C ASN E 154 13.41 12.90 32.55
N ASP E 155 14.26 11.97 32.13
CA ASP E 155 14.37 10.69 32.82
C ASP E 155 15.80 10.33 33.21
N THR E 156 16.78 11.14 32.85
CA THR E 156 18.17 10.80 33.13
C THR E 156 18.49 10.97 34.61
N GLY E 157 18.38 9.88 35.36
CA GLY E 157 18.63 9.92 36.79
C GLY E 157 17.32 10.09 37.53
N HIS E 158 16.79 9.00 38.09
CA HIS E 158 15.49 9.05 38.75
C HIS E 158 15.48 8.42 40.13
N GLU E 159 16.49 7.65 40.50
CA GLU E 159 16.50 7.10 41.86
C GLU E 159 16.76 8.17 42.91
N THR E 160 17.14 9.38 42.50
CA THR E 160 17.37 10.49 43.41
C THR E 160 16.47 11.68 43.07
N ASP E 161 15.21 11.41 42.73
CA ASP E 161 14.25 12.45 42.38
C ASP E 161 13.07 12.54 43.33
N GLU E 162 12.79 11.50 44.13
CA GLU E 162 11.85 11.58 45.24
C GLU E 162 10.41 11.65 44.75
N ASN E 163 10.21 11.86 43.45
CA ASN E 163 8.88 11.96 42.87
C ASN E 163 8.53 10.85 41.91
N ARG E 164 9.51 10.28 41.24
CA ARG E 164 9.31 9.33 40.17
C ARG E 164 10.09 8.06 40.46
N ALA E 165 9.59 6.93 39.95
CA ALA E 165 10.29 5.68 40.22
C ALA E 165 9.88 4.60 39.23
N LYS E 166 10.81 3.70 38.94
CA LYS E 166 10.41 2.49 38.21
C LYS E 166 10.24 1.33 39.17
N VAL E 167 9.25 0.51 38.90
CA VAL E 167 8.91 -0.65 39.74
C VAL E 167 8.88 -1.87 38.83
N GLU E 168 10.01 -2.56 38.70
CA GLU E 168 10.00 -3.67 37.75
C GLU E 168 9.27 -4.83 38.41
N ILE E 169 8.08 -5.12 37.90
CA ILE E 169 7.23 -6.16 38.44
C ILE E 169 7.31 -7.38 37.53
N THR E 170 8.13 -8.31 37.88
CA THR E 170 8.16 -9.63 37.27
C THR E 170 7.20 -10.58 37.97
N PRO E 171 6.67 -11.61 37.28
CA PRO E 171 5.85 -12.61 37.97
C PRO E 171 6.64 -13.46 38.94
N ASN E 172 7.97 -13.37 38.94
CA ASN E 172 8.75 -13.96 40.01
C ASN E 172 8.59 -13.16 41.29
N SER E 173 8.18 -11.90 41.18
CA SER E 173 7.81 -11.07 42.34
C SER E 173 6.58 -10.27 41.94
N PRO E 174 5.41 -10.91 41.91
CA PRO E 174 4.24 -10.29 41.26
C PRO E 174 3.67 -9.10 41.99
N ARG E 175 4.24 -8.73 43.13
CA ARG E 175 3.82 -7.54 43.85
C ARG E 175 5.05 -6.74 44.24
N ALA E 176 4.95 -5.42 44.08
CA ALA E 176 6.06 -4.53 44.44
C ALA E 176 5.53 -3.27 45.09
N GLU E 177 6.46 -2.50 45.66
CA GLU E 177 6.12 -1.30 46.41
C GLU E 177 7.20 -0.26 46.10
N ALA E 178 6.77 0.94 45.70
CA ALA E 178 7.70 2.01 45.34
C ALA E 178 7.75 3.06 46.44
N THR E 179 8.96 3.29 46.95
CA THR E 179 9.22 4.30 47.96
C THR E 179 9.19 5.66 47.26
N LEU E 180 8.09 6.38 47.40
CA LEU E 180 7.99 7.73 46.86
C LEU E 180 8.29 8.64 48.04
N GLY E 181 9.57 8.99 48.20
CA GLY E 181 10.02 9.68 49.40
C GLY E 181 9.21 10.91 49.71
N GLY E 182 8.73 11.01 50.94
CA GLY E 182 7.82 12.07 51.31
C GLY E 182 6.38 11.76 51.02
N PHE E 183 6.09 11.26 49.81
CA PHE E 183 4.73 10.91 49.44
C PHE E 183 4.29 9.56 49.96
N GLY E 184 5.16 8.82 50.63
CA GLY E 184 4.82 7.50 51.14
C GLY E 184 5.38 6.41 50.24
N SER E 185 4.53 5.45 49.87
CA SER E 185 4.98 4.43 48.95
C SER E 185 3.79 3.84 48.23
N LEU E 186 3.74 4.04 46.91
CA LEU E 186 2.67 3.45 46.11
C LEU E 186 2.94 1.96 45.93
N GLY E 187 2.01 1.12 46.35
CA GLY E 187 2.15 -0.32 46.19
C GLY E 187 1.37 -0.87 45.02
N LEU E 188 2.04 -1.66 44.19
CA LEU E 188 1.43 -2.30 43.03
C LEU E 188 1.31 -3.79 43.28
N ASP E 189 0.27 -4.39 42.70
CA ASP E 189 -0.04 -5.80 42.86
C ASP E 189 -0.37 -6.44 41.53
N CYS E 190 0.48 -6.23 40.53
CA CYS E 190 0.12 -6.59 39.16
C CYS E 190 -0.08 -8.11 39.03
N GLU E 191 -0.69 -8.50 37.91
CA GLU E 191 -0.80 -9.90 37.52
C GLU E 191 -0.05 -10.03 36.20
N PRO E 192 1.28 -10.13 36.25
CA PRO E 192 2.06 -10.11 35.00
C PRO E 192 1.97 -11.40 34.20
N ARG E 193 1.44 -12.47 34.76
CA ARG E 193 1.29 -13.69 33.98
C ARG E 193 -0.01 -13.73 33.19
N THR E 194 -1.04 -13.05 33.67
CA THR E 194 -2.30 -12.95 32.94
C THR E 194 -2.33 -11.66 32.12
N GLY E 195 -1.34 -11.55 31.24
CA GLY E 195 -1.18 -10.36 30.41
C GLY E 195 -1.76 -10.56 29.03
N LEU E 196 -0.90 -10.68 28.04
CA LEU E 196 -1.31 -10.82 26.64
C LEU E 196 -1.32 -12.27 26.17
N ASP E 197 -1.50 -13.22 27.10
CA ASP E 197 -1.68 -14.63 26.77
C ASP E 197 -0.41 -15.19 26.10
N PHE E 198 0.72 -15.00 26.76
CA PHE E 198 2.03 -15.29 26.20
C PHE E 198 2.40 -16.77 26.21
N SER E 199 1.55 -17.65 26.71
CA SER E 199 1.74 -19.07 26.42
C SER E 199 1.36 -19.46 25.00
N ASP E 200 0.58 -18.64 24.30
CA ASP E 200 0.17 -18.90 22.93
C ASP E 200 0.84 -17.96 21.91
N LEU E 201 2.08 -17.55 22.15
CA LEU E 201 2.80 -16.65 21.26
C LEU E 201 4.27 -17.03 21.17
N TYR E 202 4.89 -16.75 20.02
CA TYR E 202 6.34 -16.89 19.87
C TYR E 202 6.93 -15.56 19.46
N TYR E 203 8.24 -15.59 19.21
CA TYR E 203 9.02 -14.39 18.94
C TYR E 203 9.87 -14.70 17.71
N LEU E 204 9.26 -14.51 16.56
CA LEU E 204 9.91 -14.82 15.29
C LEU E 204 11.06 -13.85 15.03
N THR E 205 12.05 -14.31 14.26
CA THR E 205 13.22 -13.51 13.93
C THR E 205 13.63 -13.75 12.49
N MET E 206 13.57 -12.69 11.68
CA MET E 206 13.84 -12.74 10.25
C MET E 206 14.70 -11.54 9.89
N ASN E 207 15.90 -11.79 9.37
CA ASN E 207 16.75 -10.71 8.89
C ASN E 207 16.89 -9.64 9.97
N ASN E 208 17.36 -10.08 11.13
CA ASN E 208 17.52 -9.28 12.35
C ASN E 208 16.37 -8.30 12.54
N LYS E 209 15.15 -8.79 12.34
CA LYS E 209 13.92 -8.10 12.68
C LYS E 209 13.00 -9.07 13.38
N HIS E 210 12.29 -8.60 14.41
CA HIS E 210 11.65 -9.51 15.33
C HIS E 210 10.16 -9.22 15.47
N TRP E 211 9.39 -10.28 15.70
CA TRP E 211 7.94 -10.14 15.84
C TRP E 211 7.45 -11.03 16.96
N LEU E 212 6.20 -10.80 17.36
CA LEU E 212 5.39 -11.69 18.20
C LEU E 212 4.35 -12.40 17.33
N VAL E 213 4.74 -13.54 16.82
CA VAL E 213 3.90 -14.32 15.92
C VAL E 213 2.99 -15.21 16.73
N HIS E 214 1.70 -15.23 16.38
CA HIS E 214 0.76 -16.08 17.07
C HIS E 214 1.13 -17.55 16.89
N LYS E 215 0.70 -18.37 17.85
CA LYS E 215 1.09 -19.76 17.90
C LYS E 215 0.49 -20.55 16.75
N GLU E 216 -0.77 -20.28 16.43
CA GLU E 216 -1.41 -21.04 15.37
C GLU E 216 -0.80 -20.71 14.01
N TRP E 217 -0.45 -19.44 13.79
CA TRP E 217 0.17 -19.08 12.52
C TRP E 217 1.57 -19.65 12.37
N PHE E 218 2.34 -19.76 13.44
CA PHE E 218 3.72 -20.16 13.23
C PHE E 218 3.90 -21.65 12.94
N HIS E 219 3.05 -22.51 13.48
CA HIS E 219 3.17 -23.94 13.21
C HIS E 219 2.45 -24.44 11.97
N ASP E 220 2.02 -23.57 11.06
CA ASP E 220 1.34 -24.11 9.88
C ASP E 220 1.86 -23.64 8.54
N ILE E 221 2.78 -22.68 8.49
CA ILE E 221 3.20 -22.14 7.19
C ILE E 221 4.17 -23.13 6.54
N PRO E 222 3.94 -23.51 5.29
CA PRO E 222 4.66 -24.64 4.69
C PRO E 222 6.02 -24.29 4.14
N LEU E 223 7.06 -24.32 4.97
CA LEU E 223 8.35 -23.89 4.46
C LEU E 223 9.43 -24.75 5.11
N PRO E 224 10.59 -24.93 4.45
CA PRO E 224 11.57 -25.92 4.92
C PRO E 224 12.13 -25.60 6.30
N TRP E 225 12.05 -26.59 7.19
CA TRP E 225 12.35 -26.36 8.60
C TRP E 225 13.09 -27.54 9.22
N HIS E 226 13.71 -27.27 10.37
CA HIS E 226 14.21 -28.29 11.27
C HIS E 226 13.64 -28.06 12.66
N ALA E 227 14.13 -28.81 13.63
CA ALA E 227 13.42 -29.01 14.90
C ALA E 227 13.73 -27.95 15.95
N GLY E 228 14.99 -27.76 16.30
CA GLY E 228 15.32 -26.95 17.47
C GLY E 228 16.42 -25.95 17.17
N ALA E 229 17.38 -25.86 18.10
CA ALA E 229 18.42 -24.86 18.05
C ALA E 229 19.72 -25.38 17.44
N ASP E 230 19.68 -26.50 16.73
CA ASP E 230 20.90 -27.07 16.17
C ASP E 230 21.34 -26.21 15.00
N THR E 231 22.34 -25.36 15.24
CA THR E 231 22.76 -24.33 14.30
C THR E 231 23.88 -24.78 13.37
N GLY E 232 24.11 -26.09 13.25
CA GLY E 232 25.08 -26.59 12.30
C GLY E 232 24.45 -26.69 10.93
N THR E 233 24.58 -27.85 10.29
CA THR E 233 23.82 -28.11 9.08
C THR E 233 22.61 -28.94 9.48
N PRO E 234 21.41 -28.38 9.56
CA PRO E 234 20.27 -29.10 10.11
C PRO E 234 19.74 -30.13 9.12
N HIS E 235 18.70 -30.83 9.55
CA HIS E 235 18.10 -31.85 8.69
C HIS E 235 17.20 -31.24 7.63
N TRP E 236 16.51 -30.15 7.95
CA TRP E 236 15.62 -29.47 7.03
C TRP E 236 14.60 -30.45 6.43
N ASN E 237 13.69 -30.93 7.28
CA ASN E 237 12.66 -31.76 6.71
C ASN E 237 11.66 -30.90 5.95
N ASN E 238 10.94 -31.53 5.03
CA ASN E 238 10.00 -30.83 4.15
C ASN E 238 10.73 -29.82 3.27
N LYS E 239 11.70 -30.32 2.50
CA LYS E 239 12.53 -29.45 1.62
C LYS E 239 11.89 -29.30 0.23
N GLU E 240 10.78 -30.00 0.00
CA GLU E 240 10.05 -29.98 -1.31
C GLU E 240 9.40 -28.61 -1.59
N ALA E 241 9.12 -27.83 -0.55
CA ALA E 241 8.43 -26.53 -0.71
C ALA E 241 9.22 -25.55 -1.60
N LEU E 242 10.54 -25.50 -1.47
CA LEU E 242 11.29 -24.53 -2.27
C LEU E 242 11.87 -25.10 -3.55
N VAL E 243 12.28 -26.36 -3.57
CA VAL E 243 12.79 -26.94 -4.79
C VAL E 243 11.63 -27.27 -5.72
N GLU E 244 11.89 -27.32 -7.02
CA GLU E 244 10.84 -27.67 -7.97
C GLU E 244 11.34 -28.59 -9.06
N PHE E 245 10.70 -29.73 -9.11
CA PHE E 245 10.94 -30.84 -10.04
C PHE E 245 9.86 -30.77 -11.11
N LYS E 246 10.21 -30.26 -12.27
CA LYS E 246 9.30 -30.28 -13.40
C LYS E 246 9.61 -31.46 -14.31
N ASP E 247 9.18 -31.40 -15.57
CA ASP E 247 9.48 -32.46 -16.53
C ASP E 247 10.77 -32.23 -17.31
N ALA E 248 11.60 -33.28 -17.33
CA ALA E 248 12.83 -33.36 -18.10
C ALA E 248 12.55 -33.71 -19.54
N HIS E 249 13.13 -32.96 -20.45
CA HIS E 249 13.20 -33.36 -21.85
C HIS E 249 14.52 -34.10 -22.04
N ALA E 250 14.87 -34.45 -23.28
CA ALA E 250 16.07 -35.25 -23.51
C ALA E 250 17.32 -34.50 -23.08
N LYS E 251 17.28 -33.17 -23.06
CA LYS E 251 18.47 -32.40 -22.72
C LYS E 251 18.18 -31.18 -21.84
N ARG E 252 17.05 -31.15 -21.14
CA ARG E 252 16.75 -30.02 -20.27
C ARG E 252 15.89 -30.47 -19.09
N GLN E 253 16.38 -30.15 -17.89
CA GLN E 253 15.71 -30.36 -16.60
C GLN E 253 16.05 -29.25 -15.61
N THR E 254 15.14 -28.29 -15.44
CA THR E 254 15.44 -27.20 -14.54
C THR E 254 14.82 -27.61 -13.21
N VAL E 255 15.66 -27.75 -12.19
CA VAL E 255 15.23 -28.06 -10.84
C VAL E 255 15.35 -26.77 -10.03
N VAL E 256 15.17 -25.62 -10.67
CA VAL E 256 15.25 -24.34 -9.99
C VAL E 256 14.48 -24.32 -8.67
N VAL E 257 15.04 -23.61 -7.70
CA VAL E 257 14.48 -23.39 -6.37
C VAL E 257 13.74 -22.07 -6.34
N LEU E 258 12.73 -21.96 -5.49
CA LEU E 258 12.06 -20.69 -5.31
C LEU E 258 12.96 -19.72 -4.55
N GLY E 259 12.76 -18.44 -4.79
CA GLY E 259 13.67 -17.42 -4.27
C GLY E 259 13.44 -17.10 -2.82
N SER E 260 14.03 -15.98 -2.39
CA SER E 260 13.92 -15.56 -1.00
C SER E 260 12.50 -15.14 -0.68
N GLN E 261 11.85 -15.89 0.22
CA GLN E 261 10.49 -15.55 0.62
C GLN E 261 10.46 -14.71 1.89
N GLU E 262 11.49 -13.92 2.15
CA GLU E 262 11.38 -12.95 3.24
C GLU E 262 10.26 -11.98 2.94
N GLY E 263 10.14 -11.55 1.69
CA GLY E 263 9.07 -10.63 1.34
C GLY E 263 7.73 -11.31 1.32
N ALA E 264 7.71 -12.62 1.04
CA ALA E 264 6.45 -13.33 1.04
C ALA E 264 5.93 -13.55 2.44
N VAL E 265 6.78 -13.41 3.46
CA VAL E 265 6.36 -13.58 4.84
C VAL E 265 6.20 -12.22 5.53
N HIS E 266 6.88 -11.19 5.04
CA HIS E 266 6.57 -9.84 5.51
C HIS E 266 5.16 -9.46 5.10
N THR E 267 4.75 -9.92 3.91
CA THR E 267 3.39 -9.75 3.44
C THR E 267 2.43 -10.72 4.12
N ALA E 268 2.94 -11.76 4.77
CA ALA E 268 2.08 -12.72 5.46
C ALA E 268 1.95 -12.43 6.95
N LEU E 269 2.74 -11.52 7.48
CA LEU E 269 2.66 -11.09 8.88
C LEU E 269 1.73 -9.89 9.05
N ALA E 270 0.52 -9.99 8.51
CA ALA E 270 -0.40 -8.86 8.50
C ALA E 270 -1.05 -8.61 9.85
N GLY E 271 -0.69 -9.37 10.88
CA GLY E 271 -1.29 -9.18 12.19
C GLY E 271 -0.29 -9.30 13.32
N ALA E 272 0.99 -9.40 12.99
CA ALA E 272 2.01 -9.60 14.00
C ALA E 272 2.23 -8.31 14.79
N LEU E 273 3.25 -8.29 15.63
CA LEU E 273 3.53 -7.17 16.52
C LEU E 273 5.03 -6.88 16.47
N GLU E 274 5.37 -5.69 16.00
CA GLU E 274 6.76 -5.27 15.86
C GLU E 274 7.46 -5.11 17.21
N ALA E 275 8.36 -6.03 17.53
CA ALA E 275 9.17 -5.99 18.74
C ALA E 275 10.59 -5.55 18.41
N GLU E 276 11.40 -5.32 19.45
CA GLU E 276 12.80 -4.96 19.22
C GLU E 276 13.67 -5.81 20.15
N MET E 277 14.90 -6.06 19.71
CA MET E 277 15.81 -6.92 20.47
C MET E 277 17.10 -6.18 20.77
N ASP E 278 17.46 -6.14 22.05
CA ASP E 278 18.65 -5.46 22.53
C ASP E 278 19.72 -6.44 22.99
N GLY E 279 19.90 -7.52 22.24
CA GLY E 279 20.84 -8.54 22.65
C GLY E 279 20.16 -9.89 22.76
N ALA E 280 20.07 -10.42 23.98
CA ALA E 280 19.30 -11.63 24.23
C ALA E 280 17.92 -11.35 24.79
N LYS E 281 17.64 -10.11 25.19
CA LYS E 281 16.36 -9.76 25.81
C LYS E 281 15.50 -9.02 24.80
N GLY E 282 14.25 -9.46 24.65
CA GLY E 282 13.32 -8.84 23.72
C GLY E 282 12.39 -7.75 24.21
N ARG E 283 12.73 -6.48 24.01
CA ARG E 283 11.83 -5.39 24.42
C ARG E 283 10.62 -5.35 23.51
N LEU E 284 9.48 -5.81 24.02
CA LEU E 284 8.23 -5.70 23.30
C LEU E 284 7.69 -4.27 23.41
N SER E 285 7.03 -3.81 22.35
CA SER E 285 6.46 -2.47 22.32
C SER E 285 4.93 -2.50 22.39
N SER E 286 4.37 -3.51 23.05
CA SER E 286 2.93 -3.62 23.21
C SER E 286 2.63 -4.44 24.45
N GLY E 287 1.39 -4.34 24.93
CA GLY E 287 0.99 -5.16 26.05
C GLY E 287 0.09 -4.48 27.05
N HIS E 288 -0.96 -5.16 27.49
CA HIS E 288 -1.79 -4.68 28.59
C HIS E 288 -1.40 -5.38 29.87
N LEU E 289 -1.54 -4.68 30.98
CA LEU E 289 -1.17 -5.22 32.28
C LEU E 289 -2.24 -4.92 33.32
N LYS E 290 -2.57 -5.94 34.10
CA LYS E 290 -3.45 -5.81 35.25
C LYS E 290 -2.66 -5.28 36.43
N CYS E 291 -3.31 -4.49 37.29
CA CYS E 291 -2.60 -3.96 38.44
C CYS E 291 -3.59 -3.42 39.45
N ARG E 292 -3.61 -3.97 40.66
CA ARG E 292 -4.39 -3.37 41.72
C ARG E 292 -3.48 -2.42 42.49
N LEU E 293 -3.98 -1.21 42.76
CA LEU E 293 -3.16 -0.15 43.32
C LEU E 293 -3.54 0.13 44.76
N LYS E 294 -2.68 -0.25 45.69
CA LYS E 294 -2.84 0.03 47.11
C LYS E 294 -2.19 1.38 47.39
N MET E 295 -2.96 2.29 47.96
CA MET E 295 -2.49 3.65 48.19
C MET E 295 -2.62 4.07 49.65
N ASP E 296 -3.05 3.17 50.53
CA ASP E 296 -3.22 3.55 51.93
C ASP E 296 -1.91 3.95 52.59
N LYS E 297 -0.78 3.66 51.96
CA LYS E 297 0.51 4.13 52.41
C LYS E 297 1.00 5.34 51.61
N LEU E 298 0.17 5.85 50.70
CA LEU E 298 0.51 6.96 49.84
C LEU E 298 -0.25 8.19 50.31
N ARG E 299 0.46 9.14 50.90
CA ARG E 299 -0.14 10.32 51.50
C ARG E 299 0.51 11.59 50.97
N LEU E 300 -0.10 12.73 51.31
CA LEU E 300 0.23 14.02 50.72
C LEU E 300 1.45 14.65 51.37
N LYS E 301 2.48 14.89 50.58
CA LYS E 301 3.60 15.70 51.03
C LYS E 301 3.16 17.16 51.15
N GLY E 302 3.45 17.77 52.30
CA GLY E 302 3.27 19.20 52.43
C GLY E 302 1.85 19.69 52.61
N VAL E 303 0.96 18.87 53.17
CA VAL E 303 -0.40 19.34 53.43
C VAL E 303 -0.39 20.35 54.57
N SER E 304 0.54 20.23 55.50
CA SER E 304 0.64 21.14 56.64
C SER E 304 1.26 22.48 56.28
N TYR E 305 1.65 22.69 55.03
CA TYR E 305 2.39 23.89 54.68
C TYR E 305 1.49 25.12 54.68
N SER E 306 2.10 26.27 54.96
CA SER E 306 1.42 27.54 54.89
C SER E 306 1.27 27.99 53.44
N LEU E 307 0.31 28.89 53.21
CA LEU E 307 0.06 29.36 51.85
C LEU E 307 1.19 30.26 51.37
N CYS E 308 1.27 30.43 50.05
CA CYS E 308 2.24 31.33 49.46
C CYS E 308 1.89 32.78 49.78
N THR E 309 2.88 33.64 49.64
CA THR E 309 2.70 35.03 50.04
C THR E 309 2.78 36.02 48.90
N ALA E 310 3.71 35.86 47.95
CA ALA E 310 3.97 36.97 47.04
C ALA E 310 4.57 36.49 45.73
N ALA E 311 4.29 37.28 44.68
CA ALA E 311 5.07 37.34 43.45
C ALA E 311 5.09 36.00 42.69
N PHE E 312 3.91 35.65 42.19
CA PHE E 312 3.86 34.64 41.15
C PHE E 312 4.18 35.26 39.79
N THR E 313 4.29 34.40 38.78
CA THR E 313 4.62 34.82 37.43
C THR E 313 4.32 33.71 36.43
N PHE E 314 3.58 34.03 35.37
CA PHE E 314 3.28 33.06 34.32
C PHE E 314 4.44 32.95 33.35
N THR E 315 5.18 31.85 33.43
CA THR E 315 6.05 31.41 32.37
C THR E 315 5.39 30.21 31.68
N LYS E 316 5.58 30.10 30.37
CA LYS E 316 4.99 29.01 29.59
C LYS E 316 3.48 28.98 29.76
N ILE E 317 2.85 30.00 29.16
CA ILE E 317 1.42 30.26 29.21
C ILE E 317 0.58 28.99 29.12
N PRO E 318 -0.59 28.94 29.77
CA PRO E 318 -1.32 27.69 29.87
C PRO E 318 -1.74 27.13 28.52
N ALA E 319 -2.03 25.82 28.51
CA ALA E 319 -2.41 25.13 27.30
C ALA E 319 -3.34 23.98 27.66
N GLU E 320 -4.08 23.51 26.67
CA GLU E 320 -5.09 22.48 26.88
C GLU E 320 -4.56 21.14 26.38
N THR E 321 -4.55 20.14 27.26
CA THR E 321 -3.91 18.86 26.97
C THR E 321 -4.92 17.83 26.46
N LEU E 322 -5.59 18.18 25.37
CA LEU E 322 -6.36 17.23 24.56
C LEU E 322 -7.54 16.60 25.28
N HIS E 323 -7.77 16.93 26.54
CA HIS E 323 -8.87 16.35 27.30
C HIS E 323 -9.74 17.36 28.01
N GLY E 324 -9.30 18.59 28.16
CA GLY E 324 -9.99 19.54 29.01
C GLY E 324 -9.18 19.97 30.20
N THR E 325 -7.96 19.50 30.36
CA THR E 325 -7.10 19.99 31.42
C THR E 325 -6.27 21.16 30.88
N VAL E 326 -5.87 22.03 31.80
CA VAL E 326 -5.19 23.26 31.44
C VAL E 326 -3.87 23.29 32.21
N THR E 327 -2.78 23.01 31.52
CA THR E 327 -1.50 22.91 32.19
C THR E 327 -0.92 24.32 32.35
N VAL E 328 -0.89 24.80 33.58
CA VAL E 328 -0.34 26.12 33.89
C VAL E 328 0.92 25.92 34.71
N GLU E 329 2.02 26.47 34.23
CA GLU E 329 3.29 26.46 34.95
C GLU E 329 3.56 27.86 35.46
N VAL E 330 3.97 27.97 36.71
CA VAL E 330 4.26 29.24 37.36
C VAL E 330 5.72 29.26 37.81
N GLN E 331 6.18 30.46 38.17
CA GLN E 331 7.52 30.66 38.70
C GLN E 331 7.35 31.51 39.96
N TYR E 332 7.45 30.87 41.12
CA TYR E 332 7.23 31.54 42.40
C TYR E 332 8.48 32.30 42.77
N ALA E 333 8.37 33.63 42.81
CA ALA E 333 9.47 34.52 43.20
C ALA E 333 9.32 34.82 44.68
N GLY E 334 9.95 34.01 45.52
CA GLY E 334 9.82 34.21 46.96
C GLY E 334 10.45 33.12 47.78
N THR E 335 11.08 33.50 48.90
CA THR E 335 11.84 32.57 49.73
C THR E 335 11.16 32.30 51.07
N ASP E 336 9.83 32.24 51.10
CA ASP E 336 9.18 31.89 52.36
C ASP E 336 9.30 30.41 52.68
N GLY E 337 9.72 29.60 51.72
CA GLY E 337 9.97 28.19 51.96
C GLY E 337 8.88 27.28 51.45
N PRO E 338 8.76 26.10 52.07
CA PRO E 338 7.83 25.08 51.56
C PRO E 338 6.39 25.50 51.74
N CYS E 339 5.89 26.28 50.81
CA CYS E 339 4.55 26.82 50.86
C CYS E 339 3.66 26.18 49.80
N LYS E 340 2.38 26.57 49.82
CA LYS E 340 1.36 26.00 48.96
C LYS E 340 0.78 27.09 48.07
N VAL E 341 0.74 26.85 46.77
CA VAL E 341 0.20 27.85 45.85
C VAL E 341 -1.32 27.76 45.90
N PRO E 342 -2.00 28.85 46.16
CA PRO E 342 -3.48 28.83 46.16
C PRO E 342 -4.06 29.06 44.76
N ALA E 343 -4.13 27.98 43.98
CA ALA E 343 -4.68 28.06 42.63
C ALA E 343 -6.10 27.53 42.64
N GLN E 344 -6.95 28.14 41.82
CA GLN E 344 -8.33 27.70 41.69
C GLN E 344 -8.93 28.22 40.38
N MET E 345 -10.19 27.88 40.18
CA MET E 345 -11.02 28.37 39.08
C MET E 345 -12.14 29.25 39.59
N ALA E 346 -12.23 30.45 39.02
CA ALA E 346 -13.17 31.45 39.49
C ALA E 346 -14.00 31.94 38.32
N VAL E 347 -15.31 31.88 38.45
CA VAL E 347 -16.20 32.47 37.45
C VAL E 347 -16.31 33.97 37.65
N ASP E 348 -16.69 34.39 38.86
CA ASP E 348 -16.74 35.79 39.23
C ASP E 348 -15.48 36.14 39.99
N MET E 349 -14.80 37.21 39.56
CA MET E 349 -13.57 37.62 40.22
C MET E 349 -13.77 37.83 41.71
N GLN E 350 -14.75 38.65 42.09
CA GLN E 350 -14.97 38.99 43.50
C GLN E 350 -15.99 38.08 44.17
N THR E 351 -16.08 36.86 43.71
CA THR E 351 -16.69 35.75 44.44
C THR E 351 -15.67 34.66 44.73
N LEU E 352 -14.77 34.40 43.79
CA LEU E 352 -13.65 33.48 43.96
C LEU E 352 -14.09 32.08 44.36
N THR E 353 -15.35 31.75 44.15
CA THR E 353 -15.82 30.43 44.47
C THR E 353 -15.10 29.41 43.59
N PRO E 354 -14.71 28.26 44.13
CA PRO E 354 -14.05 27.23 43.32
C PRO E 354 -15.07 26.51 42.46
N VAL E 355 -14.95 26.68 41.15
CA VAL E 355 -15.94 26.16 40.22
C VAL E 355 -15.44 24.95 39.43
N GLY E 356 -14.14 24.78 39.30
CA GLY E 356 -13.57 23.67 38.53
C GLY E 356 -12.68 22.81 39.40
N ARG E 357 -12.83 21.50 39.26
CA ARG E 357 -12.04 20.58 40.06
C ARG E 357 -10.57 20.70 39.69
N LEU E 358 -9.70 20.47 40.67
CA LEU E 358 -8.26 20.66 40.50
C LEU E 358 -7.62 19.28 40.55
N ILE E 359 -6.90 18.93 39.49
CA ILE E 359 -6.49 17.55 39.33
C ILE E 359 -5.23 17.20 40.13
N THR E 360 -4.44 18.17 40.57
CA THR E 360 -3.23 17.91 41.31
C THR E 360 -3.34 18.49 42.72
N ALA E 361 -3.74 17.65 43.67
CA ALA E 361 -3.95 18.11 45.04
C ALA E 361 -2.68 18.72 45.62
N ASN E 362 -2.88 19.72 46.48
CA ASN E 362 -1.91 20.54 47.21
C ASN E 362 -0.63 20.81 46.43
N PRO E 363 -0.69 21.59 45.36
CA PRO E 363 0.54 21.96 44.66
C PRO E 363 1.44 22.78 45.58
N VAL E 364 2.71 22.40 45.63
CA VAL E 364 3.63 22.85 46.66
C VAL E 364 4.91 23.35 46.03
N ILE E 365 5.29 24.59 46.35
CA ILE E 365 6.64 25.06 46.08
C ILE E 365 7.59 24.39 47.06
N THR E 366 8.66 23.78 46.55
CA THR E 366 9.59 23.08 47.42
C THR E 366 10.91 23.81 47.64
N GLU E 367 11.52 24.36 46.60
CA GLU E 367 12.83 24.96 46.75
C GLU E 367 12.75 26.24 47.57
N SER E 368 13.78 26.47 48.38
CA SER E 368 13.92 27.70 49.14
C SER E 368 14.66 28.77 48.36
N THR E 369 14.95 28.51 47.09
CA THR E 369 15.58 29.51 46.24
C THR E 369 14.52 30.49 45.75
N GLU E 370 14.96 31.57 45.12
CA GLU E 370 14.03 32.68 44.92
C GLU E 370 13.07 32.41 43.77
N ASN E 371 13.55 31.91 42.63
CA ASN E 371 12.70 31.71 41.45
C ASN E 371 12.49 30.22 41.23
N SER E 372 11.45 29.66 41.86
CA SER E 372 11.19 28.23 41.80
C SER E 372 10.07 27.92 40.80
N LYS E 373 10.41 27.26 39.69
CA LYS E 373 9.37 26.90 38.74
C LYS E 373 8.53 25.76 39.30
N MET E 374 7.28 25.68 38.88
CA MET E 374 6.37 24.67 39.40
C MET E 374 5.21 24.48 38.43
N MET E 375 4.64 23.28 38.40
CA MET E 375 3.65 22.91 37.40
C MET E 375 2.37 22.46 38.09
N LEU E 376 1.25 22.89 37.53
CA LEU E 376 -0.08 22.53 37.96
C LEU E 376 -0.72 21.64 36.91
N GLU E 377 -1.97 21.30 37.15
CA GLU E 377 -2.89 20.86 36.10
C GLU E 377 -4.27 21.03 36.67
N LEU E 378 -5.14 21.67 35.92
CA LEU E 378 -6.44 22.08 36.38
C LEU E 378 -7.50 21.49 35.47
N ASP E 379 -8.68 21.22 36.02
CA ASP E 379 -9.80 20.67 35.26
C ASP E 379 -10.92 21.71 35.28
N PRO E 380 -10.95 22.62 34.32
CA PRO E 380 -11.91 23.71 34.35
C PRO E 380 -13.31 23.20 34.06
N PRO E 381 -14.33 23.99 34.37
CA PRO E 381 -15.68 23.66 33.92
C PRO E 381 -15.89 24.10 32.49
N PHE E 382 -16.95 23.58 31.89
CA PHE E 382 -17.27 23.89 30.51
C PHE E 382 -17.63 25.36 30.38
N GLY E 383 -16.87 26.08 29.55
CA GLY E 383 -17.14 27.50 29.44
C GLY E 383 -15.98 28.42 29.75
N ASP E 384 -16.24 29.41 30.59
CA ASP E 384 -15.29 30.45 30.95
C ASP E 384 -14.93 30.39 32.42
N SER E 385 -13.65 30.60 32.72
CA SER E 385 -13.17 30.52 34.09
C SER E 385 -11.77 31.12 34.17
N TYR E 386 -11.44 31.68 35.32
CA TYR E 386 -10.15 32.34 35.52
C TYR E 386 -9.27 31.46 36.38
N ILE E 387 -7.97 31.47 36.07
CA ILE E 387 -6.97 30.72 36.82
C ILE E 387 -6.50 31.69 37.89
N VAL E 388 -7.20 31.73 39.01
CA VAL E 388 -6.83 32.62 40.09
C VAL E 388 -5.79 31.94 40.96
N ILE E 389 -4.58 32.49 41.00
CA ILE E 389 -3.52 31.94 41.83
C ILE E 389 -2.96 33.07 42.66
N GLY E 390 -2.27 32.72 43.73
CA GLY E 390 -1.84 33.70 44.70
C GLY E 390 -2.98 34.14 45.58
N VAL E 391 -2.64 34.86 46.63
CA VAL E 391 -3.63 35.34 47.57
C VAL E 391 -3.47 36.83 47.77
N GLY E 392 -4.60 37.51 47.95
CA GLY E 392 -4.59 38.94 48.20
C GLY E 392 -4.96 39.76 46.98
N GLU E 393 -4.18 40.80 46.71
CA GLU E 393 -4.41 41.67 45.57
C GLU E 393 -3.25 41.66 44.59
N LYS E 394 -2.13 41.06 44.95
CA LYS E 394 -1.00 40.85 44.04
C LYS E 394 -1.16 39.54 43.27
N LYS E 395 -2.38 39.04 43.16
CA LYS E 395 -2.64 37.81 42.45
C LYS E 395 -2.26 37.92 40.99
N ILE E 396 -2.07 36.78 40.36
CA ILE E 396 -1.87 36.67 38.92
C ILE E 396 -2.98 35.78 38.38
N THR E 397 -3.84 36.35 37.56
CA THR E 397 -4.97 35.62 37.01
C THR E 397 -4.76 35.37 35.52
N HIS E 398 -5.70 34.62 34.94
CA HIS E 398 -5.62 34.24 33.54
C HIS E 398 -6.98 33.74 33.10
N HIS E 399 -7.48 34.25 31.97
CA HIS E 399 -8.73 33.76 31.42
C HIS E 399 -8.53 32.44 30.69
N TRP E 400 -9.45 31.49 30.89
CA TRP E 400 -9.50 30.27 30.10
C TRP E 400 -10.92 30.03 29.60
N HIS E 401 -11.06 29.67 28.33
CA HIS E 401 -12.34 29.18 27.80
C HIS E 401 -12.16 27.76 27.26
N ARG E 402 -12.71 26.76 27.94
CA ARG E 402 -12.68 25.39 27.41
C ARG E 402 -14.02 25.08 26.77
N SER E 403 -14.01 24.89 25.45
CA SER E 403 -15.23 24.59 24.70
C SER E 403 -15.60 23.12 24.84
N GLY E 404 -16.89 22.86 24.97
CA GLY E 404 -17.38 21.51 25.10
C GLY E 404 -18.70 21.48 25.84
N SER E 405 -19.18 20.25 26.09
CA SER E 405 -20.42 20.04 26.82
C SER E 405 -20.31 18.81 27.70
N THR E 406 -21.23 18.71 28.67
CA THR E 406 -21.29 17.53 29.53
C THR E 406 -21.75 16.30 28.77
N ILE E 407 -22.71 16.49 27.87
CA ILE E 407 -23.17 15.39 27.02
C ILE E 407 -22.09 15.01 26.00
N GLY E 408 -21.20 15.94 25.66
CA GLY E 408 -20.09 15.57 24.79
C GLY E 408 -19.03 14.76 25.49
N LYS E 409 -18.77 15.02 26.77
CA LYS E 409 -17.83 14.18 27.49
C LYS E 409 -18.39 12.79 27.74
N ALA E 410 -19.69 12.67 27.99
CA ALA E 410 -20.22 11.33 28.23
C ALA E 410 -20.23 10.49 26.97
N PHE E 411 -20.27 11.12 25.80
CA PHE E 411 -20.08 10.34 24.58
C PHE E 411 -18.61 10.07 24.33
N GLU E 412 -17.72 11.01 24.69
CA GLU E 412 -16.31 10.74 24.46
C GLU E 412 -15.80 9.67 25.42
N ALA E 413 -16.49 9.50 26.56
CA ALA E 413 -16.16 8.41 27.46
C ALA E 413 -16.87 7.13 27.09
N THR E 414 -17.96 7.20 26.33
CA THR E 414 -18.52 5.96 25.82
C THR E 414 -17.62 5.41 24.72
N VAL E 415 -17.11 6.30 23.85
CA VAL E 415 -16.11 5.86 22.87
C VAL E 415 -14.83 5.36 23.52
N ARG E 416 -14.41 5.98 24.63
CA ARG E 416 -13.20 5.49 25.29
C ARG E 416 -13.44 4.14 25.95
N GLY E 417 -14.66 3.88 26.42
CA GLY E 417 -14.94 2.58 26.99
C GLY E 417 -15.22 1.54 25.94
N ALA E 418 -15.68 1.96 24.76
CA ALA E 418 -15.88 0.95 23.74
C ALA E 418 -14.56 0.57 23.08
N LYS E 419 -13.63 1.51 22.91
CA LYS E 419 -12.31 1.07 22.43
C LYS E 419 -11.57 0.28 23.50
N ARG E 420 -11.79 0.57 24.79
CA ARG E 420 -11.16 -0.29 25.79
C ARG E 420 -11.79 -1.67 25.80
N MET E 421 -13.08 -1.75 25.50
CA MET E 421 -13.73 -3.05 25.54
C MET E 421 -13.48 -3.83 24.27
N ALA E 422 -13.11 -3.15 23.19
CA ALA E 422 -12.70 -3.86 21.98
C ALA E 422 -11.27 -4.38 22.09
N VAL E 423 -10.38 -3.63 22.75
CA VAL E 423 -9.03 -4.15 22.89
C VAL E 423 -8.95 -5.24 23.95
N LEU E 424 -9.59 -5.02 25.10
CA LEU E 424 -9.50 -5.93 26.22
C LEU E 424 -10.60 -7.00 26.24
N GLY E 425 -11.84 -6.59 26.09
CA GLY E 425 -12.96 -7.52 26.20
C GLY E 425 -13.45 -7.66 27.64
N ASP E 426 -13.12 -8.79 28.26
CA ASP E 426 -13.52 -8.98 29.66
C ASP E 426 -12.71 -8.10 30.60
N THR E 427 -11.44 -7.85 30.28
CA THR E 427 -10.55 -7.10 31.14
C THR E 427 -10.99 -5.64 31.29
N ALA E 428 -11.86 -5.14 30.40
CA ALA E 428 -12.28 -3.77 30.52
C ALA E 428 -13.23 -3.53 31.69
N TRP E 429 -13.73 -4.58 32.34
CA TRP E 429 -14.39 -4.42 33.63
C TRP E 429 -13.43 -4.30 34.79
N ASP E 430 -12.13 -4.30 34.57
CA ASP E 430 -11.20 -4.19 35.69
C ASP E 430 -10.24 -3.02 35.50
N PHE E 431 -10.72 -1.93 34.90
CA PHE E 431 -9.91 -0.73 34.73
C PHE E 431 -10.21 0.35 35.77
N GLY E 432 -11.47 0.54 36.11
CA GLY E 432 -11.81 1.46 37.18
C GLY E 432 -12.65 0.78 38.25
N SER E 433 -12.60 -0.54 38.27
CA SER E 433 -13.44 -1.33 39.16
C SER E 433 -12.84 -1.35 40.56
N VAL E 434 -13.70 -1.11 41.55
CA VAL E 434 -13.36 -1.31 42.96
C VAL E 434 -14.00 -2.58 43.50
N GLY E 435 -14.52 -3.45 42.63
CA GLY E 435 -15.17 -4.67 43.06
C GLY E 435 -16.62 -4.43 43.40
N GLY E 436 -17.47 -5.42 43.17
CA GLY E 436 -18.87 -5.29 43.56
C GLY E 436 -19.68 -6.42 42.98
N ALA E 437 -21.00 -6.27 43.09
CA ALA E 437 -21.95 -7.18 42.49
C ALA E 437 -22.45 -6.69 41.14
N LEU E 438 -21.88 -5.63 40.61
CA LEU E 438 -22.23 -5.13 39.29
C LEU E 438 -21.02 -4.96 38.39
N ASN E 439 -19.89 -4.51 38.94
CA ASN E 439 -18.66 -4.35 38.16
C ASN E 439 -17.78 -5.61 38.20
N SER E 440 -18.29 -6.71 38.73
CA SER E 440 -17.56 -7.98 38.62
C SER E 440 -18.45 -9.15 38.24
N LEU E 441 -19.77 -8.97 38.23
CA LEU E 441 -20.66 -9.94 37.62
C LEU E 441 -20.77 -9.70 36.12
N GLY E 442 -20.75 -8.44 35.71
CA GLY E 442 -20.77 -8.15 34.29
C GLY E 442 -19.58 -8.73 33.55
N LYS E 443 -18.42 -8.78 34.20
CA LYS E 443 -17.29 -9.40 33.53
C LYS E 443 -17.39 -10.92 33.53
N GLY E 444 -18.03 -11.52 34.54
CA GLY E 444 -18.21 -12.96 34.48
C GLY E 444 -19.23 -13.37 33.44
N ILE E 445 -20.23 -12.52 33.19
CA ILE E 445 -21.20 -12.79 32.13
C ILE E 445 -20.66 -12.35 30.79
N HIS E 446 -19.56 -11.61 30.79
CA HIS E 446 -18.88 -11.21 29.56
C HIS E 446 -17.75 -12.14 29.16
N GLN E 447 -17.15 -12.88 30.10
CA GLN E 447 -16.15 -13.86 29.71
C GLN E 447 -16.78 -15.05 29.02
N ILE E 448 -18.03 -15.36 29.32
CA ILE E 448 -18.75 -16.39 28.57
C ILE E 448 -19.04 -15.92 27.14
N PHE E 449 -19.50 -14.68 26.98
CA PHE E 449 -19.69 -14.16 25.63
C PHE E 449 -18.36 -13.97 24.89
N GLY E 450 -17.27 -13.70 25.62
CA GLY E 450 -15.97 -13.57 25.01
C GLY E 450 -15.39 -14.89 24.57
N ALA E 451 -15.80 -15.99 25.19
CA ALA E 451 -15.36 -17.31 24.78
C ALA E 451 -16.23 -17.86 23.67
N ALA E 452 -17.47 -17.41 23.58
CA ALA E 452 -18.38 -17.78 22.52
C ALA E 452 -18.33 -16.78 21.38
N PHE E 453 -17.30 -15.95 21.36
CA PHE E 453 -16.99 -15.05 20.25
C PHE E 453 -15.60 -15.26 19.70
N LYS E 454 -14.61 -15.47 20.57
CA LYS E 454 -13.28 -15.84 20.10
C LYS E 454 -13.28 -17.23 19.48
N SER E 455 -14.16 -18.11 19.93
CA SER E 455 -14.28 -19.45 19.38
C SER E 455 -15.34 -19.55 18.30
N LEU E 456 -16.39 -18.75 18.37
CA LEU E 456 -17.47 -18.83 17.40
C LEU E 456 -17.10 -18.09 16.11
N PHE E 457 -16.88 -16.78 16.21
CA PHE E 457 -16.42 -16.04 15.04
C PHE E 457 -14.91 -16.08 14.89
N GLY E 458 -14.22 -16.88 15.69
CA GLY E 458 -12.80 -17.15 15.44
C GLY E 458 -11.99 -15.87 15.51
N GLY E 459 -11.30 -15.54 14.42
CA GLY E 459 -10.48 -14.36 14.40
C GLY E 459 -10.53 -13.60 13.09
N MET E 460 -11.63 -13.72 12.35
CA MET E 460 -11.75 -13.19 10.99
C MET E 460 -11.14 -11.80 10.86
N SER E 461 -10.50 -11.56 9.72
CA SER E 461 -9.75 -10.33 9.49
C SER E 461 -10.71 -9.16 9.39
N TRP E 462 -10.17 -7.96 9.16
CA TRP E 462 -10.99 -6.76 9.22
C TRP E 462 -12.01 -6.73 8.09
N PHE E 463 -11.61 -7.12 6.88
CA PHE E 463 -12.53 -6.94 5.76
C PHE E 463 -13.64 -7.97 5.80
N SER E 464 -13.31 -9.22 6.11
CA SER E 464 -14.37 -10.22 6.04
C SER E 464 -15.25 -10.13 7.26
N GLN E 465 -14.71 -9.56 8.34
CA GLN E 465 -15.51 -9.30 9.52
C GLN E 465 -16.51 -8.18 9.25
N ILE E 466 -16.13 -7.18 8.45
CA ILE E 466 -17.12 -6.21 7.96
C ILE E 466 -18.11 -6.86 7.00
N LEU E 467 -17.61 -7.81 6.20
CA LEU E 467 -18.44 -8.44 5.17
C LEU E 467 -19.48 -9.36 5.79
N ILE E 468 -19.26 -9.82 7.02
CA ILE E 468 -20.28 -10.59 7.71
C ILE E 468 -20.99 -9.77 8.78
N GLY E 469 -20.45 -8.61 9.15
CA GLY E 469 -21.23 -7.66 9.93
C GLY E 469 -22.37 -7.04 9.14
N THR E 470 -22.07 -6.57 7.93
CA THR E 470 -23.14 -5.98 7.12
C THR E 470 -24.19 -7.02 6.75
N LEU E 471 -23.76 -8.27 6.61
CA LEU E 471 -24.70 -9.36 6.36
C LEU E 471 -25.54 -9.66 7.59
N LEU E 472 -25.03 -9.35 8.77
CA LEU E 472 -25.92 -9.55 9.91
C LEU E 472 -26.75 -8.31 10.21
N MET E 473 -26.32 -7.14 9.74
CA MET E 473 -27.21 -5.99 9.74
C MET E 473 -28.42 -6.27 8.86
N TRP E 474 -28.17 -6.82 7.66
CA TRP E 474 -29.26 -7.10 6.74
C TRP E 474 -30.13 -8.24 7.20
N LEU E 475 -29.57 -9.24 7.87
CA LEU E 475 -30.44 -10.22 8.50
C LEU E 475 -31.20 -9.63 9.68
N GLY E 476 -30.67 -8.59 10.31
CA GLY E 476 -31.41 -7.91 11.36
C GLY E 476 -32.61 -7.14 10.87
N LEU E 477 -32.46 -6.41 9.76
CA LEU E 477 -33.53 -5.56 9.25
C LEU E 477 -34.57 -6.36 8.46
N ASN E 478 -34.52 -7.67 8.53
CA ASN E 478 -35.54 -8.55 7.97
C ASN E 478 -35.63 -9.75 8.89
N THR E 479 -36.17 -10.86 8.37
CA THR E 479 -36.48 -12.05 9.16
C THR E 479 -37.50 -11.69 10.24
N LYS E 480 -38.70 -11.39 9.75
CA LYS E 480 -39.81 -10.93 10.57
C LYS E 480 -40.27 -12.07 11.47
N ASN E 481 -39.97 -11.95 12.77
CA ASN E 481 -40.35 -12.98 13.73
C ASN E 481 -40.53 -12.36 15.09
N GLY E 482 -41.01 -13.17 16.05
CA GLY E 482 -41.19 -12.68 17.40
C GLY E 482 -39.88 -12.37 18.11
N SER E 483 -38.81 -13.06 17.73
CA SER E 483 -37.46 -12.74 18.19
C SER E 483 -36.78 -11.79 17.20
N ILE E 484 -37.37 -10.59 17.07
CA ILE E 484 -36.82 -9.60 16.16
C ILE E 484 -35.41 -9.17 16.56
N SER E 485 -35.06 -9.32 17.85
CA SER E 485 -33.73 -9.08 18.38
C SER E 485 -32.78 -10.25 18.20
N LEU E 486 -33.06 -11.15 17.25
CA LEU E 486 -32.35 -12.41 17.18
C LEU E 486 -30.87 -12.20 16.85
N MET E 487 -30.59 -11.64 15.68
CA MET E 487 -29.21 -11.55 15.21
C MET E 487 -28.79 -10.11 14.97
N CYS E 488 -29.05 -9.22 15.93
CA CYS E 488 -28.64 -7.82 15.86
C CYS E 488 -27.66 -7.44 16.95
N LEU E 489 -27.06 -8.42 17.62
CA LEU E 489 -26.05 -8.15 18.62
C LEU E 489 -24.63 -8.44 18.15
N ALA E 490 -24.46 -9.32 17.16
CA ALA E 490 -23.19 -9.45 16.48
C ALA E 490 -23.03 -8.48 15.32
N LEU E 491 -23.85 -7.45 15.30
CA LEU E 491 -23.66 -6.36 14.35
C LEU E 491 -22.94 -5.23 15.06
N GLY E 492 -23.47 -4.77 16.18
CA GLY E 492 -22.68 -3.84 16.95
C GLY E 492 -21.51 -4.57 17.55
N GLY E 493 -21.67 -5.88 17.81
CA GLY E 493 -20.57 -6.69 18.30
C GLY E 493 -19.44 -6.93 17.31
N VAL E 494 -19.64 -6.64 16.02
CA VAL E 494 -18.60 -6.83 15.02
C VAL E 494 -18.10 -5.50 14.49
N LEU E 495 -19.01 -4.54 14.30
CA LEU E 495 -18.59 -3.22 13.86
C LEU E 495 -17.84 -2.50 14.98
N ILE E 496 -18.42 -2.39 16.18
CA ILE E 496 -17.71 -1.61 17.18
C ILE E 496 -16.44 -2.36 17.53
N PHE E 497 -16.45 -3.68 17.32
CA PHE E 497 -15.28 -4.51 17.55
C PHE E 497 -14.15 -4.15 16.59
N LEU E 498 -14.48 -3.67 15.38
CA LEU E 498 -13.42 -3.16 14.52
C LEU E 498 -13.64 -1.80 13.87
N SER E 499 -14.85 -1.26 13.82
CA SER E 499 -14.95 0.11 13.36
C SER E 499 -14.29 1.07 14.34
N THR E 500 -14.09 0.64 15.58
CA THR E 500 -13.33 1.39 16.56
C THR E 500 -11.89 0.87 16.61
N ALA E 501 -11.14 1.16 15.55
CA ALA E 501 -9.76 0.74 15.49
C ALA E 501 -8.83 1.94 15.52
N ALA F 1 6.74 -21.36 0.39
CA ALA F 1 5.90 -22.09 -0.55
C ALA F 1 4.91 -21.17 -1.20
N VAL F 2 3.79 -21.74 -1.65
CA VAL F 2 2.74 -20.98 -2.33
C VAL F 2 1.65 -20.61 -1.34
N THR F 3 1.44 -21.44 -0.33
CA THR F 3 0.25 -21.41 0.50
C THR F 3 0.49 -20.85 1.91
N LEU F 4 1.29 -19.81 2.03
CA LEU F 4 1.48 -19.18 3.34
C LEU F 4 0.18 -18.59 3.83
N PRO F 5 -0.30 -18.96 5.01
CA PRO F 5 -1.48 -18.31 5.58
C PRO F 5 -1.12 -16.96 6.16
N SER F 6 -2.06 -16.02 6.03
CA SER F 6 -1.86 -14.68 6.54
C SER F 6 -2.10 -14.65 8.05
N HIS F 7 -1.33 -13.81 8.74
CA HIS F 7 -1.53 -13.68 10.17
C HIS F 7 -2.74 -12.82 10.51
N SER F 8 -3.29 -12.12 9.53
CA SER F 8 -4.49 -11.34 9.78
C SER F 8 -5.69 -12.23 10.02
N THR F 9 -5.58 -13.53 9.74
CA THR F 9 -6.58 -14.47 10.21
C THR F 9 -6.66 -14.51 11.72
N ARG F 10 -5.53 -14.50 12.40
CA ARG F 10 -5.58 -14.54 13.85
C ARG F 10 -4.79 -13.39 14.44
N LYS F 11 -5.06 -12.18 13.96
CA LYS F 11 -4.36 -11.00 14.43
C LYS F 11 -4.56 -10.80 15.93
N LEU F 12 -3.47 -10.52 16.64
CA LEU F 12 -3.53 -10.24 18.07
C LEU F 12 -3.74 -8.73 18.24
N GLN F 13 -4.95 -8.34 18.62
CA GLN F 13 -5.26 -6.93 18.75
C GLN F 13 -4.69 -6.40 20.05
N THR F 14 -4.34 -5.12 20.04
CA THR F 14 -3.78 -4.46 21.21
C THR F 14 -3.98 -2.96 21.05
N ARG F 15 -3.38 -2.19 21.95
CA ARG F 15 -3.51 -0.74 21.84
C ARG F 15 -2.58 -0.17 20.79
N SER F 16 -1.38 -0.72 20.66
CA SER F 16 -0.50 -0.27 19.60
C SER F 16 -0.94 -0.87 18.28
N GLN F 17 -0.41 -0.34 17.19
CA GLN F 17 -0.76 -0.87 15.88
C GLN F 17 0.15 -2.03 15.52
N THR F 18 -0.36 -2.89 14.65
CA THR F 18 0.31 -4.14 14.29
C THR F 18 1.44 -3.87 13.31
N TRP F 19 1.94 -4.94 12.69
CA TRP F 19 2.97 -4.80 11.67
C TRP F 19 2.44 -4.06 10.45
N LEU F 20 1.46 -4.65 9.78
CA LEU F 20 0.74 -4.01 8.69
C LEU F 20 -0.71 -3.91 9.12
N GLU F 21 -1.14 -2.72 9.50
CA GLU F 21 -2.56 -2.43 9.65
C GLU F 21 -2.95 -1.25 8.79
N SER F 22 -2.03 -0.72 7.99
CA SER F 22 -2.32 0.38 7.09
C SER F 22 -2.64 -0.09 5.69
N ARG F 23 -2.09 -1.24 5.27
CA ARG F 23 -2.37 -1.81 3.97
C ARG F 23 -3.42 -2.91 4.02
N GLU F 24 -4.11 -3.08 5.15
CA GLU F 24 -5.13 -4.11 5.27
C GLU F 24 -6.53 -3.59 5.04
N TYR F 25 -6.74 -2.27 5.12
CA TYR F 25 -8.03 -1.70 4.81
C TYR F 25 -8.30 -1.77 3.31
N THR F 26 -7.42 -1.15 2.52
CA THR F 26 -7.45 -1.28 1.07
C THR F 26 -6.45 -2.35 0.65
N LYS F 27 -6.79 -3.58 1.05
CA LYS F 27 -6.05 -4.78 0.66
C LYS F 27 -6.87 -5.70 -0.22
N HIS F 28 -8.05 -6.09 0.25
CA HIS F 28 -8.93 -6.92 -0.54
C HIS F 28 -9.77 -6.08 -1.48
N LEU F 29 -9.90 -4.80 -1.19
CA LEU F 29 -10.71 -3.93 -2.02
C LEU F 29 -10.00 -3.51 -3.29
N ILE F 30 -8.67 -3.34 -3.22
CA ILE F 30 -7.88 -3.16 -4.43
C ILE F 30 -7.83 -4.43 -5.27
N ARG F 31 -7.76 -5.60 -4.65
CA ARG F 31 -7.57 -6.80 -5.47
C ARG F 31 -8.80 -7.15 -6.29
N VAL F 32 -9.99 -6.78 -5.82
CA VAL F 32 -11.17 -7.03 -6.64
C VAL F 32 -11.53 -5.88 -7.57
N GLU F 33 -11.10 -4.66 -7.28
CA GLU F 33 -11.32 -3.62 -8.28
C GLU F 33 -10.36 -3.85 -9.43
N ASN F 34 -9.17 -4.37 -9.11
CA ASN F 34 -8.18 -4.62 -10.12
C ASN F 34 -8.50 -5.90 -10.88
N TRP F 35 -9.12 -6.88 -10.21
CA TRP F 35 -9.47 -8.12 -10.90
C TRP F 35 -10.64 -7.90 -11.84
N ILE F 36 -11.68 -7.19 -11.39
CA ILE F 36 -12.90 -7.07 -12.18
C ILE F 36 -12.76 -6.03 -13.28
N PHE F 37 -11.75 -5.17 -13.18
CA PHE F 37 -11.42 -4.29 -14.29
C PHE F 37 -10.80 -5.06 -15.45
N ARG F 38 -9.96 -6.05 -15.16
CA ARG F 38 -9.37 -6.83 -16.25
C ARG F 38 -10.28 -7.93 -16.77
N ASN F 39 -11.27 -8.36 -16.00
CA ASN F 39 -12.20 -9.40 -16.41
C ASN F 39 -13.63 -8.91 -16.22
N PRO F 40 -14.07 -7.94 -17.03
CA PRO F 40 -15.39 -7.34 -16.80
C PRO F 40 -16.54 -8.23 -17.18
N GLY F 41 -16.33 -9.18 -18.09
CA GLY F 41 -17.46 -9.96 -18.58
C GLY F 41 -18.02 -10.91 -17.55
N PHE F 42 -17.22 -11.27 -16.55
CA PHE F 42 -17.75 -12.16 -15.55
C PHE F 42 -18.65 -11.40 -14.60
N ALA F 43 -18.52 -10.07 -14.60
CA ALA F 43 -19.44 -9.25 -13.83
C ALA F 43 -20.85 -9.35 -14.39
N LEU F 44 -20.97 -9.60 -15.69
CA LEU F 44 -22.26 -9.91 -16.31
C LEU F 44 -22.52 -11.40 -16.44
N ALA F 45 -21.56 -12.25 -16.08
CA ALA F 45 -21.84 -13.67 -15.95
C ALA F 45 -22.16 -14.11 -14.54
N ALA F 46 -21.68 -13.37 -13.54
CA ALA F 46 -22.10 -13.64 -12.17
C ALA F 46 -23.53 -13.18 -11.97
N ALA F 47 -23.91 -12.08 -12.60
CA ALA F 47 -25.28 -11.65 -12.50
C ALA F 47 -26.18 -12.68 -13.14
N ALA F 48 -25.70 -13.34 -14.21
CA ALA F 48 -26.55 -14.34 -14.82
C ALA F 48 -26.73 -15.55 -13.93
N ILE F 49 -25.82 -15.83 -13.00
CA ILE F 49 -26.16 -16.88 -12.05
C ILE F 49 -26.97 -16.31 -10.91
N ALA F 50 -26.63 -15.10 -10.48
CA ALA F 50 -27.32 -14.50 -9.34
C ALA F 50 -28.77 -14.18 -9.63
N TRP F 51 -29.06 -13.70 -10.83
CA TRP F 51 -30.46 -13.46 -11.16
C TRP F 51 -31.26 -14.75 -11.34
N LEU F 52 -30.62 -15.90 -11.53
CA LEU F 52 -31.40 -17.11 -11.77
C LEU F 52 -31.52 -18.02 -10.56
N LEU F 53 -30.66 -17.88 -9.55
CA LEU F 53 -30.65 -18.82 -8.44
C LEU F 53 -31.59 -18.42 -7.30
N GLY F 54 -31.60 -17.16 -6.91
CA GLY F 54 -32.40 -16.75 -5.78
C GLY F 54 -33.87 -16.56 -6.12
N SER F 55 -34.69 -16.38 -5.09
CA SER F 55 -36.12 -16.14 -5.23
C SER F 55 -36.47 -14.66 -5.08
N SER F 56 -36.02 -14.03 -4.00
CA SER F 56 -36.28 -12.62 -3.75
C SER F 56 -35.19 -11.73 -4.32
N THR F 57 -35.54 -10.48 -4.59
CA THR F 57 -34.58 -9.55 -5.17
C THR F 57 -33.59 -8.98 -4.17
N SER F 58 -33.71 -9.29 -2.88
CA SER F 58 -32.68 -8.92 -1.92
C SER F 58 -31.70 -10.04 -1.64
N GLN F 59 -31.95 -11.24 -2.15
CA GLN F 59 -30.99 -12.33 -2.23
C GLN F 59 -30.28 -12.38 -3.57
N LYS F 60 -30.90 -11.86 -4.64
CA LYS F 60 -30.18 -11.88 -5.91
C LYS F 60 -28.99 -10.96 -5.84
N VAL F 61 -29.09 -9.89 -5.05
CA VAL F 61 -27.94 -9.02 -4.84
C VAL F 61 -26.91 -9.70 -3.96
N ILE F 62 -27.35 -10.56 -3.04
CA ILE F 62 -26.37 -11.23 -2.17
C ILE F 62 -25.58 -12.25 -2.98
N TYR F 63 -26.24 -12.98 -3.88
CA TYR F 63 -25.44 -13.88 -4.74
C TYR F 63 -24.58 -13.09 -5.72
N LEU F 64 -25.07 -11.95 -6.21
CA LEU F 64 -24.23 -11.16 -7.12
C LEU F 64 -23.02 -10.58 -6.43
N VAL F 65 -23.09 -10.30 -5.13
CA VAL F 65 -21.90 -9.94 -4.39
C VAL F 65 -21.03 -11.17 -4.11
N MET F 66 -21.61 -12.23 -3.59
CA MET F 66 -20.76 -13.29 -3.05
C MET F 66 -20.12 -14.17 -4.12
N ILE F 67 -20.71 -14.34 -5.31
CA ILE F 67 -19.96 -15.02 -6.36
C ILE F 67 -18.91 -14.11 -6.98
N LEU F 68 -19.21 -12.82 -7.10
CA LEU F 68 -18.26 -11.85 -7.61
C LEU F 68 -17.28 -11.42 -6.54
N LEU F 69 -17.30 -12.12 -5.42
CA LEU F 69 -16.30 -12.01 -4.38
C LEU F 69 -15.46 -13.27 -4.28
N ILE F 70 -16.07 -14.44 -4.46
CA ILE F 70 -15.30 -15.69 -4.50
C ILE F 70 -14.38 -15.71 -5.70
N ALA F 71 -14.93 -15.46 -6.89
CA ALA F 71 -14.14 -15.59 -8.11
C ALA F 71 -12.91 -14.71 -8.21
N PRO F 72 -12.86 -13.48 -7.66
CA PRO F 72 -11.60 -12.75 -7.66
C PRO F 72 -10.57 -13.29 -6.68
N ALA F 73 -10.96 -14.15 -5.75
CA ALA F 73 -10.01 -14.71 -4.80
C ALA F 73 -9.75 -16.19 -5.00
N TYR F 74 -10.57 -16.89 -5.79
CA TYR F 74 -10.38 -18.32 -6.03
C TYR F 74 -10.47 -19.10 -4.72
N SER F 75 -11.57 -18.88 -4.01
CA SER F 75 -11.80 -19.45 -2.68
C SER F 75 -10.80 -18.93 -1.66
N VAL G 2 36.63 -39.67 -2.64
CA VAL G 2 37.03 -38.77 -3.71
C VAL G 2 38.53 -38.89 -3.94
N GLN G 3 39.14 -39.87 -3.28
CA GLN G 3 40.59 -40.06 -3.29
C GLN G 3 40.94 -41.12 -4.33
N LEU G 4 41.47 -40.68 -5.46
CA LEU G 4 41.78 -41.54 -6.59
C LEU G 4 43.22 -41.34 -7.02
N VAL G 5 43.93 -42.45 -7.24
CA VAL G 5 45.34 -42.42 -7.60
C VAL G 5 45.59 -43.45 -8.70
N GLU G 6 46.30 -43.04 -9.74
CA GLU G 6 46.67 -43.93 -10.83
C GLU G 6 47.92 -44.74 -10.47
N SER G 7 48.20 -45.77 -11.27
CA SER G 7 49.44 -46.52 -11.14
C SER G 7 49.66 -47.33 -12.40
N GLY G 8 50.91 -47.72 -12.61
CA GLY G 8 51.25 -48.59 -13.72
C GLY G 8 51.96 -47.94 -14.90
N GLY G 9 52.93 -47.08 -14.63
CA GLY G 9 53.73 -46.52 -15.70
C GLY G 9 54.64 -47.56 -16.34
N GLY G 10 55.28 -47.15 -17.43
CA GLY G 10 56.20 -48.05 -18.12
C GLY G 10 56.82 -47.36 -19.32
N VAL G 11 57.94 -47.90 -19.75
CA VAL G 11 58.64 -47.45 -20.95
C VAL G 11 58.75 -48.64 -21.88
N VAL G 12 57.98 -48.63 -22.97
CA VAL G 12 57.87 -49.78 -23.86
C VAL G 12 57.91 -49.32 -25.30
N HIS G 13 58.65 -50.05 -26.13
CA HIS G 13 58.76 -49.77 -27.55
C HIS G 13 57.51 -50.27 -28.28
N PRO G 14 57.21 -49.69 -29.44
CA PRO G 14 55.89 -49.93 -30.06
C PRO G 14 55.64 -51.39 -30.40
N GLY G 15 54.54 -51.93 -29.87
CA GLY G 15 54.05 -53.23 -30.32
C GLY G 15 53.97 -54.33 -29.28
N ARG G 16 53.82 -53.97 -27.99
CA ARG G 16 53.68 -54.97 -26.94
C ARG G 16 52.68 -54.48 -25.90
N SER G 17 52.43 -55.33 -24.90
CA SER G 17 51.41 -55.06 -23.89
C SER G 17 51.93 -54.09 -22.83
N LEU G 18 50.99 -53.43 -22.18
CA LEU G 18 51.27 -52.43 -21.15
C LEU G 18 49.95 -52.12 -20.46
N ARG G 19 49.99 -51.97 -19.13
CA ARG G 19 48.76 -51.81 -18.37
C ARG G 19 48.89 -50.72 -17.32
N LEU G 20 47.75 -50.13 -16.99
CA LEU G 20 47.62 -49.18 -15.88
C LEU G 20 46.35 -49.53 -15.11
N SER G 21 46.26 -49.01 -13.88
CA SER G 21 45.13 -49.30 -13.01
C SER G 21 44.94 -48.18 -12.01
N CYS G 22 43.77 -48.17 -11.36
CA CYS G 22 43.45 -47.14 -10.37
C CYS G 22 42.15 -47.49 -9.65
N ALA G 23 41.99 -46.97 -8.44
CA ALA G 23 40.81 -47.27 -7.63
C ALA G 23 40.56 -46.20 -6.59
N ALA G 24 39.34 -46.19 -6.06
CA ALA G 24 38.93 -45.27 -5.01
C ALA G 24 37.87 -45.97 -4.15
N SER G 25 37.35 -45.27 -3.14
CA SER G 25 36.44 -45.88 -2.20
C SER G 25 35.61 -44.79 -1.50
N GLY G 26 34.89 -45.19 -0.46
CA GLY G 26 34.01 -44.31 0.28
C GLY G 26 32.59 -44.31 -0.24
N PHE G 27 32.40 -43.73 -1.42
CA PHE G 27 31.13 -43.78 -2.12
C PHE G 27 31.02 -45.12 -2.83
N THR G 28 29.98 -45.29 -3.65
CA THR G 28 29.80 -46.52 -4.40
C THR G 28 30.42 -46.37 -5.78
N PHE G 29 31.15 -47.40 -6.21
CA PHE G 29 31.80 -47.39 -7.51
C PHE G 29 30.94 -48.06 -8.58
N SER G 30 30.03 -48.94 -8.19
CA SER G 30 29.21 -49.64 -9.16
C SER G 30 28.18 -48.72 -9.79
N SER G 31 27.63 -47.78 -9.01
CA SER G 31 26.61 -46.86 -9.52
C SER G 31 27.20 -45.55 -10.01
N SER G 32 28.43 -45.57 -10.50
CA SER G 32 29.06 -44.43 -11.14
C SER G 32 29.75 -44.91 -12.41
N ALA G 33 30.18 -43.98 -13.24
CA ALA G 33 30.86 -44.32 -14.48
C ALA G 33 32.34 -43.99 -14.35
N MET G 34 33.07 -44.13 -15.45
CA MET G 34 34.51 -43.95 -15.43
C MET G 34 34.94 -43.49 -16.81
N HIS G 35 36.08 -42.79 -16.89
CA HIS G 35 36.65 -42.54 -18.19
C HIS G 35 38.13 -42.25 -18.06
N TRP G 36 38.87 -42.80 -19.01
CA TRP G 36 40.33 -42.75 -19.06
C TRP G 36 40.74 -41.63 -20.01
N VAL G 37 41.70 -40.82 -19.57
CA VAL G 37 42.11 -39.59 -20.25
C VAL G 37 43.60 -39.64 -20.51
N ARG G 38 44.02 -39.07 -21.65
CA ARG G 38 45.42 -38.99 -22.04
C ARG G 38 45.83 -37.53 -22.14
N GLN G 39 47.13 -37.27 -21.94
CA GLN G 39 47.62 -35.89 -21.95
C GLN G 39 49.09 -35.90 -22.37
N ALA G 40 49.37 -35.48 -23.59
CA ALA G 40 50.74 -35.51 -24.09
C ALA G 40 51.50 -34.27 -23.61
N PRO G 41 52.72 -34.44 -23.12
CA PRO G 41 53.50 -33.28 -22.69
C PRO G 41 53.79 -32.34 -23.85
N GLY G 42 53.72 -31.04 -23.56
CA GLY G 42 53.77 -30.04 -24.61
C GLY G 42 52.44 -29.79 -25.28
N LYS G 43 51.44 -30.61 -25.01
CA LYS G 43 50.09 -30.45 -25.54
C LYS G 43 49.11 -30.27 -24.39
N GLY G 44 47.83 -30.09 -24.74
CA GLY G 44 46.78 -30.11 -23.75
C GLY G 44 46.38 -31.55 -23.44
N LEU G 45 45.10 -31.78 -23.22
CA LEU G 45 44.60 -33.13 -22.97
C LEU G 45 43.85 -33.65 -24.18
N GLU G 46 43.86 -34.97 -24.33
CA GLU G 46 43.05 -35.64 -25.34
C GLU G 46 42.36 -36.84 -24.72
N TRP G 47 41.07 -36.97 -25.02
CA TRP G 47 40.22 -37.99 -24.43
C TRP G 47 40.57 -39.37 -24.98
N VAL G 48 40.27 -40.40 -24.18
CA VAL G 48 40.57 -41.77 -24.57
C VAL G 48 39.34 -42.65 -24.56
N ALA G 49 38.68 -42.80 -23.41
CA ALA G 49 37.59 -43.77 -23.39
C ALA G 49 36.65 -43.52 -22.22
N VAL G 50 35.41 -43.99 -22.36
CA VAL G 50 34.40 -43.94 -21.29
C VAL G 50 33.78 -45.31 -21.07
N ILE G 51 33.44 -45.59 -19.81
CA ILE G 51 32.82 -46.84 -19.36
C ILE G 51 31.60 -46.49 -18.52
N SER G 52 30.48 -47.14 -18.79
CA SER G 52 29.25 -46.92 -18.04
C SER G 52 29.35 -47.60 -16.68
N TYR G 53 28.24 -47.57 -15.93
CA TYR G 53 28.16 -48.20 -14.62
C TYR G 53 28.02 -49.72 -14.71
N ASP G 54 27.97 -50.27 -15.90
CA ASP G 54 27.93 -51.72 -16.08
C ASP G 54 29.02 -52.21 -17.03
N GLY G 55 29.35 -51.43 -18.06
CA GLY G 55 30.34 -51.81 -19.04
C GLY G 55 29.79 -52.13 -20.40
N SER G 56 28.48 -52.40 -20.50
CA SER G 56 27.87 -52.64 -21.80
C SER G 56 28.10 -51.46 -22.74
N ASN G 57 27.56 -50.30 -22.38
CA ASN G 57 27.91 -49.07 -23.08
C ASN G 57 29.34 -48.70 -22.74
N LYS G 58 30.22 -48.73 -23.74
CA LYS G 58 31.65 -48.55 -23.54
C LYS G 58 32.20 -47.94 -24.82
N TYR G 59 32.57 -46.66 -24.77
CA TYR G 59 32.80 -45.88 -25.98
C TYR G 59 34.24 -45.41 -26.04
N TYR G 60 34.86 -45.52 -27.22
CA TYR G 60 36.24 -45.13 -27.41
C TYR G 60 36.34 -44.02 -28.46
N GLY G 61 37.32 -43.12 -28.27
CA GLY G 61 37.47 -42.00 -29.17
C GLY G 61 38.02 -42.39 -30.53
N ASP G 62 37.69 -41.58 -31.54
CA ASP G 62 38.02 -41.90 -32.93
C ASP G 62 39.50 -41.70 -33.23
N SER G 63 40.32 -41.53 -32.20
CA SER G 63 41.76 -41.47 -32.38
C SER G 63 42.38 -42.86 -32.40
N VAL G 64 42.08 -43.67 -31.39
CA VAL G 64 42.75 -44.94 -31.18
C VAL G 64 41.71 -46.05 -31.10
N LYS G 65 40.64 -45.94 -31.89
CA LYS G 65 39.55 -46.92 -31.82
C LYS G 65 40.08 -48.34 -31.92
N GLY G 66 39.45 -49.24 -31.16
CA GLY G 66 39.74 -50.66 -31.22
C GLY G 66 41.13 -51.09 -30.82
N ARG G 67 41.99 -50.16 -30.39
CA ARG G 67 43.38 -50.48 -30.13
C ARG G 67 43.74 -50.50 -28.65
N PHE G 68 43.00 -49.77 -27.81
CA PHE G 68 43.18 -49.79 -26.37
C PHE G 68 41.97 -50.45 -25.73
N THR G 69 42.20 -51.26 -24.70
CA THR G 69 41.14 -52.05 -24.07
C THR G 69 41.00 -51.67 -22.61
N ILE G 70 39.85 -51.11 -22.26
CA ILE G 70 39.51 -50.65 -20.92
C ILE G 70 38.68 -51.73 -20.23
N SER G 71 39.01 -52.02 -18.98
CA SER G 71 38.45 -53.19 -18.32
C SER G 71 38.19 -52.91 -16.85
N ARG G 72 36.96 -53.18 -16.42
CA ARG G 72 36.55 -53.16 -15.02
C ARG G 72 35.10 -53.60 -14.97
N ASP G 73 34.61 -53.88 -13.76
CA ASP G 73 33.19 -54.06 -13.52
C ASP G 73 32.89 -53.73 -12.07
N ASN G 74 31.66 -54.02 -11.66
CA ASN G 74 31.13 -53.47 -10.40
C ASN G 74 31.87 -54.03 -9.19
N SER G 75 31.87 -55.35 -9.03
CA SER G 75 32.20 -56.00 -7.77
C SER G 75 33.70 -56.08 -7.50
N LYS G 76 34.51 -55.24 -8.15
CA LYS G 76 35.94 -55.28 -7.96
C LYS G 76 36.54 -53.99 -7.42
N ASN G 77 35.88 -52.84 -7.61
CA ASN G 77 36.36 -51.54 -7.13
C ASN G 77 37.77 -51.25 -7.65
N THR G 78 37.94 -51.42 -8.96
CA THR G 78 39.24 -51.23 -9.60
C THR G 78 39.02 -51.01 -11.08
N LEU G 79 39.86 -50.17 -11.68
CA LEU G 79 39.85 -49.86 -13.11
C LEU G 79 41.19 -50.25 -13.71
N TYR G 80 41.16 -50.78 -14.93
CA TYR G 80 42.36 -51.14 -15.66
C TYR G 80 42.36 -50.46 -17.02
N LEU G 81 43.50 -50.58 -17.69
CA LEU G 81 43.66 -50.10 -19.07
C LEU G 81 44.84 -50.84 -19.68
N GLN G 82 44.58 -51.64 -20.72
CA GLN G 82 45.59 -52.43 -21.39
C GLN G 82 45.80 -51.93 -22.82
N MET G 83 47.03 -52.03 -23.28
CA MET G 83 47.43 -51.52 -24.59
C MET G 83 48.48 -52.47 -25.16
N HIS G 84 48.18 -53.08 -26.31
CA HIS G 84 49.18 -53.84 -27.04
C HIS G 84 49.02 -53.57 -28.52
N SER G 85 50.13 -53.71 -29.25
CA SER G 85 50.29 -53.15 -30.59
C SER G 85 49.95 -51.66 -30.56
N LEU G 86 50.70 -50.93 -29.74
CA LEU G 86 50.41 -49.55 -29.43
C LEU G 86 51.24 -48.60 -30.29
N ARG G 87 50.64 -47.48 -30.66
CA ARG G 87 51.28 -46.54 -31.57
C ARG G 87 52.50 -45.90 -30.92
N ALA G 88 53.37 -45.31 -31.75
CA ALA G 88 54.68 -44.89 -31.29
C ALA G 88 54.63 -43.64 -30.42
N GLU G 89 54.12 -42.53 -30.94
CA GLU G 89 54.16 -41.27 -30.22
C GLU G 89 52.90 -41.00 -29.41
N ASP G 90 52.15 -42.02 -29.03
CA ASP G 90 51.02 -41.81 -28.15
C ASP G 90 51.43 -41.69 -26.69
N THR G 91 52.73 -41.64 -26.41
CA THR G 91 53.23 -41.50 -25.04
C THR G 91 52.66 -40.24 -24.38
N ALA G 92 52.19 -40.39 -23.15
CA ALA G 92 51.51 -39.29 -22.47
C ALA G 92 51.16 -39.69 -21.05
N VAL G 93 50.85 -38.68 -20.23
CA VAL G 93 50.29 -38.91 -18.91
C VAL G 93 48.87 -39.44 -19.05
N TYR G 94 48.42 -40.20 -18.06
CA TYR G 94 47.08 -40.77 -18.08
C TYR G 94 46.34 -40.47 -16.78
N TYR G 95 45.02 -40.40 -16.89
CA TYR G 95 44.14 -39.89 -15.86
C TYR G 95 42.88 -40.75 -15.79
N CYS G 96 42.33 -40.90 -14.58
CA CYS G 96 41.27 -41.86 -14.28
C CYS G 96 39.95 -41.20 -13.90
N ALA G 97 39.52 -40.19 -14.63
CA ALA G 97 38.49 -39.35 -14.03
C ALA G 97 37.12 -40.03 -14.10
N LYS G 98 36.16 -39.50 -13.34
CA LYS G 98 34.87 -40.15 -13.13
C LYS G 98 33.74 -39.19 -13.53
N ASP G 99 33.07 -39.50 -14.63
CA ASP G 99 32.12 -38.60 -15.27
C ASP G 99 30.86 -38.28 -14.45
N ARG G 100 30.81 -38.73 -13.21
CA ARG G 100 29.76 -38.34 -12.26
C ARG G 100 28.38 -38.85 -12.64
N ASP G 101 28.25 -39.48 -13.80
CA ASP G 101 27.00 -40.10 -14.22
C ASP G 101 27.22 -41.59 -14.40
N ALA G 102 26.23 -42.25 -14.99
CA ALA G 102 26.27 -43.70 -15.15
C ALA G 102 26.23 -44.15 -16.59
N TYR G 103 25.72 -43.33 -17.52
CA TYR G 103 25.78 -43.60 -18.95
C TYR G 103 25.04 -44.88 -19.33
N ASN G 104 23.89 -45.13 -18.70
CA ASN G 104 22.97 -46.09 -19.28
C ASN G 104 22.55 -45.64 -20.67
N THR G 105 22.46 -44.34 -20.87
CA THR G 105 22.52 -43.71 -22.19
C THR G 105 23.51 -42.56 -22.08
N VAL G 106 24.18 -42.27 -23.19
CA VAL G 106 25.35 -41.40 -23.12
C VAL G 106 24.99 -39.94 -23.37
N GLY G 107 24.02 -39.67 -24.23
CA GLY G 107 23.73 -38.29 -24.58
C GLY G 107 22.27 -37.93 -24.39
N TYR G 108 21.51 -38.87 -23.82
CA TYR G 108 20.09 -38.68 -23.59
C TYR G 108 19.79 -39.00 -22.13
N PHE G 109 19.36 -37.99 -21.39
CA PHE G 109 19.22 -38.06 -19.93
C PHE G 109 20.57 -38.36 -19.27
N ALA G 110 21.57 -37.59 -19.69
CA ALA G 110 22.89 -37.53 -19.07
C ALA G 110 23.31 -36.07 -18.92
N TYR G 111 22.41 -35.28 -18.32
CA TYR G 111 22.53 -33.82 -18.30
C TYR G 111 23.86 -33.39 -17.69
N TYR G 112 24.29 -34.08 -16.64
CA TYR G 112 25.32 -33.59 -15.74
C TYR G 112 26.66 -34.27 -15.94
N TYR G 113 26.97 -34.63 -17.18
CA TYR G 113 28.22 -35.32 -17.47
C TYR G 113 29.40 -34.41 -17.14
N GLY G 114 30.58 -35.00 -17.19
CA GLY G 114 31.76 -34.27 -16.75
C GLY G 114 32.20 -34.87 -15.43
N MET G 115 33.51 -34.84 -15.20
CA MET G 115 34.13 -35.61 -14.13
C MET G 115 34.44 -34.73 -12.93
N ASP G 116 34.37 -35.32 -11.73
CA ASP G 116 34.52 -34.53 -10.51
C ASP G 116 35.99 -34.36 -10.11
N VAL G 117 36.68 -35.44 -9.75
CA VAL G 117 37.94 -35.35 -9.04
C VAL G 117 38.93 -36.36 -9.60
N TRP G 118 40.16 -35.92 -9.85
CA TRP G 118 41.19 -36.74 -10.48
C TRP G 118 42.27 -37.08 -9.47
N GLY G 119 43.33 -37.71 -9.95
CA GLY G 119 44.57 -37.82 -9.20
C GLY G 119 45.74 -37.67 -10.14
N GLN G 120 46.84 -37.17 -9.61
CA GLN G 120 48.04 -36.98 -10.43
C GLN G 120 48.64 -38.35 -10.76
N GLY G 121 48.45 -38.78 -12.00
CA GLY G 121 48.86 -40.10 -12.43
C GLY G 121 50.34 -40.17 -12.79
N THR G 122 50.68 -41.23 -13.51
CA THR G 122 52.06 -41.47 -13.95
C THR G 122 52.04 -41.86 -15.41
N LEU G 123 52.96 -41.29 -16.17
CA LEU G 123 52.95 -41.40 -17.63
C LEU G 123 53.75 -42.61 -18.09
N VAL G 124 53.54 -42.97 -19.35
CA VAL G 124 54.31 -44.00 -20.02
C VAL G 124 55.15 -43.35 -21.11
N THR G 125 56.09 -44.12 -21.64
CA THR G 125 57.02 -43.62 -22.65
C THR G 125 57.14 -44.67 -23.75
N VAL G 126 56.66 -44.35 -24.94
CA VAL G 126 56.77 -45.23 -26.09
C VAL G 126 57.69 -44.55 -27.07
N SER G 127 58.95 -44.98 -27.10
CA SER G 127 59.94 -44.42 -28.01
C SER G 127 61.09 -45.39 -28.13
N SER G 128 62.06 -45.03 -28.98
CA SER G 128 63.24 -45.85 -29.18
C SER G 128 64.33 -45.45 -28.19
N GLN H 1 33.21 -31.44 -36.05
CA GLN H 1 34.55 -30.87 -36.20
C GLN H 1 35.56 -31.55 -35.28
N SER H 2 35.13 -31.87 -34.06
CA SER H 2 35.93 -32.64 -33.09
C SER H 2 37.32 -32.06 -32.88
N VAL H 3 37.45 -30.74 -33.03
CA VAL H 3 38.69 -30.04 -32.71
C VAL H 3 38.46 -28.98 -31.64
N LEU H 4 37.39 -28.19 -31.77
CA LEU H 4 36.91 -27.29 -30.73
C LEU H 4 37.96 -26.25 -30.38
N THR H 5 38.21 -25.37 -31.35
CA THR H 5 39.23 -24.35 -31.22
C THR H 5 38.75 -23.21 -30.33
N GLN H 6 39.69 -22.56 -29.64
CA GLN H 6 39.43 -21.47 -28.71
C GLN H 6 40.76 -20.80 -28.35
N PRO H 7 40.76 -19.50 -28.01
CA PRO H 7 42.01 -18.72 -28.06
C PRO H 7 43.07 -19.27 -27.14
N PRO H 8 44.34 -19.26 -27.57
CA PRO H 8 45.39 -19.94 -26.81
C PRO H 8 45.75 -19.28 -25.49
N SER H 9 45.99 -17.98 -25.50
CA SER H 9 46.49 -17.27 -24.32
C SER H 9 45.76 -15.95 -24.16
N VAL H 10 45.55 -15.56 -22.91
CA VAL H 10 44.85 -14.32 -22.57
C VAL H 10 45.57 -13.67 -21.40
N SER H 11 45.76 -12.36 -21.49
CA SER H 11 46.42 -11.58 -20.45
C SER H 11 45.53 -10.40 -20.08
N GLU H 12 45.00 -10.41 -18.87
CA GLU H 12 44.08 -9.38 -18.39
C GLU H 12 44.56 -8.84 -17.04
N ALA H 13 44.35 -7.55 -16.84
CA ALA H 13 44.72 -6.91 -15.58
C ALA H 13 43.92 -7.51 -14.43
N PRO H 14 44.46 -7.45 -13.21
CA PRO H 14 43.76 -8.05 -12.07
C PRO H 14 42.48 -7.30 -11.73
N ARG H 15 41.55 -8.04 -11.12
CA ARG H 15 40.24 -7.56 -10.69
C ARG H 15 39.32 -7.14 -11.84
N GLN H 16 39.69 -7.40 -13.09
CA GLN H 16 38.75 -7.29 -14.19
C GLN H 16 38.34 -8.69 -14.67
N ARG H 17 37.36 -8.72 -15.56
CA ARG H 17 36.76 -9.95 -16.01
C ARG H 17 37.53 -10.52 -17.21
N VAL H 18 37.62 -11.85 -17.27
CA VAL H 18 38.32 -12.54 -18.34
C VAL H 18 37.35 -13.50 -19.01
N THR H 19 37.26 -13.43 -20.33
CA THR H 19 36.39 -14.30 -21.12
C THR H 19 37.22 -15.38 -21.80
N ILE H 20 36.59 -16.53 -21.99
CA ILE H 20 37.16 -17.65 -22.73
C ILE H 20 36.08 -18.11 -23.71
N SER H 21 36.32 -17.91 -25.00
CA SER H 21 35.30 -18.08 -26.03
C SER H 21 35.55 -19.39 -26.78
N CYS H 22 34.56 -20.27 -26.75
CA CYS H 22 34.63 -21.58 -27.40
C CYS H 22 33.61 -21.62 -28.54
N SER H 23 34.09 -21.91 -29.74
CA SER H 23 33.25 -21.96 -30.94
C SER H 23 33.36 -23.37 -31.53
N GLY H 24 32.46 -24.25 -31.10
CA GLY H 24 32.40 -25.59 -31.65
C GLY H 24 31.42 -25.66 -32.80
N SER H 25 30.39 -26.49 -32.66
CA SER H 25 29.31 -26.56 -33.63
C SER H 25 28.16 -27.33 -33.00
N SER H 26 27.04 -27.40 -33.72
CA SER H 26 25.83 -27.98 -33.18
C SER H 26 25.97 -29.48 -32.95
N SER H 27 27.13 -30.04 -33.30
CA SER H 27 27.40 -31.44 -32.99
C SER H 27 27.44 -31.66 -31.48
N ASN H 28 28.19 -30.82 -30.77
CA ASN H 28 28.36 -30.94 -29.32
C ASN H 28 27.81 -29.73 -28.57
N ILE H 29 28.25 -28.51 -28.88
CA ILE H 29 27.82 -27.37 -28.10
C ILE H 29 26.36 -27.03 -28.41
N GLY H 30 26.00 -27.02 -29.69
CA GLY H 30 24.69 -26.55 -30.10
C GLY H 30 23.53 -27.47 -29.80
N ASN H 31 23.74 -28.59 -29.11
CA ASN H 31 22.60 -29.43 -28.76
C ASN H 31 22.55 -29.79 -27.27
N ASN H 32 23.71 -29.99 -26.65
CA ASN H 32 23.74 -30.35 -25.23
C ASN H 32 24.81 -29.52 -24.52
N ALA H 33 24.82 -29.65 -23.19
CA ALA H 33 25.59 -28.76 -22.33
C ALA H 33 27.08 -28.86 -22.61
N VAL H 34 27.83 -27.92 -22.02
CA VAL H 34 29.26 -27.78 -22.21
C VAL H 34 29.92 -27.76 -20.84
N ASN H 35 31.14 -28.27 -20.76
CA ASN H 35 31.86 -28.33 -19.51
C ASN H 35 33.08 -27.41 -19.61
N TRP H 36 33.82 -27.27 -18.51
CA TRP H 36 34.99 -26.39 -18.50
C TRP H 36 35.86 -26.72 -17.30
N TYR H 37 37.17 -26.68 -17.52
CA TYR H 37 38.14 -27.40 -16.69
C TYR H 37 39.31 -26.51 -16.32
N GLN H 38 39.93 -26.85 -15.19
CA GLN H 38 41.00 -26.11 -14.54
C GLN H 38 42.15 -27.07 -14.30
N GLN H 39 43.25 -26.96 -15.03
CA GLN H 39 44.42 -27.77 -14.74
C GLN H 39 45.50 -26.89 -14.13
N LEU H 40 45.99 -27.30 -12.96
CA LEU H 40 46.92 -26.53 -12.18
C LEU H 40 48.31 -26.54 -12.84
N PRO H 41 49.20 -25.64 -12.42
CA PRO H 41 50.59 -25.74 -12.89
C PRO H 41 51.20 -27.11 -12.64
N GLY H 42 51.20 -27.55 -11.39
CA GLY H 42 51.78 -28.83 -11.04
C GLY H 42 50.77 -29.94 -10.88
N LYS H 43 49.63 -29.63 -10.27
CA LYS H 43 48.63 -30.64 -9.93
C LYS H 43 47.85 -31.06 -11.18
N ALA H 44 46.81 -31.83 -10.98
CA ALA H 44 45.97 -32.43 -12.00
C ALA H 44 44.69 -31.62 -12.19
N PRO H 45 44.06 -31.73 -13.35
CA PRO H 45 42.87 -30.90 -13.62
C PRO H 45 41.72 -31.17 -12.66
N LYS H 46 40.84 -30.17 -12.57
CA LYS H 46 39.54 -30.30 -11.92
C LYS H 46 38.51 -29.59 -12.78
N LEU H 47 37.24 -29.87 -12.52
CA LEU H 47 36.17 -29.23 -13.27
C LEU H 47 35.74 -27.96 -12.58
N LEU H 48 35.26 -27.00 -13.37
CA LEU H 48 34.82 -25.71 -12.84
C LEU H 48 33.35 -25.43 -13.08
N ILE H 49 32.83 -25.73 -14.27
CA ILE H 49 31.45 -25.45 -14.61
C ILE H 49 30.89 -26.63 -15.39
N TYR H 50 30.01 -27.40 -14.76
CA TYR H 50 29.30 -28.47 -15.45
C TYR H 50 27.88 -28.02 -15.75
N TYR H 51 27.29 -28.63 -16.78
CA TYR H 51 25.96 -28.30 -17.29
C TYR H 51 25.92 -26.87 -17.81
N ASP H 52 27.08 -26.29 -18.10
CA ASP H 52 27.43 -25.05 -18.80
C ASP H 52 27.25 -23.78 -17.96
N ASP H 53 26.57 -23.83 -16.82
CA ASP H 53 26.53 -22.65 -15.96
C ASP H 53 26.54 -22.96 -14.46
N LEU H 54 26.68 -24.22 -14.06
CA LEU H 54 26.64 -24.60 -12.66
C LEU H 54 28.06 -24.66 -12.09
N LEU H 55 28.15 -24.62 -10.76
CA LEU H 55 29.44 -24.65 -10.07
C LEU H 55 29.46 -25.83 -9.10
N PRO H 56 30.35 -26.80 -9.30
CA PRO H 56 30.52 -27.84 -8.27
C PRO H 56 30.99 -27.26 -6.96
N SER H 57 30.70 -27.97 -5.88
CA SER H 57 31.16 -27.53 -4.57
C SER H 57 32.68 -27.60 -4.50
N GLY H 58 33.26 -26.66 -3.76
CA GLY H 58 34.70 -26.62 -3.57
C GLY H 58 35.45 -25.71 -4.51
N VAL H 59 34.76 -24.89 -5.31
CA VAL H 59 35.40 -23.93 -6.19
C VAL H 59 34.85 -22.54 -5.90
N SER H 60 35.72 -21.54 -6.02
CA SER H 60 35.32 -20.17 -5.77
C SER H 60 34.18 -19.76 -6.70
N ASP H 61 33.43 -18.75 -6.26
CA ASP H 61 32.31 -18.23 -7.04
C ASP H 61 32.76 -17.18 -8.04
N ARG H 62 34.06 -17.12 -8.33
CA ARG H 62 34.56 -16.12 -9.27
C ARG H 62 34.15 -16.45 -10.70
N PHE H 63 33.89 -17.72 -10.97
CA PHE H 63 33.63 -18.22 -12.31
C PHE H 63 32.15 -18.09 -12.66
N SER H 64 31.87 -18.29 -13.95
CA SER H 64 30.52 -18.40 -14.47
C SER H 64 30.62 -18.84 -15.92
N GLY H 65 29.61 -19.62 -16.35
CA GLY H 65 29.57 -20.15 -17.70
C GLY H 65 28.39 -19.63 -18.50
N SER H 66 28.42 -19.94 -19.79
CA SER H 66 27.36 -19.55 -20.71
C SER H 66 27.50 -20.38 -21.98
N LYS H 67 26.38 -20.57 -22.67
CA LYS H 67 26.38 -21.39 -23.88
C LYS H 67 25.26 -20.87 -24.77
N SER H 68 25.59 -20.00 -25.72
CA SER H 68 24.64 -19.43 -26.65
C SER H 68 24.91 -20.02 -28.03
N GLY H 69 23.98 -20.85 -28.51
CA GLY H 69 24.18 -21.53 -29.78
C GLY H 69 25.43 -22.38 -29.75
N THR H 70 26.45 -21.98 -30.51
CA THR H 70 27.76 -22.59 -30.45
C THR H 70 28.80 -21.64 -29.87
N SER H 71 28.36 -20.65 -29.11
CA SER H 71 29.24 -19.67 -28.47
C SER H 71 29.24 -19.94 -26.97
N ALA H 72 30.31 -20.56 -26.48
CA ALA H 72 30.45 -20.87 -25.06
C ALA H 72 31.42 -19.86 -24.47
N SER H 73 30.88 -18.85 -23.79
CA SER H 73 31.67 -17.77 -23.22
C SER H 73 31.77 -17.98 -21.72
N LEU H 74 32.96 -18.33 -21.25
CA LEU H 74 33.21 -18.62 -19.85
C LEU H 74 33.89 -17.41 -19.22
N ALA H 75 33.66 -17.20 -17.92
CA ALA H 75 33.93 -15.88 -17.34
C ALA H 75 34.58 -16.06 -15.97
N ILE H 76 35.88 -15.78 -15.90
CA ILE H 76 36.61 -15.71 -14.64
C ILE H 76 36.82 -14.24 -14.31
N SER H 77 36.10 -13.75 -13.30
CA SER H 77 36.08 -12.33 -12.96
C SER H 77 36.91 -12.06 -11.71
N GLY H 78 37.67 -10.98 -11.74
CA GLY H 78 38.57 -10.68 -10.64
C GLY H 78 39.78 -11.60 -10.63
N LEU H 79 40.53 -11.61 -11.73
CA LEU H 79 41.68 -12.48 -11.83
C LEU H 79 42.75 -12.05 -10.83
N GLN H 80 43.34 -13.03 -10.14
CA GLN H 80 44.29 -12.73 -9.07
C GLN H 80 45.62 -13.44 -9.28
N SER H 81 46.49 -13.40 -8.27
CA SER H 81 47.88 -13.81 -8.38
C SER H 81 48.09 -15.29 -8.11
N GLU H 82 47.10 -16.12 -8.37
CA GLU H 82 47.23 -17.55 -8.11
C GLU H 82 46.87 -18.40 -9.32
N ASP H 83 45.89 -18.00 -10.11
CA ASP H 83 45.36 -18.81 -11.21
C ASP H 83 46.22 -18.67 -12.47
N GLU H 84 47.49 -19.00 -12.32
CA GLU H 84 48.41 -19.09 -13.46
C GLU H 84 48.39 -20.51 -14.03
N ALA H 85 47.18 -20.92 -14.43
CA ALA H 85 46.91 -22.30 -14.79
C ALA H 85 46.20 -22.35 -16.14
N ASP H 86 45.93 -23.56 -16.60
CA ASP H 86 45.36 -23.75 -17.93
C ASP H 86 43.88 -24.09 -17.84
N TYR H 87 43.15 -23.73 -18.88
CA TYR H 87 41.69 -23.80 -18.90
C TYR H 87 41.24 -24.56 -20.14
N TYR H 88 40.28 -25.46 -19.95
CA TYR H 88 39.94 -26.44 -20.98
C TYR H 88 38.45 -26.50 -21.22
N CYS H 89 38.06 -26.61 -22.48
CA CYS H 89 36.66 -26.86 -22.82
C CYS H 89 36.49 -28.33 -23.15
N ALA H 90 35.25 -28.81 -23.03
CA ALA H 90 34.97 -30.21 -23.29
C ALA H 90 33.47 -30.39 -23.47
N ALA H 91 33.10 -31.22 -24.44
CA ALA H 91 31.69 -31.49 -24.70
C ALA H 91 31.57 -32.84 -25.37
N TRP H 92 30.43 -33.49 -25.15
CA TRP H 92 30.13 -34.76 -25.80
C TRP H 92 29.41 -34.50 -27.12
N ASP H 93 29.99 -34.94 -28.22
CA ASP H 93 29.29 -34.93 -29.50
C ASP H 93 28.74 -36.32 -29.80
N ASP H 94 27.43 -36.38 -30.07
CA ASP H 94 26.68 -37.62 -30.07
C ASP H 94 26.64 -38.31 -31.42
N SER H 95 26.96 -37.61 -32.51
CA SER H 95 27.02 -38.26 -33.81
C SER H 95 28.33 -39.00 -33.99
N LEU H 96 29.46 -38.29 -33.85
CA LEU H 96 30.74 -38.98 -33.81
C LEU H 96 31.00 -39.68 -32.48
N THR H 97 30.13 -39.47 -31.49
CA THR H 97 30.16 -40.20 -30.23
C THR H 97 31.54 -40.11 -29.59
N ARG H 98 31.91 -38.88 -29.25
CA ARG H 98 33.23 -38.63 -28.67
C ARG H 98 33.09 -37.56 -27.58
N TYR H 99 34.12 -37.47 -26.74
CA TYR H 99 34.18 -36.48 -25.68
C TYR H 99 35.32 -35.53 -26.01
N VAL H 100 35.02 -34.51 -26.81
CA VAL H 100 36.07 -33.65 -27.34
C VAL H 100 36.50 -32.65 -26.29
N PHE H 101 37.80 -32.58 -26.05
CA PHE H 101 38.42 -31.56 -25.22
C PHE H 101 38.60 -30.28 -26.00
N GLY H 102 39.30 -29.32 -25.39
CA GLY H 102 39.71 -28.10 -26.07
C GLY H 102 41.18 -28.12 -26.44
N THR H 103 41.62 -26.99 -26.98
CA THR H 103 43.03 -26.84 -27.30
C THR H 103 43.84 -26.47 -26.05
N GLY H 104 43.46 -25.40 -25.39
CA GLY H 104 44.11 -24.96 -24.17
C GLY H 104 44.02 -23.45 -24.06
N THR H 105 43.89 -22.97 -22.82
CA THR H 105 43.80 -21.53 -22.54
C THR H 105 44.66 -21.23 -21.32
N LYS H 106 45.85 -20.70 -21.54
CA LYS H 106 46.69 -20.24 -20.44
C LYS H 106 46.46 -18.75 -20.24
N VAL H 107 46.42 -18.32 -18.99
CA VAL H 107 46.34 -16.92 -18.63
C VAL H 107 47.51 -16.60 -17.71
N THR H 108 47.97 -15.36 -17.75
CA THR H 108 49.00 -14.87 -16.83
C THR H 108 48.49 -13.64 -16.10
N VAL H 109 48.84 -13.53 -14.84
CA VAL H 109 48.40 -12.42 -13.99
C VAL H 109 49.36 -11.24 -14.18
N LEU H 110 48.80 -10.05 -14.32
CA LEU H 110 49.58 -8.86 -14.58
C LEU H 110 48.80 -7.59 -14.23
#